data_4OT8
#
_entry.id   4OT8
#
_cell.length_a   66.220
_cell.length_b   179.840
_cell.length_c   75.640
_cell.angle_alpha   90.00
_cell.angle_beta   115.25
_cell.angle_gamma   90.00
#
_symmetry.space_group_name_H-M   'P 1 21 1'
#
loop_
_entity.id
_entity.type
_entity.pdbx_description
1 polymer 'Serine hydroxymethyltransferase'
2 non-polymer "PYRIDOXAL-5'-PHOSPHATE"
3 non-polymer SERINE
4 water water
#
_entity_poly.entity_id   1
_entity_poly.type   'polypeptide(L)'
_entity_poly.pdbx_seq_one_letter_code
;MAHHHHHHMFDRAQSTIANVDPEIFAAIEQENRRQEDHIELIASENYTSPAVMAAQGSQLTNKYAEGYPGKRYYGGCEYV
DVVEQLAIDRVKQLFGAEAANVQPNSGSQANQGVFFAMLKPGDTIMGMSLAHGGHLTHGSPVNMSGKWFNVVSYGLNENE
DIDYDAAEKLANEHKPKLIVAGASAFALKIDFERLAKIAKSVGAYLMVDMAHYAGLIAAGVYPNPVPHADFVTTTTHKSL
RGPRGGVILMKAEYEKPINSAIFPGIQGGPLMHVIAAKAVAFKEALSPEFKEYQQKVVENARVLAETLVKRGLRIVSGRT
ESHVMLVDLRAKHITGKAAEAALGAAHITVNKNAIPNDPEKPFVTSGIRLGSPAMTTRGFGPAEAEQVGNLIADVLENPE
DAATIERVRAQVAELTKRFPVYR
;
_entity_poly.pdbx_strand_id   A,B,C,D
#
loop_
_chem_comp.id
_chem_comp.type
_chem_comp.name
_chem_comp.formula
PLP non-polymer PYRIDOXAL-5'-PHOSPHATE 'C8 H10 N O6 P'
#
# COMPACT_ATOMS: atom_id res chain seq x y z
N PHE A 10 0.36 46.10 -11.39
CA PHE A 10 1.20 46.50 -10.27
C PHE A 10 0.78 47.88 -9.74
N ASP A 11 -0.39 48.30 -10.20
CA ASP A 11 -1.27 49.15 -9.43
C ASP A 11 -2.39 48.20 -9.00
N ARG A 12 -2.71 48.15 -7.71
CA ARG A 12 -3.63 47.13 -7.18
C ARG A 12 -5.02 47.16 -7.84
N ALA A 13 -5.29 48.21 -8.62
CA ALA A 13 -6.54 48.33 -9.36
C ALA A 13 -6.67 47.33 -10.52
N GLN A 14 -5.65 47.23 -11.36
CA GLN A 14 -5.72 46.35 -12.53
C GLN A 14 -5.43 44.88 -12.23
N SER A 15 -4.49 44.62 -11.33
CA SER A 15 -4.13 43.24 -10.99
C SER A 15 -5.02 42.71 -9.86
N THR A 16 -6.29 42.51 -10.17
CA THR A 16 -7.19 41.83 -9.26
C THR A 16 -7.34 40.39 -9.75
N ILE A 17 -7.75 39.50 -8.86
CA ILE A 17 -7.94 38.10 -9.25
C ILE A 17 -8.99 38.01 -10.33
N ALA A 18 -10.05 38.81 -10.20
CA ALA A 18 -11.15 38.80 -11.15
C ALA A 18 -10.69 39.13 -12.56
N ASN A 19 -9.77 40.09 -12.68
CA ASN A 19 -9.24 40.49 -13.98
C ASN A 19 -8.19 39.54 -14.54
N VAL A 20 -7.30 39.06 -13.66
CA VAL A 20 -6.16 38.25 -14.08
C VAL A 20 -6.53 36.77 -14.24
N ASP A 21 -7.40 36.28 -13.37
CA ASP A 21 -7.71 34.85 -13.34
C ASP A 21 -9.16 34.66 -12.90
N PRO A 22 -10.11 34.84 -13.82
CA PRO A 22 -11.54 34.75 -13.53
C PRO A 22 -11.96 33.40 -12.94
N GLU A 23 -11.36 32.31 -13.40
CA GLU A 23 -11.69 30.98 -12.89
C GLU A 23 -11.37 30.85 -11.41
N ILE A 24 -10.19 31.32 -11.02
CA ILE A 24 -9.79 31.25 -9.61
C ILE A 24 -10.61 32.20 -8.76
N PHE A 25 -10.87 33.39 -9.28
CA PHE A 25 -11.73 34.36 -8.60
C PHE A 25 -13.09 33.75 -8.29
N ALA A 26 -13.66 33.10 -9.29
CA ALA A 26 -14.99 32.51 -9.15
C ALA A 26 -14.99 31.43 -8.09
N ALA A 27 -13.92 30.63 -8.06
CA ALA A 27 -13.79 29.55 -7.10
C ALA A 27 -13.64 30.08 -5.69
N ILE A 28 -12.83 31.13 -5.54
CA ILE A 28 -12.63 31.75 -4.24
C ILE A 28 -13.94 32.34 -3.71
N GLU A 29 -14.69 32.98 -4.60
CA GLU A 29 -15.99 33.56 -4.26
C GLU A 29 -16.96 32.50 -3.74
N GLN A 30 -16.95 31.33 -4.38
CA GLN A 30 -17.82 30.24 -3.96
C GLN A 30 -17.43 29.70 -2.59
N GLU A 31 -16.14 29.63 -2.33
CA GLU A 31 -15.63 29.19 -1.03
C GLU A 31 -16.04 30.18 0.05
N ASN A 32 -16.01 31.47 -0.27
CA ASN A 32 -16.47 32.50 0.67
C ASN A 32 -17.91 32.24 1.09
N ARG A 33 -18.76 31.99 0.10
CA ARG A 33 -20.17 31.71 0.35
C ARG A 33 -20.36 30.38 1.07
N ARG A 34 -19.56 29.37 0.72
CA ARG A 34 -19.63 28.08 1.39
C ARG A 34 -19.32 28.22 2.88
N GLN A 35 -18.30 29.02 3.19
CA GLN A 35 -17.94 29.27 4.58
C GLN A 35 -19.08 29.95 5.33
N GLU A 36 -19.80 30.85 4.65
CA GLU A 36 -20.97 31.47 5.25
C GLU A 36 -22.12 30.49 5.45
N ASP A 37 -22.39 29.68 4.43
CA ASP A 37 -23.64 28.93 4.33
C ASP A 37 -23.65 27.58 5.06
N HIS A 38 -22.51 27.19 5.62
CA HIS A 38 -22.46 25.93 6.34
C HIS A 38 -22.06 26.15 7.79
N ILE A 39 -22.65 25.37 8.69
CA ILE A 39 -22.19 25.36 10.06
C ILE A 39 -21.02 24.39 10.20
N GLU A 40 -19.88 24.95 10.58
CA GLU A 40 -18.63 24.20 10.61
C GLU A 40 -18.34 23.67 12.01
N LEU A 41 -18.30 22.35 12.12
CA LEU A 41 -18.03 21.70 13.41
C LEU A 41 -16.77 20.85 13.36
N ILE A 42 -15.96 21.01 12.31
CA ILE A 42 -14.68 20.32 12.27
C ILE A 42 -13.78 20.97 13.31
N ALA A 43 -13.31 20.16 14.25
CA ALA A 43 -12.72 20.66 15.48
C ALA A 43 -11.40 21.39 15.25
N SER A 44 -10.78 21.12 14.11
CA SER A 44 -9.50 21.70 13.74
C SER A 44 -9.61 22.97 12.91
N GLU A 45 -10.82 23.38 12.60
CA GLU A 45 -11.00 24.55 11.74
C GLU A 45 -11.48 25.77 12.51
N ASN A 46 -11.19 26.95 11.96
CA ASN A 46 -11.61 28.21 12.53
C ASN A 46 -11.77 29.24 11.42
N TYR A 47 -12.13 30.45 11.78
CA TYR A 47 -12.18 31.56 10.84
C TYR A 47 -11.19 32.59 11.34
N THR A 48 -10.12 32.83 10.58
CA THR A 48 -9.12 33.80 11.02
C THR A 48 -9.56 35.21 10.62
N SER A 49 -8.99 36.21 11.27
CA SER A 49 -9.42 37.60 11.07
C SER A 49 -8.95 38.20 9.75
N PRO A 50 -9.65 39.24 9.27
CA PRO A 50 -9.22 39.99 8.08
C PRO A 50 -7.81 40.55 8.24
N ALA A 51 -7.43 40.94 9.45
CA ALA A 51 -6.08 41.48 9.67
C ALA A 51 -5.01 40.41 9.43
N VAL A 52 -5.24 39.21 9.94
CA VAL A 52 -4.33 38.10 9.71
C VAL A 52 -4.21 37.77 8.22
N MET A 53 -5.35 37.70 7.54
CA MET A 53 -5.35 37.42 6.11
C MET A 53 -4.66 38.53 5.33
N ALA A 54 -4.83 39.77 5.78
CA ALA A 54 -4.20 40.91 5.11
C ALA A 54 -2.69 40.81 5.21
N ALA A 55 -2.22 40.34 6.37
CA ALA A 55 -0.79 40.20 6.62
C ALA A 55 -0.12 39.19 5.70
N GLN A 56 -0.72 38.01 5.50
CA GLN A 56 -0.10 37.04 4.61
C GLN A 56 -0.42 37.33 3.14
N GLY A 57 -1.24 38.35 2.90
CA GLY A 57 -1.43 38.88 1.56
C GLY A 57 -0.54 40.09 1.28
N SER A 58 0.50 40.27 2.07
CA SER A 58 1.39 41.42 1.94
C SER A 58 2.59 41.14 1.02
N GLN A 59 3.39 42.16 0.76
CA GLN A 59 4.58 42.04 -0.08
C GLN A 59 5.73 41.30 0.60
N LEU A 60 5.53 40.90 1.85
CA LEU A 60 6.58 40.16 2.57
C LEU A 60 6.84 38.78 1.94
N THR A 61 5.90 38.33 1.11
CA THR A 61 6.12 37.13 0.32
C THR A 61 7.32 37.27 -0.64
N ASN A 62 7.72 38.51 -0.93
CA ASN A 62 8.82 38.75 -1.86
C ASN A 62 10.22 38.56 -1.25
N LYS A 63 10.31 38.42 0.06
CA LYS A 63 11.61 38.46 0.73
C LYS A 63 12.19 37.08 1.04
N TYR A 64 13.42 36.83 0.59
CA TYR A 64 14.19 35.68 1.06
C TYR A 64 14.92 36.05 2.34
N ALA A 65 14.63 35.30 3.41
CA ALA A 65 15.20 35.62 4.71
C ALA A 65 15.69 34.40 5.47
N GLU A 66 16.45 33.53 4.80
CA GLU A 66 17.09 32.39 5.46
C GLU A 66 17.90 32.82 6.67
N GLY A 67 17.80 32.04 7.74
CA GLY A 67 18.49 32.36 8.98
C GLY A 67 17.50 32.83 10.03
N TYR A 68 17.99 33.63 10.97
CA TYR A 68 17.17 34.12 12.07
C TYR A 68 17.44 35.61 12.30
N PRO A 69 16.57 36.29 13.06
CA PRO A 69 16.75 37.73 13.31
C PRO A 69 18.15 38.09 13.78
N GLY A 70 18.78 39.03 13.08
CA GLY A 70 20.12 39.47 13.42
C GLY A 70 21.21 38.54 12.94
N LYS A 71 20.82 37.42 12.33
CA LYS A 71 21.76 36.44 11.82
C LYS A 71 21.26 35.85 10.51
N ARG A 72 21.01 36.72 9.53
CA ARG A 72 20.48 36.30 8.24
C ARG A 72 21.59 36.08 7.24
N TYR A 73 21.30 35.28 6.21
CA TYR A 73 22.24 35.07 5.10
C TYR A 73 22.09 36.15 4.02
N TYR A 74 20.91 36.77 3.95
CA TYR A 74 20.62 37.78 2.95
C TYR A 74 20.64 39.16 3.58
N GLY A 75 20.99 40.18 2.80
CA GLY A 75 20.88 41.55 3.27
C GLY A 75 19.46 42.05 3.16
N GLY A 76 19.21 43.24 3.69
CA GLY A 76 17.91 43.88 3.59
C GLY A 76 16.80 43.27 4.45
N CYS A 77 17.18 42.59 5.53
CA CYS A 77 16.18 41.95 6.39
C CYS A 77 15.79 42.69 7.67
N GLU A 78 16.15 43.96 7.81
CA GLU A 78 15.91 44.69 9.05
C GLU A 78 14.44 44.70 9.47
N TYR A 79 13.54 44.82 8.50
CA TYR A 79 12.12 44.92 8.80
C TYR A 79 11.43 43.56 8.97
N VAL A 80 11.84 42.55 8.22
CA VAL A 80 11.31 41.21 8.45
C VAL A 80 11.85 40.67 9.77
N ASP A 81 13.02 41.15 10.20
CA ASP A 81 13.55 40.79 11.51
C ASP A 81 12.65 41.32 12.61
N VAL A 82 12.14 42.54 12.44
CA VAL A 82 11.23 43.15 13.39
C VAL A 82 9.98 42.28 13.49
N VAL A 83 9.47 41.88 12.34
CA VAL A 83 8.29 41.03 12.26
C VAL A 83 8.49 39.69 12.97
N GLU A 84 9.57 38.98 12.64
CA GLU A 84 9.80 37.66 13.22
C GLU A 84 10.03 37.74 14.73
N GLN A 85 10.77 38.76 15.17
CA GLN A 85 11.05 38.90 16.59
C GLN A 85 9.79 39.23 17.40
N LEU A 86 8.90 40.01 16.81
CA LEU A 86 7.60 40.26 17.43
C LEU A 86 6.81 38.97 17.56
N ALA A 87 6.87 38.13 16.53
CA ALA A 87 6.16 36.86 16.57
C ALA A 87 6.74 35.96 17.66
N ILE A 88 8.07 35.92 17.74
CA ILE A 88 8.75 35.15 18.76
C ILE A 88 8.41 35.65 20.18
N ASP A 89 8.53 36.95 20.40
CA ASP A 89 8.28 37.51 21.73
C ASP A 89 6.84 37.34 22.18
N ARG A 90 5.88 37.53 21.28
CA ARG A 90 4.47 37.43 21.64
C ARG A 90 4.08 35.98 21.96
N VAL A 91 4.55 35.03 21.17
CA VAL A 91 4.21 33.63 21.43
C VAL A 91 4.89 33.11 22.70
N LYS A 92 6.11 33.60 22.99
CA LYS A 92 6.76 33.28 24.25
C LYS A 92 5.93 33.83 25.41
N GLN A 93 5.39 35.02 25.23
CA GLN A 93 4.58 35.66 26.25
C GLN A 93 3.26 34.92 26.45
N LEU A 94 2.67 34.49 25.33
CA LEU A 94 1.40 33.77 25.38
C LEU A 94 1.45 32.51 26.24
N PHE A 95 2.53 31.75 26.11
CA PHE A 95 2.61 30.44 26.74
C PHE A 95 3.68 30.35 27.82
N GLY A 96 4.38 31.45 28.07
CA GLY A 96 5.45 31.46 29.06
C GLY A 96 6.63 30.58 28.68
N ALA A 97 6.94 30.52 27.38
CA ALA A 97 8.01 29.66 26.91
C ALA A 97 9.38 30.34 27.01
N GLU A 98 10.41 29.53 27.26
CA GLU A 98 11.77 30.03 27.39
C GLU A 98 12.35 30.42 26.04
N ALA A 99 11.90 29.76 24.98
CA ALA A 99 12.34 30.05 23.62
C ALA A 99 11.30 29.61 22.61
N ALA A 100 11.39 30.12 21.38
CA ALA A 100 10.41 29.79 20.35
C ALA A 100 10.99 29.88 18.94
N ASN A 101 10.45 29.05 18.04
CA ASN A 101 10.75 29.13 16.61
C ASN A 101 9.45 29.28 15.83
N VAL A 102 9.29 30.39 15.12
CA VAL A 102 8.04 30.68 14.43
C VAL A 102 8.11 30.44 12.93
N GLN A 103 9.20 29.84 12.47
CA GLN A 103 9.35 29.52 11.05
C GLN A 103 8.71 28.22 10.50
N PRO A 104 8.30 27.25 11.35
CA PRO A 104 7.74 26.04 10.74
C PRO A 104 6.57 26.29 9.78
N ASN A 105 6.64 25.65 8.61
CA ASN A 105 5.66 25.84 7.54
C ASN A 105 4.29 25.25 7.88
N SER A 106 4.27 24.37 8.87
CA SER A 106 3.05 23.66 9.24
C SER A 106 3.23 22.99 10.59
N GLY A 107 2.16 22.38 11.09
CA GLY A 107 2.25 21.58 12.29
C GLY A 107 3.13 20.36 12.09
N SER A 108 3.05 19.76 10.90
CA SER A 108 3.89 18.62 10.56
C SER A 108 5.38 18.98 10.56
N GLN A 109 5.72 20.14 9.98
CA GLN A 109 7.11 20.58 9.95
C GLN A 109 7.63 20.97 11.32
N ALA A 110 6.76 21.51 12.16
CA ALA A 110 7.11 21.79 13.54
C ALA A 110 7.52 20.49 14.23
N ASN A 111 6.71 19.46 14.06
CA ASN A 111 6.97 18.16 14.66
C ASN A 111 8.22 17.51 14.07
N GLN A 112 8.39 17.63 12.76
CA GLN A 112 9.57 17.08 12.09
C GLN A 112 10.83 17.77 12.56
N GLY A 113 10.73 19.07 12.86
CA GLY A 113 11.85 19.84 13.37
C GLY A 113 12.39 19.30 14.68
N VAL A 114 11.49 18.99 15.61
CA VAL A 114 11.90 18.40 16.87
C VAL A 114 12.58 17.05 16.64
N PHE A 115 11.96 16.23 15.78
CA PHE A 115 12.49 14.91 15.47
C PHE A 115 13.88 14.99 14.85
N PHE A 116 14.05 15.91 13.89
CA PHE A 116 15.34 16.07 13.23
C PHE A 116 16.40 16.59 14.20
N ALA A 117 15.98 17.44 15.13
CA ALA A 117 16.88 18.01 16.12
C ALA A 117 17.38 16.96 17.12
N MET A 118 16.48 16.09 17.57
CA MET A 118 16.75 15.29 18.75
C MET A 118 16.97 13.80 18.45
N LEU A 119 16.57 13.35 17.28
CA LEU A 119 16.56 11.93 16.98
C LEU A 119 17.37 11.55 15.74
N LYS A 120 17.66 10.27 15.64
CA LYS A 120 18.25 9.68 14.44
C LYS A 120 17.29 8.62 13.94
N PRO A 121 17.22 8.41 12.62
CA PRO A 121 16.36 7.37 12.07
C PRO A 121 16.55 6.03 12.78
N GLY A 122 15.45 5.35 13.08
CA GLY A 122 15.52 4.08 13.79
C GLY A 122 15.31 4.19 15.28
N ASP A 123 15.43 5.41 15.82
CA ASP A 123 15.21 5.62 17.25
C ASP A 123 13.80 5.24 17.66
N THR A 124 13.65 4.87 18.93
CA THR A 124 12.35 4.51 19.48
C THR A 124 11.64 5.71 20.07
N ILE A 125 10.38 5.91 19.70
CA ILE A 125 9.57 6.97 20.28
C ILE A 125 8.25 6.43 20.81
N MET A 126 7.65 7.18 21.73
CA MET A 126 6.32 6.84 22.21
C MET A 126 5.35 7.94 21.84
N GLY A 127 4.16 7.55 21.39
CA GLY A 127 3.12 8.52 21.08
C GLY A 127 1.75 7.95 21.36
N MET A 128 0.75 8.81 21.39
CA MET A 128 -0.62 8.35 21.58
C MET A 128 -1.10 7.66 20.30
N SER A 129 -1.75 6.52 20.43
CA SER A 129 -2.15 5.74 19.26
C SER A 129 -3.21 6.48 18.46
N LEU A 130 -3.13 6.37 17.13
CA LEU A 130 -4.10 7.01 16.24
C LEU A 130 -5.51 6.52 16.50
N ALA A 131 -5.63 5.23 16.78
CA ALA A 131 -6.92 4.61 17.07
C ALA A 131 -7.64 5.26 18.25
N HIS A 132 -6.87 5.83 19.18
CA HIS A 132 -7.46 6.43 20.37
C HIS A 132 -7.34 7.95 20.41
N GLY A 133 -7.06 8.56 19.27
CA GLY A 133 -7.11 10.01 19.15
C GLY A 133 -5.80 10.73 18.93
N GLY A 134 -4.72 9.96 18.79
CA GLY A 134 -3.42 10.52 18.46
C GLY A 134 -3.38 10.98 17.01
N HIS A 135 -2.38 11.79 16.66
CA HIS A 135 -2.28 12.32 15.31
C HIS A 135 -1.34 11.52 14.42
N LEU A 136 -1.54 11.66 13.11
CA LEU A 136 -0.69 11.10 12.07
C LEU A 136 0.81 11.23 12.38
N THR A 137 1.23 12.43 12.79
CA THR A 137 2.64 12.72 13.02
C THR A 137 3.14 12.19 14.36
N HIS A 138 2.31 11.42 15.04
CA HIS A 138 2.70 10.87 16.34
C HIS A 138 3.06 9.38 16.22
N GLY A 139 3.38 8.94 15.01
CA GLY A 139 3.91 7.60 14.81
C GLY A 139 3.20 6.69 13.82
N SER A 140 2.35 7.26 12.98
CA SER A 140 1.70 6.49 11.92
C SER A 140 2.74 5.91 10.95
N PRO A 141 2.59 4.63 10.58
CA PRO A 141 3.59 3.98 9.71
C PRO A 141 3.61 4.52 8.28
N VAL A 142 2.58 5.27 7.87
CA VAL A 142 2.58 5.89 6.55
C VAL A 142 3.03 7.35 6.63
N ASN A 143 3.35 7.79 7.84
CA ASN A 143 3.92 9.11 8.07
C ASN A 143 5.42 8.95 8.35
N MET A 144 6.19 10.01 8.15
CA MET A 144 7.63 9.97 8.43
C MET A 144 7.91 9.50 9.86
N SER A 145 7.12 10.01 10.80
CA SER A 145 7.28 9.68 12.22
C SER A 145 7.25 8.18 12.50
N GLY A 146 6.44 7.45 11.74
CA GLY A 146 6.32 6.02 11.96
C GLY A 146 7.09 5.14 10.99
N LYS A 147 7.39 5.66 9.81
CA LYS A 147 8.13 4.86 8.83
C LYS A 147 9.64 4.85 9.09
N TRP A 148 10.16 5.97 9.57
CA TRP A 148 11.61 6.10 9.75
C TRP A 148 12.02 5.95 11.20
N PHE A 149 11.05 5.66 12.06
CA PHE A 149 11.32 5.47 13.49
C PHE A 149 10.55 4.28 14.04
N ASN A 150 11.05 3.73 15.13
CA ASN A 150 10.37 2.63 15.83
C ASN A 150 9.33 3.19 16.79
N VAL A 151 8.06 2.88 16.55
CA VAL A 151 6.98 3.51 17.31
C VAL A 151 6.30 2.56 18.30
N VAL A 152 6.18 3.02 19.54
CA VAL A 152 5.42 2.34 20.57
C VAL A 152 4.29 3.26 20.99
N SER A 153 3.05 2.77 20.98
CA SER A 153 1.91 3.62 21.23
CA SER A 153 1.91 3.64 21.24
C SER A 153 1.19 3.27 22.53
N TYR A 154 0.64 4.29 23.18
CA TYR A 154 -0.15 4.12 24.40
C TYR A 154 -1.56 4.66 24.12
N GLY A 155 -2.54 4.18 24.87
CA GLY A 155 -3.92 4.54 24.59
C GLY A 155 -4.74 4.89 25.81
N LEU A 156 -6.04 4.64 25.73
CA LEU A 156 -6.96 4.97 26.80
C LEU A 156 -7.23 3.78 27.73
N ASN A 157 -7.71 4.09 28.93
CA ASN A 157 -8.13 3.06 29.88
C ASN A 157 -9.63 2.76 29.77
N GLU A 158 -10.15 2.02 30.75
CA GLU A 158 -11.56 1.64 30.79
C GLU A 158 -12.50 2.84 30.89
N ASN A 159 -12.04 3.92 31.51
CA ASN A 159 -12.83 5.14 31.61
C ASN A 159 -12.65 6.05 30.39
N GLU A 160 -11.90 5.56 29.40
CA GLU A 160 -11.58 6.32 28.19
C GLU A 160 -10.85 7.61 28.50
N ASP A 161 -10.03 7.57 29.55
CA ASP A 161 -9.06 8.61 29.85
C ASP A 161 -7.69 8.04 29.48
N ILE A 162 -6.67 8.89 29.42
CA ILE A 162 -5.34 8.41 29.07
C ILE A 162 -4.86 7.43 30.14
N ASP A 163 -4.30 6.31 29.70
CA ASP A 163 -3.87 5.24 30.61
C ASP A 163 -2.42 5.48 31.01
N TYR A 164 -2.23 6.33 32.01
CA TYR A 164 -0.90 6.78 32.41
C TYR A 164 -0.05 5.64 32.97
N ASP A 165 -0.68 4.72 33.70
CA ASP A 165 0.01 3.55 34.23
C ASP A 165 0.58 2.68 33.10
N ALA A 166 -0.25 2.38 32.10
CA ALA A 166 0.20 1.59 30.95
C ALA A 166 1.32 2.29 30.18
N ALA A 167 1.19 3.60 30.01
CA ALA A 167 2.22 4.39 29.34
C ALA A 167 3.55 4.29 30.09
N GLU A 168 3.47 4.37 31.42
CA GLU A 168 4.66 4.24 32.26
C GLU A 168 5.29 2.86 32.08
N LYS A 169 4.46 1.82 32.04
CA LYS A 169 4.94 0.47 31.83
C LYS A 169 5.64 0.33 30.48
N LEU A 170 5.01 0.88 29.44
CA LEU A 170 5.58 0.85 28.10
C LEU A 170 6.90 1.60 28.01
N ALA A 171 6.97 2.76 28.67
CA ALA A 171 8.19 3.57 28.69
C ALA A 171 9.36 2.80 29.27
N ASN A 172 9.12 2.15 30.40
CA ASN A 172 10.16 1.34 31.05
C ASN A 172 10.58 0.14 30.21
N GLU A 173 9.61 -0.49 29.56
CA GLU A 173 9.88 -1.65 28.71
C GLU A 173 10.70 -1.32 27.45
N HIS A 174 10.36 -0.23 26.79
CA HIS A 174 10.93 0.06 25.47
C HIS A 174 11.98 1.17 25.44
N LYS A 175 12.07 1.93 26.53
CA LYS A 175 13.09 2.97 26.67
C LYS A 175 13.13 3.94 25.48
N PRO A 176 12.01 4.65 25.23
CA PRO A 176 11.97 5.58 24.10
C PRO A 176 12.92 6.76 24.30
N LYS A 177 13.52 7.23 23.22
CA LYS A 177 14.35 8.45 23.29
C LYS A 177 13.46 9.67 23.48
N LEU A 178 12.22 9.58 22.99
CA LEU A 178 11.31 10.71 23.04
C LEU A 178 9.86 10.24 23.20
N ILE A 179 9.11 10.96 24.05
CA ILE A 179 7.71 10.67 24.26
C ILE A 179 6.86 11.82 23.72
N VAL A 180 5.88 11.48 22.88
CA VAL A 180 4.96 12.47 22.35
C VAL A 180 3.64 12.43 23.12
N ALA A 181 3.14 13.60 23.47
CA ALA A 181 1.81 13.72 24.06
C ALA A 181 1.03 14.77 23.29
N GLY A 182 -0.29 14.75 23.45
CA GLY A 182 -1.15 15.59 22.64
C GLY A 182 -2.00 14.69 21.77
N ALA A 183 -3.02 15.25 21.14
CA ALA A 183 -4.01 14.45 20.44
C ALA A 183 -4.80 15.30 19.46
N SER A 184 -5.45 14.64 18.51
CA SER A 184 -6.31 15.33 17.54
CA SER A 184 -6.30 15.32 17.54
C SER A 184 -7.78 15.12 17.89
N ALA A 185 -8.06 14.11 18.70
CA ALA A 185 -9.43 13.82 19.11
C ALA A 185 -9.51 13.28 20.54
N PHE A 186 -9.26 14.15 21.50
CA PHE A 186 -9.36 13.77 22.91
C PHE A 186 -9.93 14.95 23.69
N ALA A 187 -11.02 14.71 24.41
CA ALA A 187 -11.83 15.79 24.98
C ALA A 187 -11.35 16.26 26.36
N LEU A 188 -10.59 15.42 27.06
CA LEU A 188 -10.25 15.71 28.44
C LEU A 188 -8.94 16.49 28.57
N LYS A 189 -8.72 17.03 29.77
CA LYS A 189 -7.45 17.64 30.13
C LYS A 189 -6.36 16.58 30.22
N ILE A 190 -5.21 16.84 29.59
CA ILE A 190 -4.10 15.91 29.65
C ILE A 190 -3.18 16.26 30.82
N ASP A 191 -2.71 15.24 31.53
CA ASP A 191 -1.85 15.44 32.69
C ASP A 191 -0.40 15.52 32.25
N PHE A 192 0.02 16.70 31.80
CA PHE A 192 1.37 16.90 31.29
C PHE A 192 2.44 16.70 32.36
N GLU A 193 2.13 17.08 33.60
CA GLU A 193 3.08 16.92 34.69
C GLU A 193 3.42 15.45 34.91
N ARG A 194 2.40 14.59 34.88
CA ARG A 194 2.61 13.15 35.04
C ARG A 194 3.38 12.53 33.88
N LEU A 195 3.13 13.01 32.67
CA LEU A 195 3.86 12.53 31.50
C LEU A 195 5.31 12.98 31.58
N ALA A 196 5.53 14.14 32.18
CA ALA A 196 6.88 14.66 32.38
C ALA A 196 7.68 13.80 33.34
N LYS A 197 7.02 13.36 34.42
CA LYS A 197 7.66 12.48 35.39
C LYS A 197 8.02 11.16 34.75
N ILE A 198 7.10 10.60 33.97
CA ILE A 198 7.32 9.35 33.25
C ILE A 198 8.51 9.47 32.32
N ALA A 199 8.57 10.56 31.55
CA ALA A 199 9.66 10.80 30.62
C ALA A 199 11.02 10.90 31.33
N LYS A 200 11.07 11.69 32.39
CA LYS A 200 12.28 11.86 33.17
C LYS A 200 12.79 10.54 33.75
N SER A 201 11.87 9.70 34.21
CA SER A 201 12.22 8.45 34.87
C SER A 201 12.93 7.47 33.94
N VAL A 202 12.73 7.60 32.64
CA VAL A 202 13.44 6.76 31.69
C VAL A 202 14.40 7.56 30.83
N GLY A 203 14.63 8.82 31.21
CA GLY A 203 15.55 9.68 30.47
C GLY A 203 15.11 10.06 29.07
N ALA A 204 13.80 10.05 28.83
CA ALA A 204 13.26 10.43 27.53
C ALA A 204 12.91 11.92 27.48
N TYR A 205 12.95 12.50 26.28
CA TYR A 205 12.43 13.85 26.08
C TYR A 205 10.90 13.80 26.09
N LEU A 206 10.29 14.88 26.56
CA LEU A 206 8.84 15.02 26.41
C LEU A 206 8.51 16.11 25.40
N MET A 207 7.79 15.72 24.36
CA MET A 207 7.28 16.64 23.36
C MET A 207 5.77 16.65 23.43
N VAL A 208 5.18 17.82 23.64
CA VAL A 208 3.73 17.93 23.64
C VAL A 208 3.27 18.65 22.40
N ASP A 209 2.37 18.01 21.65
CA ASP A 209 1.75 18.62 20.48
C ASP A 209 0.39 19.18 20.90
N MET A 210 0.34 20.48 21.13
CA MET A 210 -0.86 21.13 21.66
C MET A 210 -1.69 21.81 20.59
N ALA A 211 -1.44 21.46 19.33
CA ALA A 211 -2.11 22.09 18.18
C ALA A 211 -3.60 22.38 18.41
N HIS A 212 -4.34 21.37 18.84
CA HIS A 212 -5.79 21.52 19.03
C HIS A 212 -6.18 22.40 20.22
N TYR A 213 -5.37 22.39 21.27
CA TYR A 213 -5.74 23.05 22.53
C TYR A 213 -5.08 24.42 22.72
N ALA A 214 -4.20 24.79 21.79
CA ALA A 214 -3.31 25.95 21.96
C ALA A 214 -4.04 27.25 22.31
N GLY A 215 -5.17 27.50 21.66
CA GLY A 215 -5.93 28.72 21.93
C GLY A 215 -6.53 28.71 23.33
N LEU A 216 -6.99 27.54 23.74
CA LEU A 216 -7.53 27.35 25.07
C LEU A 216 -6.43 27.54 26.11
N ILE A 217 -5.24 27.02 25.82
CA ILE A 217 -4.12 27.15 26.74
C ILE A 217 -3.70 28.60 26.90
N ALA A 218 -3.64 29.33 25.78
CA ALA A 218 -3.30 30.74 25.81
C ALA A 218 -4.28 31.53 26.69
N ALA A 219 -5.55 31.14 26.68
CA ALA A 219 -6.58 31.82 27.44
C ALA A 219 -6.73 31.31 28.87
N GLY A 220 -6.01 30.24 29.21
CA GLY A 220 -5.99 29.73 30.57
C GLY A 220 -7.14 28.81 30.92
N VAL A 221 -7.80 28.25 29.91
CA VAL A 221 -8.97 27.41 30.16
C VAL A 221 -8.66 25.94 29.83
N TYR A 222 -7.38 25.66 29.61
CA TYR A 222 -6.88 24.30 29.42
C TYR A 222 -5.44 24.30 29.91
N PRO A 223 -5.00 23.20 30.56
CA PRO A 223 -3.68 23.25 31.21
C PRO A 223 -2.51 23.43 30.24
N ASN A 224 -1.49 24.15 30.70
CA ASN A 224 -0.33 24.51 29.90
C ASN A 224 0.78 23.46 30.02
N PRO A 225 1.19 22.87 28.89
CA PRO A 225 2.26 21.86 28.93
C PRO A 225 3.66 22.46 28.98
N VAL A 226 3.79 23.75 28.73
CA VAL A 226 5.10 24.40 28.61
C VAL A 226 5.99 24.29 29.87
N PRO A 227 5.42 24.45 31.08
CA PRO A 227 6.32 24.30 32.23
C PRO A 227 6.82 22.87 32.44
N HIS A 228 6.23 21.90 31.75
CA HIS A 228 6.54 20.50 32.01
C HIS A 228 7.30 19.80 30.87
N ALA A 229 7.20 20.35 29.66
CA ALA A 229 7.77 19.66 28.50
C ALA A 229 9.07 20.29 28.03
N ASP A 230 9.91 19.48 27.41
CA ASP A 230 11.12 19.96 26.77
C ASP A 230 10.77 20.72 25.51
N PHE A 231 9.79 20.20 24.77
CA PHE A 231 9.33 20.79 23.53
C PHE A 231 7.82 20.83 23.47
N VAL A 232 7.28 21.94 22.99
CA VAL A 232 5.86 22.03 22.74
C VAL A 232 5.65 22.53 21.31
N THR A 233 4.99 21.71 20.49
CA THR A 233 4.71 22.11 19.12
C THR A 233 3.25 22.46 18.96
N THR A 234 2.93 23.26 17.95
CA THR A 234 1.56 23.65 17.69
C THR A 234 1.36 24.14 16.27
N THR A 235 0.11 24.10 15.82
CA THR A 235 -0.31 24.84 14.65
C THR A 235 -0.77 26.22 15.09
N THR A 236 -0.80 27.17 14.16
CA THR A 236 -1.28 28.49 14.49
C THR A 236 -2.71 28.69 14.03
N HIS A 237 -3.24 27.73 13.26
CA HIS A 237 -4.55 27.92 12.64
C HIS A 237 -5.77 27.25 13.28
N LYS A 238 -5.59 26.50 14.36
CA LYS A 238 -6.76 25.85 14.95
C LYS A 238 -7.42 26.75 16.01
N SER A 239 -7.39 26.33 17.27
CA SER A 239 -8.03 27.12 18.32
C SER A 239 -7.28 28.43 18.54
N LEU A 240 -6.03 28.49 18.10
CA LEU A 240 -5.26 29.73 18.17
C LEU A 240 -5.79 30.77 17.18
N ARG A 241 -6.58 30.31 16.20
CA ARG A 241 -7.31 31.19 15.28
C ARG A 241 -6.38 32.07 14.43
N GLY A 242 -5.20 31.57 14.12
CA GLY A 242 -4.24 32.31 13.31
C GLY A 242 -4.14 31.79 11.89
N PRO A 243 -3.06 32.15 11.19
CA PRO A 243 -2.84 31.66 9.82
C PRO A 243 -2.40 30.20 9.82
N ARG A 244 -2.33 29.60 8.64
CA ARG A 244 -1.92 28.21 8.55
CA ARG A 244 -1.91 28.21 8.55
C ARG A 244 -0.39 28.12 8.68
N GLY A 245 0.07 27.39 9.69
CA GLY A 245 1.50 27.24 9.91
C GLY A 245 1.80 26.62 11.26
N GLY A 246 3.09 26.50 11.59
CA GLY A 246 3.48 25.89 12.85
C GLY A 246 4.41 26.75 13.69
N VAL A 247 4.59 26.32 14.94
CA VAL A 247 5.49 26.96 15.88
C VAL A 247 6.13 25.88 16.76
N ILE A 248 7.41 26.04 17.10
CA ILE A 248 8.02 25.21 18.13
C ILE A 248 8.37 26.06 19.34
N LEU A 249 7.91 25.63 20.52
CA LEU A 249 8.34 26.19 21.78
C LEU A 249 9.31 25.22 22.43
N MET A 250 10.40 25.72 23.01
CA MET A 250 11.38 24.84 23.64
C MET A 250 12.09 25.49 24.82
N LYS A 251 12.54 24.66 25.74
CA LYS A 251 13.43 25.11 26.81
C LYS A 251 14.71 25.68 26.23
N ALA A 252 15.28 26.66 26.93
CA ALA A 252 16.46 27.39 26.46
C ALA A 252 17.62 26.46 26.06
N GLU A 253 17.79 25.36 26.80
CA GLU A 253 18.90 24.44 26.52
C GLU A 253 18.77 23.74 25.17
N TYR A 254 17.55 23.73 24.61
CA TYR A 254 17.34 23.11 23.31
C TYR A 254 17.13 24.13 22.19
N GLU A 255 17.42 25.39 22.47
CA GLU A 255 17.25 26.48 21.52
C GLU A 255 18.10 26.29 20.25
N LYS A 256 19.38 26.00 20.45
CA LYS A 256 20.30 25.84 19.33
C LYS A 256 19.98 24.61 18.46
N PRO A 257 19.73 23.43 19.08
CA PRO A 257 19.40 22.30 18.19
C PRO A 257 18.08 22.49 17.43
N ILE A 258 17.09 23.11 18.07
CA ILE A 258 15.80 23.33 17.41
C ILE A 258 15.94 24.31 16.23
N ASN A 259 16.61 25.43 16.47
CA ASN A 259 16.78 26.43 15.42
C ASN A 259 17.56 25.90 14.23
N SER A 260 18.61 25.12 14.50
CA SER A 260 19.43 24.54 13.45
CA SER A 260 19.43 24.56 13.44
C SER A 260 18.66 23.50 12.66
N ALA A 261 17.76 22.79 13.33
CA ALA A 261 16.93 21.77 12.70
C ALA A 261 15.92 22.34 11.71
N ILE A 262 15.33 23.48 12.05
CA ILE A 262 14.39 24.15 11.16
C ILE A 262 15.12 24.74 9.95
N PHE A 263 16.24 25.43 10.21
CA PHE A 263 17.13 25.88 9.13
C PHE A 263 18.58 25.83 9.59
N PRO A 264 19.47 25.19 8.80
CA PRO A 264 19.25 24.63 7.46
C PRO A 264 18.78 23.17 7.44
N GLY A 265 18.26 22.68 8.56
CA GLY A 265 17.93 21.27 8.67
C GLY A 265 16.84 20.75 7.75
N ILE A 266 15.63 21.31 7.83
CA ILE A 266 14.50 20.77 7.06
C ILE A 266 13.72 21.81 6.25
N GLN A 267 14.02 23.09 6.47
CA GLN A 267 13.37 24.14 5.69
C GLN A 267 14.40 25.06 5.06
N GLY A 268 13.95 25.93 4.16
CA GLY A 268 14.79 26.95 3.57
C GLY A 268 14.31 28.33 3.99
N GLY A 269 13.96 29.15 3.02
CA GLY A 269 13.44 30.49 3.30
C GLY A 269 12.11 30.44 4.03
N PRO A 270 12.02 31.15 5.18
CA PRO A 270 10.76 31.21 5.91
C PRO A 270 9.71 32.05 5.16
N LEU A 271 8.44 31.78 5.43
CA LEU A 271 7.35 32.54 4.83
C LEU A 271 7.09 33.80 5.66
N MET A 272 7.74 34.91 5.32
CA MET A 272 7.71 36.08 6.18
C MET A 272 6.34 36.75 6.24
N HIS A 273 5.59 36.69 5.15
CA HIS A 273 4.20 37.14 5.16
C HIS A 273 3.33 36.31 6.12
N VAL A 274 3.55 35.01 6.16
CA VAL A 274 2.78 34.16 7.07
C VAL A 274 3.23 34.38 8.51
N ILE A 275 4.52 34.61 8.70
CA ILE A 275 5.04 34.91 10.02
C ILE A 275 4.49 36.25 10.53
N ALA A 276 4.36 37.21 9.62
CA ALA A 276 3.70 38.47 9.97
C ALA A 276 2.26 38.20 10.40
N ALA A 277 1.60 37.30 9.67
CA ALA A 277 0.23 36.91 10.00
C ALA A 277 0.18 36.20 11.36
N LYS A 278 1.20 35.40 11.65
CA LYS A 278 1.32 34.77 12.97
C LYS A 278 1.40 35.83 14.06
N ALA A 279 2.23 36.85 13.83
CA ALA A 279 2.41 37.92 14.81
C ALA A 279 1.08 38.61 15.12
N VAL A 280 0.30 38.90 14.08
CA VAL A 280 -1.00 39.54 14.27
C VAL A 280 -1.93 38.67 15.11
N ALA A 281 -1.94 37.37 14.80
CA ALA A 281 -2.78 36.42 15.54
C ALA A 281 -2.37 36.31 17.01
N PHE A 282 -1.06 36.43 17.26
CA PHE A 282 -0.57 36.36 18.63
C PHE A 282 -0.98 37.62 19.41
N LYS A 283 -0.94 38.75 18.72
CA LYS A 283 -1.40 40.01 19.29
C LYS A 283 -2.87 39.90 19.70
N GLU A 284 -3.69 39.33 18.81
CA GLU A 284 -5.10 39.10 19.09
C GLU A 284 -5.29 38.14 20.26
N ALA A 285 -4.47 37.10 20.30
CA ALA A 285 -4.57 36.08 21.35
C ALA A 285 -4.20 36.62 22.73
N LEU A 286 -3.43 37.71 22.77
CA LEU A 286 -3.04 38.32 24.04
C LEU A 286 -4.12 39.22 24.64
N SER A 287 -5.18 39.46 23.87
CA SER A 287 -6.23 40.41 24.28
C SER A 287 -7.24 39.77 25.23
N PRO A 288 -7.91 40.58 26.05
CA PRO A 288 -9.00 40.09 26.90
C PRO A 288 -10.16 39.52 26.09
N GLU A 289 -10.38 40.04 24.89
CA GLU A 289 -11.45 39.54 24.03
C GLU A 289 -11.22 38.08 23.65
N PHE A 290 -9.95 37.69 23.50
CA PHE A 290 -9.61 36.33 23.11
C PHE A 290 -9.88 35.36 24.25
N LYS A 291 -9.57 35.79 25.47
CA LYS A 291 -9.86 34.99 26.65
C LYS A 291 -11.35 34.73 26.78
N GLU A 292 -12.14 35.78 26.55
CA GLU A 292 -13.60 35.66 26.57
C GLU A 292 -14.11 34.71 25.49
N TYR A 293 -13.52 34.81 24.29
CA TYR A 293 -13.82 33.90 23.19
C TYR A 293 -13.64 32.43 23.59
N GLN A 294 -12.51 32.12 24.20
CA GLN A 294 -12.21 30.73 24.55
C GLN A 294 -13.07 30.22 25.71
N GLN A 295 -13.47 31.12 26.60
CA GLN A 295 -14.42 30.74 27.64
C GLN A 295 -15.73 30.33 26.98
N LYS A 296 -16.12 31.03 25.93
CA LYS A 296 -17.33 30.68 25.18
C LYS A 296 -17.16 29.39 24.40
N VAL A 297 -15.96 29.17 23.86
CA VAL A 297 -15.64 27.94 23.14
C VAL A 297 -15.86 26.73 24.05
N VAL A 298 -15.28 26.80 25.24
CA VAL A 298 -15.41 25.72 26.22
C VAL A 298 -16.87 25.53 26.63
N GLU A 299 -17.56 26.65 26.87
CA GLU A 299 -18.97 26.61 27.24
C GLU A 299 -19.84 25.99 26.15
N ASN A 300 -19.66 26.44 24.91
CA ASN A 300 -20.46 25.94 23.80
C ASN A 300 -20.22 24.45 23.53
N ALA A 301 -18.98 24.00 23.70
CA ALA A 301 -18.65 22.59 23.54
C ALA A 301 -19.37 21.74 24.59
N ARG A 302 -19.36 22.21 25.84
CA ARG A 302 -20.03 21.48 26.91
CA ARG A 302 -20.05 21.52 26.92
C ARG A 302 -21.54 21.40 26.66
N VAL A 303 -22.14 22.51 26.26
CA VAL A 303 -23.57 22.55 25.98
C VAL A 303 -23.94 21.66 24.81
N LEU A 304 -23.10 21.66 23.77
CA LEU A 304 -23.30 20.78 22.62
C LEU A 304 -23.27 19.31 23.05
N ALA A 305 -22.28 18.95 23.86
CA ALA A 305 -22.17 17.60 24.39
C ALA A 305 -23.37 17.21 25.25
N GLU A 306 -23.75 18.10 26.17
CA GLU A 306 -24.90 17.87 27.04
C GLU A 306 -26.19 17.65 26.24
N THR A 307 -26.35 18.42 25.16
CA THR A 307 -27.56 18.35 24.35
C THR A 307 -27.64 17.00 23.61
N LEU A 308 -26.50 16.54 23.10
CA LEU A 308 -26.46 15.26 22.39
C LEU A 308 -26.74 14.10 23.33
N VAL A 309 -26.24 14.20 24.56
CA VAL A 309 -26.50 13.19 25.57
C VAL A 309 -28.00 13.14 25.91
N LYS A 310 -28.62 14.30 26.06
CA LYS A 310 -30.07 14.36 26.28
C LYS A 310 -30.85 13.68 25.17
N ARG A 311 -30.30 13.73 23.96
CA ARG A 311 -30.95 13.11 22.81
C ARG A 311 -30.54 11.65 22.63
N GLY A 312 -29.82 11.11 23.60
CA GLY A 312 -29.51 9.70 23.62
C GLY A 312 -28.18 9.26 23.03
N LEU A 313 -27.33 10.22 22.66
CA LEU A 313 -25.99 9.90 22.19
C LEU A 313 -25.03 9.76 23.36
N ARG A 314 -23.82 9.28 23.07
CA ARG A 314 -22.81 9.12 24.12
C ARG A 314 -21.54 9.88 23.76
N ILE A 315 -20.93 10.48 24.76
CA ILE A 315 -19.67 11.19 24.58
C ILE A 315 -18.53 10.32 25.08
N VAL A 316 -17.55 10.07 24.21
CA VAL A 316 -16.35 9.34 24.59
C VAL A 316 -15.67 10.08 25.74
N SER A 317 -15.18 9.32 26.71
CA SER A 317 -14.62 9.82 27.97
C SER A 317 -15.69 10.34 28.94
N GLY A 318 -16.95 10.36 28.49
CA GLY A 318 -18.07 10.72 29.34
C GLY A 318 -18.33 12.21 29.50
N ARG A 319 -17.43 13.04 29.01
CA ARG A 319 -17.55 14.49 29.15
C ARG A 319 -16.52 15.18 28.26
N THR A 320 -16.67 16.49 28.08
CA THR A 320 -15.58 17.27 27.47
C THR A 320 -15.06 18.29 28.47
N GLU A 321 -13.75 18.53 28.42
CA GLU A 321 -13.11 19.57 29.23
C GLU A 321 -12.36 20.50 28.29
N SER A 322 -12.84 20.57 27.06
CA SER A 322 -12.12 21.31 26.04
C SER A 322 -13.06 21.83 24.94
N HIS A 323 -12.52 21.97 23.74
CA HIS A 323 -13.26 22.46 22.58
C HIS A 323 -13.90 21.32 21.77
N VAL A 324 -13.50 20.09 22.07
CA VAL A 324 -13.74 18.98 21.17
C VAL A 324 -14.46 17.83 21.86
N MET A 325 -15.17 17.02 21.08
CA MET A 325 -15.80 15.80 21.58
C MET A 325 -15.86 14.73 20.51
N LEU A 326 -15.81 13.48 20.95
CA LEU A 326 -15.99 12.33 20.09
C LEU A 326 -17.35 11.73 20.42
N VAL A 327 -18.25 11.70 19.45
CA VAL A 327 -19.61 11.22 19.69
C VAL A 327 -19.77 9.78 19.26
N ASP A 328 -20.19 8.94 20.21
CA ASP A 328 -20.46 7.53 19.95
C ASP A 328 -21.87 7.40 19.40
N LEU A 329 -21.99 6.92 18.16
CA LEU A 329 -23.24 6.97 17.41
C LEU A 329 -24.09 5.70 17.48
N ARG A 330 -23.65 4.68 18.20
CA ARG A 330 -24.28 3.36 18.13
C ARG A 330 -25.74 3.32 18.59
N ALA A 331 -26.13 4.21 19.50
CA ALA A 331 -27.50 4.22 19.98
C ALA A 331 -28.48 4.60 18.88
N LYS A 332 -28.01 5.32 17.87
CA LYS A 332 -28.86 5.72 16.75
C LYS A 332 -28.67 4.85 15.52
N HIS A 333 -27.91 3.76 15.66
CA HIS A 333 -27.73 2.78 14.60
C HIS A 333 -27.30 3.40 13.28
N ILE A 334 -26.29 4.25 13.35
CA ILE A 334 -25.76 4.91 12.16
C ILE A 334 -24.24 4.93 12.24
N THR A 335 -23.58 4.77 11.10
CA THR A 335 -22.13 4.80 11.08
C THR A 335 -21.63 6.24 11.01
N GLY A 336 -20.37 6.46 11.35
CA GLY A 336 -19.76 7.76 11.24
C GLY A 336 -19.78 8.27 9.82
N LYS A 337 -19.45 7.40 8.88
CA LYS A 337 -19.43 7.71 7.46
C LYS A 337 -20.80 8.18 6.99
N ALA A 338 -21.83 7.44 7.37
CA ALA A 338 -23.21 7.79 7.01
C ALA A 338 -23.65 9.07 7.71
N ALA A 339 -23.21 9.25 8.95
CA ALA A 339 -23.56 10.44 9.72
C ALA A 339 -22.94 11.70 9.10
N GLU A 340 -21.65 11.62 8.76
CA GLU A 340 -20.96 12.72 8.10
C GLU A 340 -21.68 13.14 6.82
N ALA A 341 -22.05 12.16 6.02
CA ALA A 341 -22.70 12.41 4.74
C ALA A 341 -24.06 13.07 4.91
N ALA A 342 -24.85 12.54 5.83
CA ALA A 342 -26.20 13.06 6.07
C ALA A 342 -26.16 14.48 6.65
N LEU A 343 -25.29 14.69 7.64
CA LEU A 343 -25.12 16.02 8.23
C LEU A 343 -24.64 17.02 7.19
N GLY A 344 -23.73 16.57 6.32
CA GLY A 344 -23.23 17.42 5.24
C GLY A 344 -24.34 17.88 4.31
N ALA A 345 -25.28 16.98 4.02
CA ALA A 345 -26.43 17.30 3.18
C ALA A 345 -27.33 18.32 3.86
N ALA A 346 -27.35 18.30 5.19
CA ALA A 346 -28.12 19.26 5.99
C ALA A 346 -27.30 20.52 6.28
N HIS A 347 -26.16 20.63 5.61
CA HIS A 347 -25.27 21.80 5.71
C HIS A 347 -24.59 21.91 7.08
N ILE A 348 -24.34 20.76 7.69
CA ILE A 348 -23.57 20.71 8.93
C ILE A 348 -22.30 19.88 8.68
N THR A 349 -21.15 20.51 8.83
CA THR A 349 -19.90 19.86 8.48
C THR A 349 -19.23 19.26 9.70
N VAL A 350 -19.05 17.95 9.65
CA VAL A 350 -18.41 17.19 10.72
C VAL A 350 -17.47 16.21 10.04
N ASN A 351 -16.65 15.50 10.79
CA ASN A 351 -15.94 14.38 10.19
C ASN A 351 -16.06 13.10 11.02
N LYS A 352 -16.15 11.97 10.31
CA LYS A 352 -16.21 10.66 10.94
C LYS A 352 -14.94 10.43 11.74
N ASN A 353 -15.03 9.58 12.76
CA ASN A 353 -13.87 9.29 13.60
C ASN A 353 -14.11 8.01 14.39
N ALA A 354 -13.11 7.14 14.40
CA ALA A 354 -13.21 5.89 15.13
C ALA A 354 -13.30 6.16 16.64
N ILE A 355 -14.04 5.32 17.34
CA ILE A 355 -14.12 5.36 18.79
C ILE A 355 -13.31 4.19 19.35
N PRO A 356 -12.99 4.22 20.66
CA PRO A 356 -12.32 3.06 21.24
C PRO A 356 -13.11 1.76 21.04
N ASN A 357 -12.41 0.69 20.64
CA ASN A 357 -13.03 -0.60 20.35
C ASN A 357 -14.17 -0.48 19.34
N ASP A 358 -13.90 0.21 18.24
CA ASP A 358 -14.91 0.45 17.21
C ASP A 358 -15.22 -0.86 16.50
N PRO A 359 -16.51 -1.24 16.47
CA PRO A 359 -16.91 -2.48 15.77
C PRO A 359 -16.85 -2.35 14.25
N GLU A 360 -16.79 -1.12 13.75
CA GLU A 360 -16.78 -0.87 12.31
C GLU A 360 -15.37 -0.77 11.75
N LYS A 361 -15.25 -1.00 10.45
CA LYS A 361 -13.99 -0.79 9.73
C LYS A 361 -13.53 0.67 9.85
N PRO A 362 -12.21 0.90 9.76
CA PRO A 362 -11.63 2.25 9.95
C PRO A 362 -12.17 3.32 9.00
N PHE A 363 -12.57 2.94 7.79
CA PHE A 363 -13.09 3.90 6.84
C PHE A 363 -14.58 4.17 7.07
N VAL A 364 -15.17 3.39 7.98
CA VAL A 364 -16.59 3.51 8.29
C VAL A 364 -16.80 4.18 9.66
N THR A 365 -16.25 3.55 10.71
CA THR A 365 -16.28 4.05 12.10
C THR A 365 -17.68 4.12 12.71
N SER A 366 -17.71 4.29 14.03
CA SER A 366 -18.96 4.39 14.78
C SER A 366 -19.12 5.77 15.42
N GLY A 367 -18.30 6.73 15.00
CA GLY A 367 -18.31 8.03 15.65
C GLY A 367 -18.10 9.23 14.75
N ILE A 368 -18.38 10.41 15.28
CA ILE A 368 -18.02 11.67 14.62
C ILE A 368 -17.34 12.60 15.61
N ARG A 369 -16.37 13.36 15.12
CA ARG A 369 -15.69 14.35 15.95
C ARG A 369 -16.35 15.71 15.73
N LEU A 370 -16.65 16.41 16.83
CA LEU A 370 -17.25 17.74 16.77
C LEU A 370 -16.42 18.73 17.57
N GLY A 371 -16.35 19.96 17.09
CA GLY A 371 -15.67 21.01 17.84
C GLY A 371 -16.39 22.34 17.76
N SER A 372 -16.19 23.15 18.80
CA SER A 372 -16.85 24.46 18.89
C SER A 372 -16.08 25.72 18.43
N PRO A 373 -14.76 25.66 18.13
CA PRO A 373 -14.09 26.92 17.82
C PRO A 373 -14.69 27.76 16.70
N ALA A 374 -15.02 27.15 15.56
CA ALA A 374 -15.51 27.90 14.42
C ALA A 374 -16.88 28.55 14.69
N MET A 375 -17.84 27.76 15.18
CA MET A 375 -19.18 28.30 15.41
C MET A 375 -19.18 29.37 16.50
N THR A 376 -18.29 29.22 17.48
CA THR A 376 -18.13 30.23 18.52
C THR A 376 -17.57 31.53 17.94
N THR A 377 -16.65 31.40 16.99
CA THR A 377 -16.04 32.56 16.37
C THR A 377 -17.08 33.41 15.65
N ARG A 378 -18.03 32.78 14.97
CA ARG A 378 -19.03 33.55 14.24
C ARG A 378 -20.17 34.03 15.12
N GLY A 379 -20.07 33.80 16.43
CA GLY A 379 -21.00 34.41 17.37
C GLY A 379 -21.99 33.51 18.09
N PHE A 380 -21.96 32.21 17.85
CA PHE A 380 -22.89 31.29 18.51
C PHE A 380 -22.73 31.32 20.03
N GLY A 381 -23.86 31.34 20.75
CA GLY A 381 -23.85 31.19 22.19
C GLY A 381 -24.46 29.88 22.62
N PRO A 382 -24.67 29.70 23.94
CA PRO A 382 -25.22 28.46 24.49
C PRO A 382 -26.54 28.05 23.86
N ALA A 383 -27.41 29.03 23.60
CA ALA A 383 -28.69 28.75 22.98
C ALA A 383 -28.51 28.14 21.59
N GLU A 384 -27.58 28.70 20.83
CA GLU A 384 -27.30 28.20 19.49
C GLU A 384 -26.62 26.83 19.54
N ALA A 385 -25.70 26.66 20.49
CA ALA A 385 -24.99 25.39 20.65
C ALA A 385 -25.99 24.26 20.95
N GLU A 386 -26.99 24.58 21.78
CA GLU A 386 -28.02 23.61 22.13
C GLU A 386 -28.90 23.30 20.91
N GLN A 387 -29.28 24.34 20.19
CA GLN A 387 -30.04 24.19 18.95
C GLN A 387 -29.30 23.31 17.94
N VAL A 388 -27.99 23.52 17.80
CA VAL A 388 -27.18 22.75 16.85
C VAL A 388 -27.14 21.27 17.28
N GLY A 389 -27.05 21.04 18.58
CA GLY A 389 -27.06 19.68 19.11
C GLY A 389 -28.33 18.97 18.72
N ASN A 390 -29.45 19.67 18.83
CA ASN A 390 -30.75 19.10 18.52
C ASN A 390 -30.92 18.84 17.02
N LEU A 391 -30.40 19.75 16.21
CA LEU A 391 -30.43 19.58 14.76
C LEU A 391 -29.65 18.34 14.32
N ILE A 392 -28.45 18.18 14.87
CA ILE A 392 -27.64 16.99 14.61
C ILE A 392 -28.41 15.72 14.93
N ALA A 393 -29.00 15.66 16.12
CA ALA A 393 -29.77 14.51 16.56
C ALA A 393 -30.96 14.24 15.62
N ASP A 394 -31.61 15.30 15.17
CA ASP A 394 -32.71 15.16 14.21
C ASP A 394 -32.27 14.44 12.96
N VAL A 395 -31.12 14.84 12.43
CA VAL A 395 -30.57 14.18 11.24
C VAL A 395 -30.19 12.74 11.53
N LEU A 396 -29.52 12.51 12.65
CA LEU A 396 -29.04 11.17 13.00
C LEU A 396 -30.18 10.17 13.17
N GLU A 397 -31.34 10.65 13.60
CA GLU A 397 -32.48 9.76 13.84
C GLU A 397 -33.29 9.45 12.58
N ASN A 398 -33.00 10.16 11.50
CA ASN A 398 -33.65 9.91 10.21
C ASN A 398 -32.80 10.42 9.05
N PRO A 399 -31.62 9.82 8.84
CA PRO A 399 -30.59 10.41 7.97
C PRO A 399 -30.94 10.41 6.47
N GLU A 400 -31.90 9.61 6.06
CA GLU A 400 -32.27 9.54 4.64
C GLU A 400 -33.65 10.12 4.33
N ASP A 401 -34.31 10.68 5.33
CA ASP A 401 -35.63 11.29 5.11
C ASP A 401 -35.48 12.69 4.54
N ALA A 402 -35.95 12.88 3.31
CA ALA A 402 -35.82 14.14 2.60
C ALA A 402 -36.39 15.33 3.38
N ALA A 403 -37.56 15.13 3.98
CA ALA A 403 -38.23 16.18 4.73
C ALA A 403 -37.44 16.57 5.98
N THR A 404 -36.81 15.58 6.60
CA THR A 404 -35.99 15.82 7.78
C THR A 404 -34.74 16.64 7.43
N ILE A 405 -34.06 16.24 6.37
CA ILE A 405 -32.88 16.96 5.90
C ILE A 405 -33.21 18.40 5.54
N GLU A 406 -34.33 18.58 4.84
CA GLU A 406 -34.76 19.92 4.41
C GLU A 406 -35.10 20.82 5.58
N ARG A 407 -35.82 20.28 6.57
CA ARG A 407 -36.24 21.07 7.73
C ARG A 407 -35.01 21.56 8.49
N VAL A 408 -34.03 20.67 8.65
CA VAL A 408 -32.78 21.04 9.31
C VAL A 408 -32.00 22.08 8.51
N ARG A 409 -31.87 21.85 7.21
CA ARG A 409 -31.17 22.78 6.32
C ARG A 409 -31.75 24.18 6.40
N ALA A 410 -33.07 24.28 6.50
CA ALA A 410 -33.74 25.57 6.60
C ALA A 410 -33.40 26.25 7.93
N GLN A 411 -33.34 25.47 9.00
CA GLN A 411 -32.97 26.00 10.30
C GLN A 411 -31.48 26.37 10.35
N VAL A 412 -30.65 25.58 9.69
CA VAL A 412 -29.23 25.92 9.54
C VAL A 412 -29.08 27.24 8.80
N ALA A 413 -29.89 27.43 7.77
CA ALA A 413 -29.84 28.66 6.98
C ALA A 413 -30.18 29.87 7.82
N GLU A 414 -31.15 29.72 8.71
CA GLU A 414 -31.52 30.79 9.63
C GLU A 414 -30.36 31.20 10.53
N LEU A 415 -29.66 30.20 11.06
CA LEU A 415 -28.51 30.45 11.93
C LEU A 415 -27.36 31.13 11.19
N THR A 416 -27.02 30.62 10.01
CA THR A 416 -25.87 31.14 9.28
C THR A 416 -26.09 32.56 8.76
N LYS A 417 -27.31 32.86 8.33
CA LYS A 417 -27.67 34.21 7.92
C LYS A 417 -27.64 35.18 9.10
N ARG A 418 -28.14 34.72 10.25
CA ARG A 418 -28.20 35.54 11.45
C ARG A 418 -26.82 35.77 12.06
N PHE A 419 -25.91 34.82 11.84
CA PHE A 419 -24.55 34.91 12.37
C PHE A 419 -23.51 34.86 11.25
N PRO A 420 -23.35 35.96 10.52
CA PRO A 420 -22.37 35.95 9.42
C PRO A 420 -20.94 35.87 9.94
N VAL A 421 -20.06 35.26 9.16
CA VAL A 421 -18.66 35.11 9.55
C VAL A 421 -17.90 36.42 9.30
N TYR A 422 -17.89 36.84 8.04
CA TYR A 422 -17.20 38.05 7.62
C TYR A 422 -18.14 39.18 7.19
N ARG A 423 -18.09 40.30 7.90
CA ARG A 423 -18.95 41.45 7.59
C ARG A 423 -18.14 42.49 6.84
N ALA B 13 20.22 -16.80 3.57
CA ALA B 13 20.72 -15.74 4.44
C ALA B 13 20.22 -14.37 3.97
N GLN B 14 20.44 -14.09 2.70
CA GLN B 14 20.02 -12.83 2.10
C GLN B 14 18.55 -12.92 1.71
N SER B 15 18.14 -14.12 1.30
CA SER B 15 16.77 -14.35 0.87
C SER B 15 15.82 -14.68 2.02
N THR B 16 15.59 -13.69 2.88
CA THR B 16 14.54 -13.78 3.89
C THR B 16 13.38 -12.92 3.43
N ILE B 17 12.18 -13.16 3.96
CA ILE B 17 11.02 -12.38 3.56
C ILE B 17 11.23 -10.90 3.89
N ALA B 18 11.82 -10.64 5.06
CA ALA B 18 12.06 -9.27 5.51
C ALA B 18 12.97 -8.50 4.55
N ASN B 19 14.01 -9.17 4.05
CA ASN B 19 14.95 -8.56 3.13
C ASN B 19 14.40 -8.42 1.71
N VAL B 20 13.71 -9.46 1.24
CA VAL B 20 13.24 -9.51 -0.14
C VAL B 20 11.94 -8.72 -0.30
N ASP B 21 11.08 -8.80 0.70
CA ASP B 21 9.75 -8.21 0.57
C ASP B 21 9.24 -7.72 1.93
N PRO B 22 9.71 -6.53 2.35
CA PRO B 22 9.36 -5.95 3.65
C PRO B 22 7.86 -5.78 3.84
N GLU B 23 7.14 -5.40 2.78
CA GLU B 23 5.70 -5.21 2.87
C GLU B 23 4.99 -6.52 3.23
N ILE B 24 5.37 -7.61 2.58
CA ILE B 24 4.75 -8.91 2.86
C ILE B 24 5.18 -9.42 4.24
N PHE B 25 6.45 -9.21 4.58
CA PHE B 25 6.96 -9.55 5.91
C PHE B 25 6.14 -8.89 7.01
N ALA B 26 5.87 -7.60 6.84
CA ALA B 26 5.14 -6.82 7.83
C ALA B 26 3.71 -7.32 8.00
N ALA B 27 3.08 -7.69 6.89
CA ALA B 27 1.70 -8.18 6.93
C ALA B 27 1.64 -9.53 7.65
N ILE B 28 2.61 -10.38 7.38
CA ILE B 28 2.68 -11.69 8.03
C ILE B 28 2.88 -11.54 9.54
N GLU B 29 3.77 -10.63 9.93
CA GLU B 29 4.04 -10.37 11.34
C GLU B 29 2.77 -9.90 12.04
N GLN B 30 2.01 -9.04 11.37
CA GLN B 30 0.74 -8.55 11.90
C GLN B 30 -0.30 -9.65 12.01
N GLU B 31 -0.33 -10.55 11.04
CA GLU B 31 -1.25 -11.69 11.10
C GLU B 31 -0.87 -12.61 12.26
N ASN B 32 0.42 -12.81 12.47
CA ASN B 32 0.90 -13.60 13.60
C ASN B 32 0.37 -13.04 14.93
N ARG B 33 0.49 -11.72 15.08
CA ARG B 33 0.03 -11.05 16.30
C ARG B 33 -1.49 -11.11 16.42
N ARG B 34 -2.18 -10.98 15.29
CA ARG B 34 -3.63 -11.05 15.26
C ARG B 34 -4.14 -12.41 15.75
N GLN B 35 -3.48 -13.48 15.32
CA GLN B 35 -3.84 -14.83 15.73
C GLN B 35 -3.66 -15.01 17.24
N GLU B 36 -2.62 -14.39 17.79
CA GLU B 36 -2.39 -14.42 19.24
C GLU B 36 -3.46 -13.66 20.01
N ASP B 37 -3.82 -12.48 19.52
CA ASP B 37 -4.58 -11.49 20.30
C ASP B 37 -6.09 -11.66 20.28
N HIS B 38 -6.59 -12.60 19.49
CA HIS B 38 -8.02 -12.83 19.42
C HIS B 38 -8.37 -14.23 19.87
N ILE B 39 -9.50 -14.38 20.55
CA ILE B 39 -10.05 -15.69 20.81
C ILE B 39 -10.89 -16.12 19.62
N GLU B 40 -10.47 -17.22 18.99
CA GLU B 40 -11.06 -17.68 17.74
C GLU B 40 -12.11 -18.76 17.99
N LEU B 41 -13.35 -18.47 17.60
CA LEU B 41 -14.43 -19.42 17.80
C LEU B 41 -15.08 -19.81 16.47
N ILE B 42 -14.43 -19.48 15.36
CA ILE B 42 -14.92 -19.93 14.06
C ILE B 42 -14.64 -21.43 13.94
N ALA B 43 -15.70 -22.19 13.72
CA ALA B 43 -15.66 -23.64 13.89
C ALA B 43 -14.78 -24.36 12.88
N SER B 44 -14.49 -23.67 11.76
CA SER B 44 -13.68 -24.27 10.70
C SER B 44 -12.19 -23.95 10.81
N GLU B 45 -11.80 -23.17 11.81
CA GLU B 45 -10.40 -22.78 11.91
C GLU B 45 -9.67 -23.50 13.04
N ASN B 46 -8.36 -23.61 12.89
CA ASN B 46 -7.51 -24.22 13.90
C ASN B 46 -6.11 -23.62 13.83
N TYR B 47 -5.22 -24.09 14.68
CA TYR B 47 -3.83 -23.67 14.60
C TYR B 47 -2.98 -24.90 14.32
N THR B 48 -2.38 -24.97 13.14
CA THR B 48 -1.60 -26.15 12.80
C THR B 48 -0.18 -26.01 13.38
N SER B 49 0.50 -27.14 13.55
CA SER B 49 1.79 -27.17 14.24
C SER B 49 2.93 -26.59 13.41
N PRO B 50 4.00 -26.15 14.09
CA PRO B 50 5.21 -25.68 13.42
C PRO B 50 5.82 -26.72 12.48
N ALA B 51 5.70 -27.99 12.85
CA ALA B 51 6.20 -29.08 12.01
C ALA B 51 5.44 -29.15 10.70
N VAL B 52 4.13 -29.02 10.76
CA VAL B 52 3.28 -29.00 9.57
C VAL B 52 3.65 -27.82 8.67
N MET B 53 3.77 -26.64 9.27
CA MET B 53 4.15 -25.45 8.52
C MET B 53 5.53 -25.58 7.91
N ALA B 54 6.44 -26.23 8.65
CA ALA B 54 7.80 -26.42 8.17
C ALA B 54 7.81 -27.31 6.94
N ALA B 55 6.94 -28.33 6.95
CA ALA B 55 6.86 -29.25 5.82
C ALA B 55 6.40 -28.58 4.53
N GLN B 56 5.36 -27.75 4.61
CA GLN B 56 4.90 -27.09 3.38
C GLN B 56 5.74 -25.85 3.08
N GLY B 57 6.70 -25.54 3.94
CA GLY B 57 7.72 -24.55 3.62
C GLY B 57 9.01 -25.18 3.09
N SER B 58 8.94 -26.43 2.65
CA SER B 58 10.12 -27.16 2.18
C SER B 58 10.38 -27.04 0.69
N GLN B 59 11.50 -27.59 0.23
CA GLN B 59 11.89 -27.55 -1.18
C GLN B 59 11.06 -28.51 -2.04
N LEU B 60 10.15 -29.26 -1.43
CA LEU B 60 9.29 -30.17 -2.19
C LEU B 60 8.35 -29.39 -3.11
N THR B 61 8.20 -28.10 -2.85
CA THR B 61 7.48 -27.22 -3.77
C THR B 61 8.13 -27.19 -5.17
N ASN B 62 9.40 -27.57 -5.26
CA ASN B 62 10.10 -27.54 -6.54
C ASN B 62 9.82 -28.74 -7.46
N LYS B 63 9.14 -29.76 -6.95
CA LYS B 63 9.01 -31.01 -7.69
C LYS B 63 7.69 -31.19 -8.43
N TYR B 64 7.77 -31.44 -9.74
CA TYR B 64 6.62 -31.90 -10.51
C TYR B 64 6.50 -33.41 -10.41
N ALA B 65 5.38 -33.90 -9.89
CA ALA B 65 5.19 -35.32 -9.65
C ALA B 65 3.81 -35.81 -10.11
N GLU B 66 3.41 -35.42 -11.31
CA GLU B 66 2.17 -35.91 -11.90
C GLU B 66 2.13 -37.43 -11.86
N GLY B 67 0.96 -37.97 -11.52
CA GLY B 67 0.81 -39.41 -11.36
C GLY B 67 0.69 -39.79 -9.90
N TYR B 68 1.06 -41.03 -9.59
CA TYR B 68 0.93 -41.55 -8.23
C TYR B 68 2.22 -42.30 -7.86
N PRO B 69 2.43 -42.60 -6.56
CA PRO B 69 3.65 -43.29 -6.13
C PRO B 69 3.98 -44.55 -6.95
N GLY B 70 5.18 -44.60 -7.50
CA GLY B 70 5.61 -45.75 -8.29
C GLY B 70 5.05 -45.74 -9.70
N LYS B 71 4.22 -44.74 -9.98
CA LYS B 71 3.60 -44.61 -11.31
C LYS B 71 3.58 -43.14 -11.71
N ARG B 72 4.77 -42.53 -11.74
CA ARG B 72 4.89 -41.12 -12.05
C ARG B 72 5.20 -40.93 -13.52
N TYR B 73 4.89 -39.76 -14.05
CA TYR B 73 5.25 -39.44 -15.43
C TYR B 73 6.68 -38.89 -15.51
N TYR B 74 7.16 -38.29 -14.43
CA TYR B 74 8.52 -37.78 -14.44
CA TYR B 74 8.51 -37.72 -14.35
C TYR B 74 9.43 -38.62 -13.55
N GLY B 75 10.72 -38.60 -13.87
CA GLY B 75 11.70 -39.35 -13.09
C GLY B 75 12.09 -38.57 -11.84
N GLY B 76 12.88 -39.21 -10.98
CA GLY B 76 13.36 -38.55 -9.78
C GLY B 76 12.33 -38.35 -8.69
N CYS B 77 11.27 -39.16 -8.69
CA CYS B 77 10.21 -39.02 -7.69
C CYS B 77 10.32 -40.00 -6.53
N GLU B 78 11.49 -40.63 -6.37
CA GLU B 78 11.67 -41.66 -5.34
C GLU B 78 11.33 -41.20 -3.93
N TYR B 79 11.71 -39.97 -3.60
CA TYR B 79 11.54 -39.45 -2.25
C TYR B 79 10.17 -38.81 -2.02
N VAL B 80 9.62 -38.15 -3.04
CA VAL B 80 8.26 -37.65 -2.92
C VAL B 80 7.27 -38.80 -2.94
N ASP B 81 7.66 -39.93 -3.54
CA ASP B 81 6.85 -41.14 -3.49
C ASP B 81 6.72 -41.65 -2.06
N VAL B 82 7.82 -41.62 -1.32
CA VAL B 82 7.82 -42.06 0.08
C VAL B 82 6.88 -41.17 0.87
N VAL B 83 6.99 -39.86 0.64
CA VAL B 83 6.14 -38.88 1.28
C VAL B 83 4.66 -39.13 1.02
N GLU B 84 4.28 -39.27 -0.25
CA GLU B 84 2.88 -39.44 -0.59
C GLU B 84 2.31 -40.75 -0.06
N GLN B 85 3.09 -41.83 -0.13
CA GLN B 85 2.61 -43.14 0.33
C GLN B 85 2.42 -43.15 1.84
N LEU B 86 3.28 -42.46 2.58
CA LEU B 86 3.11 -42.31 4.02
C LEU B 86 1.81 -41.58 4.32
N ALA B 87 1.51 -40.54 3.54
CA ALA B 87 0.28 -39.78 3.72
C ALA B 87 -0.93 -40.67 3.45
N ILE B 88 -0.86 -41.44 2.38
CA ILE B 88 -1.95 -42.37 2.04
C ILE B 88 -2.15 -43.43 3.12
N ASP B 89 -1.08 -44.11 3.51
CA ASP B 89 -1.17 -45.20 4.48
C ASP B 89 -1.65 -44.72 5.84
N ARG B 90 -1.19 -43.55 6.26
CA ARG B 90 -1.55 -43.02 7.56
C ARG B 90 -3.02 -42.59 7.61
N VAL B 91 -3.49 -41.94 6.55
CA VAL B 91 -4.88 -41.51 6.53
C VAL B 91 -5.82 -42.71 6.41
N LYS B 92 -5.39 -43.76 5.69
CA LYS B 92 -6.16 -45.01 5.64
C LYS B 92 -6.26 -45.59 7.04
N GLN B 93 -5.17 -45.52 7.79
CA GLN B 93 -5.12 -46.06 9.15
C GLN B 93 -5.98 -45.24 10.11
N LEU B 94 -5.95 -43.92 9.96
CA LEU B 94 -6.73 -43.03 10.83
C LEU B 94 -8.21 -43.35 10.78
N PHE B 95 -8.72 -43.64 9.58
CA PHE B 95 -10.17 -43.77 9.40
C PHE B 95 -10.62 -45.18 8.99
N GLY B 96 -9.68 -46.11 8.85
CA GLY B 96 -10.00 -47.46 8.43
C GLY B 96 -10.52 -47.50 7.00
N ALA B 97 -10.00 -46.64 6.14
CA ALA B 97 -10.46 -46.55 4.76
C ALA B 97 -9.75 -47.59 3.91
N GLU B 98 -10.44 -48.11 2.90
CA GLU B 98 -9.86 -49.11 2.00
C GLU B 98 -8.84 -48.48 1.05
N ALA B 99 -9.07 -47.23 0.70
CA ALA B 99 -8.16 -46.52 -0.19
C ALA B 99 -8.26 -45.02 0.04
N ALA B 100 -7.27 -44.27 -0.44
CA ALA B 100 -7.22 -42.84 -0.25
C ALA B 100 -6.48 -42.13 -1.37
N ASN B 101 -6.88 -40.89 -1.62
CA ASN B 101 -6.17 -40.00 -2.51
C ASN B 101 -5.86 -38.70 -1.75
N VAL B 102 -4.57 -38.42 -1.58
CA VAL B 102 -4.16 -37.28 -0.74
C VAL B 102 -3.74 -36.08 -1.59
N GLN B 103 -3.95 -36.15 -2.90
CA GLN B 103 -3.60 -35.04 -3.79
C GLN B 103 -4.58 -33.85 -3.91
N PRO B 104 -5.87 -33.98 -3.49
CA PRO B 104 -6.74 -32.82 -3.71
C PRO B 104 -6.23 -31.50 -3.11
N ASN B 105 -6.27 -30.43 -3.90
CA ASN B 105 -5.73 -29.14 -3.51
C ASN B 105 -6.55 -28.47 -2.42
N SER B 106 -7.78 -28.95 -2.24
CA SER B 106 -8.70 -28.37 -1.28
C SER B 106 -9.85 -29.32 -1.04
N GLY B 107 -10.72 -28.97 -0.09
CA GLY B 107 -11.95 -29.71 0.14
C GLY B 107 -12.87 -29.66 -1.07
N SER B 108 -12.95 -28.51 -1.71
CA SER B 108 -13.76 -28.34 -2.91
C SER B 108 -13.30 -29.27 -4.03
N GLN B 109 -11.99 -29.36 -4.25
CA GLN B 109 -11.45 -30.24 -5.30
C GLN B 109 -11.65 -31.71 -4.93
N ALA B 110 -11.61 -32.01 -3.63
CA ALA B 110 -11.92 -33.36 -3.18
C ALA B 110 -13.33 -33.72 -3.59
N ASN B 111 -14.27 -32.81 -3.34
CA ASN B 111 -15.67 -33.04 -3.70
C ASN B 111 -15.83 -33.12 -5.21
N GLN B 112 -15.13 -32.24 -5.93
CA GLN B 112 -15.18 -32.23 -7.39
C GLN B 112 -14.60 -33.50 -8.00
N GLY B 113 -13.59 -34.07 -7.34
CA GLY B 113 -13.00 -35.32 -7.78
C GLY B 113 -13.99 -36.47 -7.79
N VAL B 114 -14.76 -36.59 -6.71
CA VAL B 114 -15.81 -37.60 -6.63
C VAL B 114 -16.86 -37.38 -7.72
N PHE B 115 -17.29 -36.13 -7.86
CA PHE B 115 -18.30 -35.77 -8.85
C PHE B 115 -17.84 -36.08 -10.27
N PHE B 116 -16.60 -35.75 -10.59
CA PHE B 116 -16.05 -36.00 -11.91
C PHE B 116 -15.90 -37.50 -12.18
N ALA B 117 -15.53 -38.25 -11.13
CA ALA B 117 -15.35 -39.70 -11.26
C ALA B 117 -16.66 -40.44 -11.52
N MET B 118 -17.71 -40.03 -10.83
CA MET B 118 -18.92 -40.86 -10.74
C MET B 118 -20.10 -40.28 -11.52
N LEU B 119 -20.03 -39.01 -11.88
CA LEU B 119 -21.20 -38.34 -12.44
C LEU B 119 -20.93 -37.72 -13.81
N LYS B 120 -22.02 -37.42 -14.52
CA LYS B 120 -21.99 -36.66 -15.75
C LYS B 120 -22.84 -35.41 -15.54
N PRO B 121 -22.49 -34.30 -16.21
CA PRO B 121 -23.28 -33.06 -16.11
C PRO B 121 -24.77 -33.30 -16.32
N GLY B 122 -25.61 -32.72 -15.46
CA GLY B 122 -27.04 -32.91 -15.56
C GLY B 122 -27.59 -33.97 -14.64
N ASP B 123 -26.71 -34.83 -14.10
CA ASP B 123 -27.14 -35.88 -13.18
C ASP B 123 -27.80 -35.29 -11.93
N THR B 124 -28.67 -36.07 -11.31
CA THR B 124 -29.36 -35.65 -10.10
C THR B 124 -28.59 -36.08 -8.86
N ILE B 125 -28.39 -35.13 -7.94
CA ILE B 125 -27.76 -35.43 -6.66
C ILE B 125 -28.61 -34.95 -5.51
N MET B 126 -28.39 -35.54 -4.33
CA MET B 126 -29.03 -35.09 -3.11
C MET B 126 -27.97 -34.60 -2.14
N GLY B 127 -28.24 -33.47 -1.48
CA GLY B 127 -27.34 -32.95 -0.47
C GLY B 127 -28.09 -32.24 0.63
N MET B 128 -27.42 -31.98 1.74
CA MET B 128 -28.04 -31.23 2.83
C MET B 128 -28.17 -29.78 2.42
N SER B 129 -29.33 -29.19 2.69
CA SER B 129 -29.63 -27.85 2.23
C SER B 129 -28.71 -26.83 2.92
N LEU B 130 -28.28 -25.82 2.17
CA LEU B 130 -27.43 -24.78 2.70
C LEU B 130 -28.11 -24.01 3.84
N ALA B 131 -29.40 -23.77 3.68
CA ALA B 131 -30.20 -23.08 4.69
C ALA B 131 -30.15 -23.79 6.05
N HIS B 132 -29.97 -25.11 6.03
CA HIS B 132 -29.99 -25.89 7.26
C HIS B 132 -28.61 -26.46 7.64
N GLY B 133 -27.55 -25.91 7.06
CA GLY B 133 -26.21 -26.24 7.50
C GLY B 133 -25.36 -27.02 6.52
N GLY B 134 -25.89 -27.26 5.32
CA GLY B 134 -25.11 -27.90 4.27
C GLY B 134 -24.10 -26.94 3.69
N HIS B 135 -23.11 -27.47 2.97
CA HIS B 135 -22.04 -26.65 2.42
C HIS B 135 -22.29 -26.24 0.97
N LEU B 136 -21.63 -25.15 0.57
CA LEU B 136 -21.60 -24.64 -0.81
C LEU B 136 -21.44 -25.75 -1.85
N THR B 137 -20.51 -26.66 -1.60
CA THR B 137 -20.17 -27.70 -2.55
C THR B 137 -21.15 -28.87 -2.53
N HIS B 138 -22.23 -28.73 -1.76
CA HIS B 138 -23.23 -29.78 -1.65
C HIS B 138 -24.49 -29.44 -2.45
N GLY B 139 -24.35 -28.53 -3.41
CA GLY B 139 -25.43 -28.26 -4.35
C GLY B 139 -25.89 -26.82 -4.48
N SER B 140 -25.09 -25.87 -4.00
CA SER B 140 -25.40 -24.46 -4.20
C SER B 140 -25.42 -24.11 -5.69
N PRO B 141 -26.44 -23.34 -6.13
CA PRO B 141 -26.59 -23.02 -7.57
C PRO B 141 -25.51 -22.08 -8.12
N VAL B 142 -24.74 -21.44 -7.26
CA VAL B 142 -23.62 -20.61 -7.71
C VAL B 142 -22.30 -21.38 -7.61
N ASN B 143 -22.38 -22.62 -7.16
CA ASN B 143 -21.22 -23.51 -7.09
C ASN B 143 -21.31 -24.51 -8.23
N MET B 144 -20.18 -25.11 -8.61
CA MET B 144 -20.18 -26.12 -9.67
C MET B 144 -21.19 -27.24 -9.38
N SER B 145 -21.22 -27.68 -8.13
CA SER B 145 -22.10 -28.75 -7.70
C SER B 145 -23.57 -28.49 -8.00
N GLY B 146 -23.98 -27.23 -7.92
CA GLY B 146 -25.38 -26.89 -8.16
C GLY B 146 -25.70 -26.32 -9.52
N LYS B 147 -24.70 -25.74 -10.18
CA LYS B 147 -24.93 -25.16 -11.50
C LYS B 147 -24.93 -26.21 -12.62
N TRP B 148 -24.06 -27.22 -12.48
CA TRP B 148 -23.88 -28.20 -13.54
C TRP B 148 -24.57 -29.52 -13.24
N PHE B 149 -25.29 -29.57 -12.13
CA PHE B 149 -26.03 -30.77 -11.74
C PHE B 149 -27.42 -30.42 -11.23
N ASN B 150 -28.33 -31.38 -11.33
CA ASN B 150 -29.68 -31.18 -10.80
C ASN B 150 -29.70 -31.54 -9.32
N VAL B 151 -29.98 -30.55 -8.48
CA VAL B 151 -29.85 -30.75 -7.03
C VAL B 151 -31.18 -30.83 -6.31
N VAL B 152 -31.33 -31.87 -5.50
CA VAL B 152 -32.47 -32.02 -4.61
C VAL B 152 -31.92 -31.98 -3.19
N SER B 153 -32.46 -31.13 -2.35
CA SER B 153 -31.91 -30.93 -1.01
CA SER B 153 -31.91 -30.94 -1.01
C SER B 153 -32.84 -31.44 0.09
N TYR B 154 -32.24 -31.95 1.16
CA TYR B 154 -32.98 -32.37 2.34
C TYR B 154 -32.50 -31.57 3.53
N GLY B 155 -33.35 -31.43 4.54
CA GLY B 155 -33.01 -30.58 5.68
C GLY B 155 -33.36 -31.18 7.02
N LEU B 156 -33.67 -30.29 7.97
CA LEU B 156 -33.97 -30.69 9.34
C LEU B 156 -35.47 -30.88 9.55
N ASN B 157 -35.83 -31.62 10.60
CA ASN B 157 -37.21 -31.74 11.01
C ASN B 157 -37.56 -30.69 12.07
N GLU B 158 -38.74 -30.84 12.68
CA GLU B 158 -39.21 -29.90 13.70
C GLU B 158 -38.29 -29.87 14.92
N ASN B 159 -37.62 -30.99 15.20
CA ASN B 159 -36.71 -31.07 16.33
C ASN B 159 -35.31 -30.57 16.00
N GLU B 160 -35.15 -30.03 14.78
CA GLU B 160 -33.87 -29.55 14.28
C GLU B 160 -32.79 -30.65 14.26
N ASP B 161 -33.24 -31.88 14.02
CA ASP B 161 -32.35 -32.98 13.70
C ASP B 161 -32.55 -33.27 12.21
N ILE B 162 -31.67 -34.07 11.61
CA ILE B 162 -31.83 -34.38 10.19
C ILE B 162 -33.12 -35.16 9.98
N ASP B 163 -33.87 -34.80 8.95
CA ASP B 163 -35.16 -35.43 8.69
C ASP B 163 -34.98 -36.64 7.77
N TYR B 164 -34.63 -37.78 8.36
CA TYR B 164 -34.28 -38.98 7.61
C TYR B 164 -35.45 -39.56 6.83
N ASP B 165 -36.64 -39.50 7.41
CA ASP B 165 -37.85 -39.93 6.72
C ASP B 165 -38.09 -39.11 5.45
N ALA B 166 -37.97 -37.79 5.57
CA ALA B 166 -38.13 -36.90 4.43
C ALA B 166 -37.06 -37.15 3.36
N ALA B 167 -35.83 -37.38 3.80
CA ALA B 167 -34.72 -37.68 2.90
C ALA B 167 -34.98 -38.95 2.10
N GLU B 168 -35.50 -39.97 2.79
CA GLU B 168 -35.85 -41.24 2.17
C GLU B 168 -36.92 -41.06 1.09
N LYS B 169 -37.94 -40.27 1.40
CA LYS B 169 -39.02 -39.99 0.45
C LYS B 169 -38.48 -39.28 -0.79
N LEU B 170 -37.63 -38.28 -0.57
CA LEU B 170 -37.02 -37.52 -1.67
C LEU B 170 -36.15 -38.40 -2.53
N ALA B 171 -35.38 -39.29 -1.90
CA ALA B 171 -34.53 -40.22 -2.62
C ALA B 171 -35.34 -41.10 -3.56
N ASN B 172 -36.43 -41.66 -3.05
CA ASN B 172 -37.30 -42.51 -3.86
C ASN B 172 -37.97 -41.75 -5.00
N GLU B 173 -38.42 -40.53 -4.73
CA GLU B 173 -39.08 -39.72 -5.73
C GLU B 173 -38.16 -39.27 -6.87
N HIS B 174 -36.94 -38.86 -6.54
CA HIS B 174 -36.07 -38.23 -7.54
C HIS B 174 -34.95 -39.13 -8.07
N LYS B 175 -34.72 -40.26 -7.41
CA LYS B 175 -33.72 -41.23 -7.84
C LYS B 175 -32.34 -40.62 -8.07
N PRO B 176 -31.75 -40.01 -7.04
CA PRO B 176 -30.42 -39.40 -7.22
C PRO B 176 -29.35 -40.44 -7.54
N LYS B 177 -28.41 -40.08 -8.41
CA LYS B 177 -27.28 -40.92 -8.71
C LYS B 177 -26.31 -40.96 -7.52
N LEU B 178 -26.31 -39.87 -6.76
CA LEU B 178 -25.41 -39.73 -5.64
C LEU B 178 -26.03 -38.91 -4.51
N ILE B 179 -25.84 -39.36 -3.28
CA ILE B 179 -26.34 -38.63 -2.11
C ILE B 179 -25.17 -38.11 -1.29
N VAL B 180 -25.20 -36.81 -1.01
CA VAL B 180 -24.19 -36.19 -0.18
C VAL B 180 -24.71 -35.95 1.23
N ALA B 181 -23.88 -36.29 2.21
CA ALA B 181 -24.17 -35.99 3.60
C ALA B 181 -22.97 -35.31 4.22
N GLY B 182 -23.17 -34.69 5.37
CA GLY B 182 -22.15 -33.86 5.99
C GLY B 182 -22.62 -32.43 6.02
N ALA B 183 -21.92 -31.60 6.78
CA ALA B 183 -22.41 -30.26 7.06
C ALA B 183 -21.31 -29.34 7.55
N SER B 184 -21.56 -28.04 7.43
CA SER B 184 -20.64 -27.02 7.91
CA SER B 184 -20.64 -27.02 7.91
C SER B 184 -21.13 -26.46 9.24
N ALA B 185 -22.43 -26.61 9.49
CA ALA B 185 -23.04 -26.09 10.70
C ALA B 185 -24.14 -27.00 11.22
N PHE B 186 -23.74 -28.15 11.77
CA PHE B 186 -24.69 -29.07 12.39
C PHE B 186 -24.05 -29.73 13.61
N ALA B 187 -24.72 -29.59 14.76
CA ALA B 187 -24.12 -29.92 16.05
C ALA B 187 -24.25 -31.38 16.44
N LEU B 188 -25.20 -32.10 15.84
CA LEU B 188 -25.48 -33.47 16.28
C LEU B 188 -24.69 -34.52 15.52
N LYS B 189 -24.70 -35.73 16.05
CA LYS B 189 -24.14 -36.89 15.35
C LYS B 189 -25.04 -37.20 14.15
N ILE B 190 -24.44 -37.39 12.99
CA ILE B 190 -25.20 -37.75 11.80
C ILE B 190 -25.27 -39.27 11.68
N ASP B 191 -26.44 -39.79 11.32
CA ASP B 191 -26.64 -41.23 11.24
C ASP B 191 -26.24 -41.75 9.86
N PHE B 192 -24.95 -41.99 9.68
CA PHE B 192 -24.41 -42.45 8.40
C PHE B 192 -24.93 -43.81 7.96
N GLU B 193 -25.15 -44.70 8.93
CA GLU B 193 -25.68 -46.03 8.62
C GLU B 193 -27.08 -45.94 8.00
N ARG B 194 -27.92 -45.09 8.56
CA ARG B 194 -29.27 -44.88 8.05
CA ARG B 194 -29.27 -44.90 8.03
C ARG B 194 -29.26 -44.25 6.65
N LEU B 195 -28.33 -43.32 6.43
CA LEU B 195 -28.18 -42.70 5.12
C LEU B 195 -27.64 -43.68 4.09
N ALA B 196 -26.80 -44.61 4.54
CA ALA B 196 -26.27 -45.64 3.66
C ALA B 196 -27.38 -46.58 3.18
N LYS B 197 -28.28 -46.93 4.09
CA LYS B 197 -29.42 -47.79 3.79
C LYS B 197 -30.34 -47.12 2.77
N ILE B 198 -30.62 -45.83 2.99
CA ILE B 198 -31.42 -45.04 2.05
C ILE B 198 -30.79 -45.00 0.65
N ALA B 199 -29.48 -44.74 0.60
CA ALA B 199 -28.76 -44.68 -0.67
C ALA B 199 -28.79 -46.01 -1.42
N LYS B 200 -28.48 -47.10 -0.72
CA LYS B 200 -28.50 -48.43 -1.30
C LYS B 200 -29.88 -48.80 -1.84
N SER B 201 -30.92 -48.37 -1.12
CA SER B 201 -32.29 -48.71 -1.47
C SER B 201 -32.74 -48.12 -2.82
N VAL B 202 -32.09 -47.03 -3.25
CA VAL B 202 -32.39 -46.45 -4.55
C VAL B 202 -31.22 -46.57 -5.51
N GLY B 203 -30.22 -47.37 -5.14
CA GLY B 203 -29.05 -47.59 -5.97
C GLY B 203 -28.16 -46.37 -6.14
N ALA B 204 -28.19 -45.47 -5.15
CA ALA B 204 -27.34 -44.27 -5.19
C ALA B 204 -26.01 -44.48 -4.47
N TYR B 205 -25.00 -43.73 -4.88
CA TYR B 205 -23.75 -43.67 -4.12
C TYR B 205 -23.96 -42.81 -2.89
N LEU B 206 -23.25 -43.13 -1.80
CA LEU B 206 -23.22 -42.24 -0.65
C LEU B 206 -21.84 -41.60 -0.52
N MET B 207 -21.82 -40.28 -0.56
CA MET B 207 -20.62 -39.51 -0.32
C MET B 207 -20.78 -38.69 0.95
N VAL B 208 -19.89 -38.88 1.91
CA VAL B 208 -19.94 -38.10 3.13
C VAL B 208 -18.79 -37.11 3.18
N ASP B 209 -19.13 -35.84 3.37
CA ASP B 209 -18.15 -34.79 3.52
C ASP B 209 -17.97 -34.52 5.01
N MET B 210 -16.90 -35.08 5.58
CA MET B 210 -16.68 -35.02 7.02
C MET B 210 -15.68 -33.93 7.42
N ALA B 211 -15.45 -32.98 6.52
CA ALA B 211 -14.47 -31.91 6.72
C ALA B 211 -14.44 -31.34 8.15
N HIS B 212 -15.61 -30.97 8.66
CA HIS B 212 -15.69 -30.37 9.99
C HIS B 212 -15.43 -31.36 11.13
N TYR B 213 -15.81 -32.62 10.93
CA TYR B 213 -15.81 -33.60 12.01
C TYR B 213 -14.61 -34.53 11.98
N ALA B 214 -13.80 -34.42 10.92
CA ALA B 214 -12.75 -35.39 10.63
C ALA B 214 -11.81 -35.66 11.79
N GLY B 215 -11.41 -34.61 12.50
CA GLY B 215 -10.53 -34.76 13.64
C GLY B 215 -11.18 -35.50 14.79
N LEU B 216 -12.46 -35.22 15.02
CA LEU B 216 -13.24 -35.91 16.05
C LEU B 216 -13.43 -37.38 15.71
N ILE B 217 -13.70 -37.66 14.43
CA ILE B 217 -13.87 -39.03 13.96
C ILE B 217 -12.57 -39.81 14.12
N ALA B 218 -11.46 -39.20 13.76
CA ALA B 218 -10.15 -39.83 13.90
C ALA B 218 -9.89 -40.26 15.35
N ALA B 219 -10.36 -39.45 16.29
CA ALA B 219 -10.18 -39.72 17.72
C ALA B 219 -11.28 -40.59 18.31
N GLY B 220 -12.30 -40.90 17.53
CA GLY B 220 -13.35 -41.81 17.98
C GLY B 220 -14.44 -41.19 18.82
N VAL B 221 -14.56 -39.86 18.77
CA VAL B 221 -15.55 -39.15 19.59
C VAL B 221 -16.69 -38.61 18.73
N TYR B 222 -16.72 -39.05 17.48
CA TYR B 222 -17.81 -38.75 16.56
C TYR B 222 -17.88 -39.93 15.59
N PRO B 223 -19.09 -40.32 15.18
CA PRO B 223 -19.21 -41.56 14.39
C PRO B 223 -18.49 -41.49 13.06
N ASN B 224 -17.93 -42.62 12.65
CA ASN B 224 -17.14 -42.74 11.43
C ASN B 224 -18.02 -43.13 10.25
N PRO B 225 -18.04 -42.30 9.20
CA PRO B 225 -18.86 -42.64 8.03
C PRO B 225 -18.19 -43.65 7.09
N VAL B 226 -16.89 -43.87 7.27
CA VAL B 226 -16.10 -44.68 6.34
C VAL B 226 -16.63 -46.13 6.17
N PRO B 227 -17.05 -46.79 7.26
CA PRO B 227 -17.58 -48.13 6.99
C PRO B 227 -18.91 -48.13 6.22
N HIS B 228 -19.56 -46.97 6.12
CA HIS B 228 -20.90 -46.92 5.54
C HIS B 228 -20.96 -46.23 4.18
N ALA B 229 -19.96 -45.41 3.87
CA ALA B 229 -20.03 -44.60 2.64
C ALA B 229 -19.14 -45.16 1.53
N ASP B 230 -19.56 -44.91 0.30
CA ASP B 230 -18.74 -45.24 -0.87
C ASP B 230 -17.54 -44.31 -0.95
N PHE B 231 -17.79 -43.05 -0.63
CA PHE B 231 -16.77 -42.02 -0.68
C PHE B 231 -16.86 -41.15 0.57
N VAL B 232 -15.71 -40.81 1.14
CA VAL B 232 -15.67 -39.86 2.24
C VAL B 232 -14.64 -38.80 1.92
N THR B 233 -15.10 -37.55 1.80
CA THR B 233 -14.21 -36.45 1.51
C THR B 233 -13.97 -35.64 2.76
N THR B 234 -12.85 -34.92 2.78
CA THR B 234 -12.52 -34.07 3.92
C THR B 234 -11.48 -33.02 3.55
N THR B 235 -11.45 -31.96 4.34
CA THR B 235 -10.33 -31.04 4.35
C THR B 235 -9.31 -31.55 5.34
N THR B 236 -8.06 -31.10 5.21
CA THR B 236 -7.06 -31.51 6.18
C THR B 236 -6.80 -30.42 7.22
N HIS B 237 -7.41 -29.24 7.04
CA HIS B 237 -7.10 -28.10 7.91
C HIS B 237 -8.08 -27.75 9.04
N LYS B 238 -9.21 -28.43 9.16
CA LYS B 238 -10.15 -28.05 10.22
C LYS B 238 -9.87 -28.79 11.53
N SER B 239 -10.80 -29.65 11.96
CA SER B 239 -10.61 -30.37 13.22
C SER B 239 -9.45 -31.36 13.14
N LEU B 240 -9.08 -31.73 11.91
CA LEU B 240 -7.92 -32.59 11.69
C LEU B 240 -6.60 -31.86 11.99
N ARG B 241 -6.69 -30.52 12.01
CA ARG B 241 -5.59 -29.63 12.44
C ARG B 241 -4.34 -29.70 11.56
N GLY B 242 -4.53 -29.99 10.28
CA GLY B 242 -3.40 -30.08 9.36
C GLY B 242 -3.28 -28.88 8.46
N PRO B 243 -2.53 -29.02 7.36
CA PRO B 243 -2.38 -27.94 6.38
C PRO B 243 -3.65 -27.77 5.56
N ARG B 244 -3.70 -26.70 4.77
CA ARG B 244 -4.86 -26.45 3.93
CA ARG B 244 -4.86 -26.46 3.91
C ARG B 244 -4.79 -27.33 2.68
N GLY B 245 -5.83 -28.15 2.48
CA GLY B 245 -5.87 -29.06 1.36
C GLY B 245 -7.00 -30.07 1.52
N GLY B 246 -7.09 -31.01 0.59
CA GLY B 246 -8.15 -32.00 0.65
C GLY B 246 -7.70 -33.44 0.59
N VAL B 247 -8.62 -34.35 0.88
CA VAL B 247 -8.40 -35.80 0.80
C VAL B 247 -9.70 -36.49 0.35
N ILE B 248 -9.57 -37.53 -0.46
CA ILE B 248 -10.71 -38.41 -0.74
C ILE B 248 -10.45 -39.80 -0.16
N LEU B 249 -11.39 -40.31 0.63
CA LEU B 249 -11.35 -41.71 1.04
C LEU B 249 -12.40 -42.45 0.22
N MET B 250 -12.07 -43.64 -0.27
CA MET B 250 -13.00 -44.40 -1.06
C MET B 250 -12.82 -45.90 -0.90
N LYS B 251 -13.91 -46.64 -1.10
CA LYS B 251 -13.84 -48.10 -1.18
C LYS B 251 -12.94 -48.49 -2.34
N ALA B 252 -12.23 -49.61 -2.16
CA ALA B 252 -11.24 -50.08 -3.13
C ALA B 252 -11.79 -50.21 -4.55
N GLU B 253 -13.06 -50.60 -4.67
CA GLU B 253 -13.65 -50.79 -5.98
C GLU B 253 -13.75 -49.48 -6.77
N TYR B 254 -13.68 -48.34 -6.07
CA TYR B 254 -13.72 -47.05 -6.74
C TYR B 254 -12.35 -46.37 -6.78
N GLU B 255 -11.31 -47.12 -6.45
CA GLU B 255 -9.96 -46.59 -6.39
C GLU B 255 -9.48 -46.02 -7.73
N LYS B 256 -9.64 -46.80 -8.79
CA LYS B 256 -9.18 -46.39 -10.12
C LYS B 256 -9.94 -45.16 -10.68
N PRO B 257 -11.29 -45.17 -10.62
CA PRO B 257 -11.94 -43.95 -11.15
C PRO B 257 -11.62 -42.69 -10.34
N ILE B 258 -11.50 -42.81 -9.03
CA ILE B 258 -11.21 -41.65 -8.18
C ILE B 258 -9.83 -41.09 -8.48
N ASN B 259 -8.83 -41.98 -8.56
CA ASN B 259 -7.47 -41.57 -8.83
C ASN B 259 -7.35 -40.94 -10.24
N SER B 260 -8.06 -41.51 -11.20
CA SER B 260 -8.08 -40.98 -12.56
C SER B 260 -8.76 -39.61 -12.62
N ALA B 261 -9.77 -39.42 -11.80
CA ALA B 261 -10.52 -38.17 -11.75
C ALA B 261 -9.66 -37.03 -11.20
N ILE B 262 -8.87 -37.31 -10.18
CA ILE B 262 -7.98 -36.28 -9.63
C ILE B 262 -6.87 -35.96 -10.62
N PHE B 263 -6.24 -36.98 -11.17
CA PHE B 263 -5.29 -36.80 -12.26
C PHE B 263 -5.39 -37.97 -13.24
N PRO B 264 -5.53 -37.67 -14.54
CA PRO B 264 -5.44 -36.35 -15.16
C PRO B 264 -6.77 -35.59 -15.25
N GLY B 265 -7.77 -35.99 -14.48
CA GLY B 265 -9.10 -35.43 -14.62
C GLY B 265 -9.28 -33.95 -14.30
N ILE B 266 -8.92 -33.51 -13.09
CA ILE B 266 -9.19 -32.13 -12.68
C ILE B 266 -7.99 -31.40 -12.08
N GLN B 267 -6.91 -32.11 -11.83
CA GLN B 267 -5.72 -31.47 -11.31
C GLN B 267 -4.51 -31.84 -12.17
N GLY B 268 -3.39 -31.17 -11.92
CA GLY B 268 -2.14 -31.50 -12.59
C GLY B 268 -1.14 -31.99 -11.56
N GLY B 269 0.00 -31.30 -11.46
CA GLY B 269 1.01 -31.65 -10.49
C GLY B 269 0.51 -31.44 -9.06
N PRO B 270 0.64 -32.47 -8.21
CA PRO B 270 0.25 -32.33 -6.80
C PRO B 270 1.19 -31.40 -6.04
N LEU B 271 0.70 -30.83 -4.95
CA LEU B 271 1.52 -29.99 -4.09
C LEU B 271 2.27 -30.87 -3.10
N MET B 272 3.47 -31.31 -3.46
CA MET B 272 4.16 -32.33 -2.68
C MET B 272 4.60 -31.80 -1.32
N HIS B 273 4.95 -30.52 -1.25
CA HIS B 273 5.24 -29.89 0.03
C HIS B 273 4.02 -29.89 0.97
N VAL B 274 2.83 -29.66 0.42
CA VAL B 274 1.61 -29.69 1.23
C VAL B 274 1.27 -31.14 1.62
N ILE B 275 1.52 -32.07 0.71
CA ILE B 275 1.26 -33.48 0.99
C ILE B 275 2.18 -33.99 2.10
N ALA B 276 3.43 -33.54 2.09
CA ALA B 276 4.34 -33.83 3.20
C ALA B 276 3.77 -33.28 4.50
N ALA B 277 3.20 -32.08 4.43
CA ALA B 277 2.58 -31.47 5.60
C ALA B 277 1.37 -32.28 6.06
N LYS B 278 0.62 -32.83 5.10
CA LYS B 278 -0.50 -33.70 5.43
C LYS B 278 -0.03 -34.94 6.18
N ALA B 279 1.04 -35.57 5.69
CA ALA B 279 1.61 -36.76 6.33
C ALA B 279 2.00 -36.47 7.77
N VAL B 280 2.63 -35.32 7.99
CA VAL B 280 3.03 -34.91 9.34
C VAL B 280 1.80 -34.75 10.23
N ALA B 281 0.77 -34.11 9.69
CA ALA B 281 -0.48 -33.91 10.42
C ALA B 281 -1.17 -35.23 10.75
N PHE B 282 -1.07 -36.19 9.84
CA PHE B 282 -1.68 -37.51 10.05
C PHE B 282 -0.93 -38.27 11.13
N LYS B 283 0.39 -38.14 11.12
CA LYS B 283 1.23 -38.73 12.17
C LYS B 283 0.83 -38.18 13.53
N GLU B 284 0.63 -36.87 13.61
CA GLU B 284 0.17 -36.22 14.84
C GLU B 284 -1.22 -36.72 15.25
N ALA B 285 -2.10 -36.88 14.26
CA ALA B 285 -3.46 -37.32 14.51
C ALA B 285 -3.54 -38.77 15.00
N LEU B 286 -2.51 -39.56 14.71
CA LEU B 286 -2.47 -40.95 15.15
C LEU B 286 -2.02 -41.10 16.61
N SER B 287 -1.57 -40.00 17.21
CA SER B 287 -1.00 -40.05 18.55
C SER B 287 -2.07 -40.04 19.63
N PRO B 288 -1.75 -40.57 20.82
CA PRO B 288 -2.68 -40.51 21.96
C PRO B 288 -2.97 -39.07 22.38
N GLU B 289 -2.02 -38.16 22.16
CA GLU B 289 -2.22 -36.76 22.50
C GLU B 289 -3.37 -36.15 21.71
N PHE B 290 -3.55 -36.61 20.48
CA PHE B 290 -4.57 -36.07 19.59
C PHE B 290 -5.96 -36.51 20.02
N LYS B 291 -6.06 -37.77 20.47
CA LYS B 291 -7.30 -38.28 21.02
C LYS B 291 -7.71 -37.47 22.24
N GLU B 292 -6.73 -37.19 23.10
CA GLU B 292 -6.95 -36.37 24.28
C GLU B 292 -7.38 -34.94 23.91
N TYR B 293 -6.74 -34.39 22.89
CA TYR B 293 -7.13 -33.08 22.36
C TYR B 293 -8.59 -33.05 21.96
N GLN B 294 -9.02 -34.04 21.19
CA GLN B 294 -10.38 -34.06 20.66
C GLN B 294 -11.42 -34.35 21.75
N GLN B 295 -11.02 -35.08 22.79
CA GLN B 295 -11.89 -35.25 23.95
C GLN B 295 -12.13 -33.90 24.60
N LYS B 296 -11.09 -33.07 24.65
CA LYS B 296 -11.20 -31.72 25.21
C LYS B 296 -12.04 -30.82 24.32
N VAL B 297 -11.91 -31.01 23.01
CA VAL B 297 -12.69 -30.25 22.02
C VAL B 297 -14.19 -30.45 22.24
N VAL B 298 -14.60 -31.71 22.36
CA VAL B 298 -16.00 -32.05 22.60
C VAL B 298 -16.47 -31.53 23.96
N GLU B 299 -15.64 -31.72 24.98
CA GLU B 299 -15.96 -31.22 26.32
C GLU B 299 -16.11 -29.70 26.34
N ASN B 300 -15.15 -28.98 25.75
CA ASN B 300 -15.20 -27.52 25.74
C ASN B 300 -16.42 -26.99 24.99
N ALA B 301 -16.80 -27.67 23.91
CA ALA B 301 -17.98 -27.31 23.14
C ALA B 301 -19.25 -27.46 23.97
N ARG B 302 -19.36 -28.58 24.68
CA ARG B 302 -20.54 -28.84 25.51
CA ARG B 302 -20.54 -28.84 25.52
C ARG B 302 -20.66 -27.79 26.62
N VAL B 303 -19.54 -27.52 27.28
CA VAL B 303 -19.49 -26.55 28.37
C VAL B 303 -19.83 -25.14 27.86
N LEU B 304 -19.33 -24.79 26.68
CA LEU B 304 -19.65 -23.51 26.06
C LEU B 304 -21.15 -23.39 25.84
N ALA B 305 -21.73 -24.43 25.24
CA ALA B 305 -23.17 -24.47 24.98
C ALA B 305 -23.99 -24.40 26.27
N GLU B 306 -23.61 -25.21 27.26
CA GLU B 306 -24.30 -25.23 28.55
C GLU B 306 -24.28 -23.84 29.21
N THR B 307 -23.15 -23.16 29.09
CA THR B 307 -23.00 -21.85 29.71
C THR B 307 -23.90 -20.82 29.06
N LEU B 308 -24.00 -20.88 27.74
CA LEU B 308 -24.85 -19.95 27.00
C LEU B 308 -26.31 -20.20 27.31
N VAL B 309 -26.69 -21.47 27.48
CA VAL B 309 -28.06 -21.82 27.83
C VAL B 309 -28.44 -21.28 29.22
N LYS B 310 -27.52 -21.40 30.19
CA LYS B 310 -27.73 -20.83 31.51
C LYS B 310 -27.96 -19.32 31.44
N ARG B 311 -27.33 -18.68 30.46
CA ARG B 311 -27.44 -17.23 30.30
C ARG B 311 -28.64 -16.85 29.44
N GLY B 312 -29.48 -17.82 29.11
CA GLY B 312 -30.73 -17.55 28.42
C GLY B 312 -30.73 -17.67 26.91
N LEU B 313 -29.64 -18.17 26.33
CA LEU B 313 -29.61 -18.42 24.90
C LEU B 313 -30.18 -19.79 24.57
N ARG B 314 -30.39 -20.05 23.28
CA ARG B 314 -30.90 -21.34 22.82
C ARG B 314 -29.93 -21.96 21.83
N ILE B 315 -29.76 -23.27 21.92
CA ILE B 315 -28.90 -24.00 21.00
C ILE B 315 -29.76 -24.72 19.98
N VAL B 316 -29.50 -24.48 18.69
CA VAL B 316 -30.19 -25.19 17.63
C VAL B 316 -29.94 -26.68 17.84
N SER B 317 -30.98 -27.49 17.63
CA SER B 317 -31.00 -28.93 17.90
C SER B 317 -31.07 -29.28 19.40
N GLY B 318 -31.00 -28.26 20.25
CA GLY B 318 -31.16 -28.44 21.68
C GLY B 318 -29.93 -28.90 22.45
N ARG B 319 -28.87 -29.25 21.72
CA ARG B 319 -27.64 -29.74 22.34
C ARG B 319 -26.55 -29.79 21.27
N THR B 320 -25.30 -29.95 21.69
CA THR B 320 -24.25 -30.29 20.76
C THR B 320 -23.66 -31.66 21.10
N GLU B 321 -23.28 -32.39 20.06
CA GLU B 321 -22.62 -33.68 20.24
C GLU B 321 -21.30 -33.69 19.46
N SER B 322 -20.74 -32.50 19.30
CA SER B 322 -19.55 -32.32 18.47
C SER B 322 -18.72 -31.13 18.91
N HIS B 323 -18.03 -30.51 17.96
CA HIS B 323 -17.19 -29.35 18.19
C HIS B 323 -17.94 -28.03 18.00
N VAL B 324 -19.13 -28.11 17.42
CA VAL B 324 -19.79 -26.93 16.87
C VAL B 324 -21.20 -26.74 17.42
N MET B 325 -21.67 -25.50 17.42
CA MET B 325 -23.04 -25.19 17.79
C MET B 325 -23.57 -23.97 17.04
N LEU B 326 -24.87 -23.95 16.80
CA LEU B 326 -25.53 -22.79 16.22
C LEU B 326 -26.39 -22.16 17.30
N VAL B 327 -26.10 -20.91 17.66
CA VAL B 327 -26.77 -20.24 18.76
C VAL B 327 -27.92 -19.37 18.28
N ASP B 328 -29.11 -19.62 18.79
CA ASP B 328 -30.29 -18.83 18.44
C ASP B 328 -30.30 -17.59 19.36
N LEU B 329 -30.19 -16.41 18.76
CA LEU B 329 -29.96 -15.17 19.51
C LEU B 329 -31.21 -14.35 19.82
N ARG B 330 -32.37 -14.81 19.39
CA ARG B 330 -33.57 -13.98 19.42
C ARG B 330 -34.03 -13.54 20.81
N ALA B 331 -33.74 -14.34 21.84
CA ALA B 331 -34.16 -14.01 23.20
C ALA B 331 -33.46 -12.76 23.72
N LYS B 332 -32.29 -12.44 23.15
CA LYS B 332 -31.55 -11.25 23.55
C LYS B 332 -31.76 -10.11 22.57
N HIS B 333 -32.68 -10.30 21.63
CA HIS B 333 -33.06 -9.27 20.66
C HIS B 333 -31.84 -8.69 19.95
N ILE B 334 -31.00 -9.58 19.41
CA ILE B 334 -29.81 -9.16 18.68
C ILE B 334 -29.65 -10.04 17.43
N THR B 335 -29.21 -9.43 16.34
CA THR B 335 -29.00 -10.17 15.10
C THR B 335 -27.64 -10.85 15.09
N GLY B 336 -27.47 -11.83 14.21
CA GLY B 336 -26.18 -12.47 14.03
C GLY B 336 -25.13 -11.46 13.61
N LYS B 337 -25.52 -10.61 12.67
CA LYS B 337 -24.65 -9.56 12.16
C LYS B 337 -24.20 -8.61 13.27
N ALA B 338 -25.13 -8.17 14.09
CA ALA B 338 -24.82 -7.27 15.20
C ALA B 338 -23.96 -7.99 16.25
N ALA B 339 -24.25 -9.27 16.47
CA ALA B 339 -23.49 -10.06 17.43
C ALA B 339 -22.04 -10.22 16.98
N GLU B 340 -21.85 -10.61 15.73
CA GLU B 340 -20.51 -10.76 15.16
C GLU B 340 -19.69 -9.48 15.31
N ALA B 341 -20.29 -8.34 14.98
CA ALA B 341 -19.61 -7.05 15.02
C ALA B 341 -19.22 -6.66 16.44
N ALA B 342 -20.14 -6.81 17.38
CA ALA B 342 -19.91 -6.47 18.77
C ALA B 342 -18.86 -7.37 19.42
N LEU B 343 -18.97 -8.69 19.18
CA LEU B 343 -17.98 -9.63 19.69
C LEU B 343 -16.60 -9.33 19.11
N GLY B 344 -16.57 -8.97 17.83
CA GLY B 344 -15.32 -8.63 17.16
C GLY B 344 -14.59 -7.47 17.82
N ALA B 345 -15.35 -6.47 18.25
CA ALA B 345 -14.79 -5.34 18.97
C ALA B 345 -14.21 -5.77 20.31
N ALA B 346 -14.79 -6.83 20.89
CA ALA B 346 -14.29 -7.40 22.13
C ALA B 346 -13.23 -8.48 21.91
N HIS B 347 -12.76 -8.60 20.67
CA HIS B 347 -11.70 -9.54 20.28
C HIS B 347 -12.12 -11.01 20.39
N ILE B 348 -13.39 -11.26 20.16
CA ILE B 348 -13.89 -12.62 20.08
C ILE B 348 -14.44 -12.82 18.68
N THR B 349 -13.83 -13.75 17.95
CA THR B 349 -14.15 -13.95 16.55
C THR B 349 -15.15 -15.07 16.35
N VAL B 350 -16.29 -14.70 15.76
CA VAL B 350 -17.36 -15.64 15.47
C VAL B 350 -17.85 -15.33 14.07
N ASN B 351 -18.73 -16.16 13.53
CA ASN B 351 -19.42 -15.75 12.31
C ASN B 351 -20.92 -15.91 12.42
N LYS B 352 -21.63 -14.94 11.85
CA LYS B 352 -23.09 -14.95 11.82
C LYS B 352 -23.56 -16.18 11.05
N ASN B 353 -24.76 -16.65 11.33
CA ASN B 353 -25.25 -17.85 10.68
C ASN B 353 -26.76 -17.97 10.83
N ALA B 354 -27.45 -18.25 9.72
CA ALA B 354 -28.89 -18.41 9.75
C ALA B 354 -29.30 -19.62 10.58
N ILE B 355 -30.44 -19.52 11.25
CA ILE B 355 -31.00 -20.64 11.98
C ILE B 355 -32.15 -21.19 11.15
N PRO B 356 -32.61 -22.42 11.45
CA PRO B 356 -33.80 -22.90 10.73
C PRO B 356 -34.98 -21.95 10.89
N ASN B 357 -35.67 -21.69 9.78
CA ASN B 357 -36.77 -20.72 9.74
C ASN B 357 -36.36 -19.35 10.27
N ASP B 358 -35.22 -18.84 9.80
CA ASP B 358 -34.71 -17.56 10.27
C ASP B 358 -35.59 -16.44 9.73
N PRO B 359 -36.13 -15.60 10.63
CA PRO B 359 -36.98 -14.48 10.24
C PRO B 359 -36.22 -13.32 9.60
N GLU B 360 -34.89 -13.33 9.73
CA GLU B 360 -34.07 -12.25 9.19
C GLU B 360 -33.57 -12.54 7.78
N LYS B 361 -33.19 -11.48 7.07
CA LYS B 361 -32.55 -11.59 5.76
C LYS B 361 -31.26 -12.39 5.87
N PRO B 362 -30.85 -13.05 4.77
CA PRO B 362 -29.66 -13.91 4.79
C PRO B 362 -28.37 -13.19 5.23
N PHE B 363 -28.27 -11.90 4.97
CA PHE B 363 -27.07 -11.14 5.34
C PHE B 363 -27.14 -10.65 6.78
N VAL B 364 -28.29 -10.86 7.42
CA VAL B 364 -28.49 -10.42 8.80
C VAL B 364 -28.46 -11.59 9.78
N THR B 365 -29.39 -12.53 9.59
CA THR B 365 -29.50 -13.77 10.39
C THR B 365 -29.86 -13.54 11.86
N SER B 366 -30.27 -14.63 12.51
CA SER B 366 -30.64 -14.58 13.92
C SER B 366 -29.70 -15.43 14.78
N GLY B 367 -28.56 -15.83 14.22
CA GLY B 367 -27.67 -16.73 14.91
C GLY B 367 -26.19 -16.48 14.70
N ILE B 368 -25.38 -17.12 15.53
CA ILE B 368 -23.94 -17.18 15.31
C ILE B 368 -23.46 -18.61 15.46
N ARG B 369 -22.47 -18.99 14.66
CA ARG B 369 -21.87 -20.31 14.78
C ARG B 369 -20.62 -20.23 15.65
N LEU B 370 -20.50 -21.15 16.59
CA LEU B 370 -19.34 -21.21 17.46
C LEU B 370 -18.72 -22.59 17.42
N GLY B 371 -17.38 -22.65 17.48
CA GLY B 371 -16.70 -23.92 17.57
C GLY B 371 -15.53 -23.84 18.54
N SER B 372 -15.21 -24.98 19.14
CA SER B 372 -14.12 -25.06 20.12
C SER B 372 -12.73 -25.53 19.65
N PRO B 373 -12.56 -26.04 18.39
CA PRO B 373 -11.24 -26.58 18.08
C PRO B 373 -10.04 -25.65 18.30
N ALA B 374 -10.14 -24.41 17.83
CA ALA B 374 -9.01 -23.49 17.90
C ALA B 374 -8.64 -23.13 19.34
N MET B 375 -9.64 -22.71 20.11
CA MET B 375 -9.39 -22.31 21.49
C MET B 375 -8.91 -23.48 22.34
N THR B 376 -9.38 -24.69 22.02
CA THR B 376 -8.88 -25.88 22.72
C THR B 376 -7.42 -26.15 22.36
N THR B 377 -7.06 -25.90 21.11
CA THR B 377 -5.68 -26.13 20.66
C THR B 377 -4.71 -25.25 21.42
N ARG B 378 -5.09 -24.00 21.69
CA ARG B 378 -4.18 -23.11 22.39
C ARG B 378 -4.22 -23.33 23.90
N GLY B 379 -4.96 -24.35 24.35
CA GLY B 379 -4.88 -24.78 25.73
C GLY B 379 -6.07 -24.56 26.65
N PHE B 380 -7.15 -23.98 26.14
CA PHE B 380 -8.35 -23.74 26.98
C PHE B 380 -8.92 -25.05 27.54
N GLY B 381 -9.30 -25.01 28.82
CA GLY B 381 -10.02 -26.10 29.43
C GLY B 381 -11.46 -25.70 29.74
N PRO B 382 -12.19 -26.56 30.47
CA PRO B 382 -13.60 -26.32 30.81
C PRO B 382 -13.84 -24.99 31.53
N ALA B 383 -12.92 -24.60 32.41
CA ALA B 383 -13.03 -23.34 33.13
C ALA B 383 -13.00 -22.16 32.16
N GLU B 384 -12.10 -22.23 31.19
CA GLU B 384 -11.97 -21.17 30.19
C GLU B 384 -13.15 -21.18 29.23
N ALA B 385 -13.63 -22.36 28.85
CA ALA B 385 -14.78 -22.46 27.96
C ALA B 385 -16.01 -21.80 28.59
N GLU B 386 -16.17 -22.00 29.89
CA GLU B 386 -17.27 -21.40 30.63
C GLU B 386 -17.11 -19.89 30.73
N GLN B 387 -15.90 -19.44 31.06
CA GLN B 387 -15.58 -18.02 31.07
C GLN B 387 -15.87 -17.37 29.72
N VAL B 388 -15.49 -18.04 28.64
CA VAL B 388 -15.72 -17.50 27.30
C VAL B 388 -17.22 -17.41 27.02
N GLY B 389 -17.96 -18.42 27.46
CA GLY B 389 -19.41 -18.43 27.32
C GLY B 389 -20.04 -17.23 28.01
N ASN B 390 -19.54 -16.93 29.20
CA ASN B 390 -20.09 -15.82 29.98
C ASN B 390 -19.72 -14.48 29.36
N LEU B 391 -18.50 -14.40 28.83
CA LEU B 391 -18.05 -13.18 28.15
C LEU B 391 -18.91 -12.92 26.92
N ILE B 392 -19.17 -13.96 26.13
CA ILE B 392 -20.06 -13.85 24.97
C ILE B 392 -21.42 -13.31 25.37
N ALA B 393 -22.02 -13.94 26.38
CA ALA B 393 -23.33 -13.54 26.87
C ALA B 393 -23.33 -12.09 27.36
N ASP B 394 -22.24 -11.67 28.01
CA ASP B 394 -22.11 -10.29 28.46
C ASP B 394 -22.24 -9.31 27.30
N VAL B 395 -21.54 -9.61 26.22
CA VAL B 395 -21.60 -8.79 25.02
C VAL B 395 -23.00 -8.83 24.41
N LEU B 396 -23.58 -10.03 24.29
CA LEU B 396 -24.89 -10.17 23.66
C LEU B 396 -25.98 -9.40 24.40
N GLU B 397 -25.84 -9.28 25.72
CA GLU B 397 -26.85 -8.59 26.52
C GLU B 397 -26.65 -7.08 26.58
N ASN B 398 -25.52 -6.61 26.09
CA ASN B 398 -25.26 -5.17 26.04
C ASN B 398 -24.24 -4.83 24.96
N PRO B 399 -24.61 -5.09 23.69
CA PRO B 399 -23.67 -5.12 22.55
C PRO B 399 -23.12 -3.74 22.18
N GLU B 400 -23.77 -2.68 22.65
CA GLU B 400 -23.34 -1.33 22.31
C GLU B 400 -22.76 -0.58 23.51
N ASP B 401 -22.66 -1.26 24.64
CA ASP B 401 -22.13 -0.63 25.85
C ASP B 401 -20.61 -0.60 25.84
N ALA B 402 -20.05 0.60 25.76
CA ALA B 402 -18.61 0.80 25.69
C ALA B 402 -17.89 0.14 26.86
N ALA B 403 -18.44 0.29 28.05
CA ALA B 403 -17.83 -0.28 29.25
C ALA B 403 -17.85 -1.80 29.23
N THR B 404 -18.91 -2.37 28.68
CA THR B 404 -19.03 -3.82 28.55
C THR B 404 -18.02 -4.38 27.55
N ILE B 405 -17.93 -3.74 26.39
CA ILE B 405 -16.97 -4.16 25.36
C ILE B 405 -15.54 -4.09 25.89
N GLU B 406 -15.22 -3.00 26.57
CA GLU B 406 -13.89 -2.81 27.12
C GLU B 406 -13.55 -3.84 28.20
N ARG B 407 -14.50 -4.10 29.10
CA ARG B 407 -14.27 -5.07 30.18
C ARG B 407 -14.02 -6.48 29.62
N VAL B 408 -14.81 -6.86 28.63
CA VAL B 408 -14.64 -8.15 27.98
C VAL B 408 -13.30 -8.23 27.24
N ARG B 409 -12.98 -7.18 26.48
CA ARG B 409 -11.71 -7.13 25.76
C ARG B 409 -10.51 -7.32 26.70
N ALA B 410 -10.59 -6.70 27.87
CA ALA B 410 -9.51 -6.79 28.85
C ALA B 410 -9.36 -8.22 29.37
N GLN B 411 -10.48 -8.89 29.59
CA GLN B 411 -10.45 -10.28 30.04
C GLN B 411 -9.99 -11.23 28.95
N VAL B 412 -10.38 -10.94 27.71
CA VAL B 412 -9.89 -11.69 26.55
C VAL B 412 -8.38 -11.57 26.44
N ALA B 413 -7.86 -10.35 26.64
CA ALA B 413 -6.42 -10.11 26.56
C ALA B 413 -5.67 -10.90 27.63
N GLU B 414 -6.24 -10.98 28.82
CA GLU B 414 -5.66 -11.77 29.90
C GLU B 414 -5.58 -13.25 29.53
N LEU B 415 -6.63 -13.77 28.90
CA LEU B 415 -6.65 -15.15 28.44
C LEU B 415 -5.64 -15.45 27.34
N THR B 416 -5.55 -14.55 26.35
CA THR B 416 -4.68 -14.80 25.20
C THR B 416 -3.21 -14.73 25.63
N LYS B 417 -2.91 -13.86 26.58
CA LYS B 417 -1.57 -13.79 27.16
C LYS B 417 -1.24 -15.08 27.93
N ARG B 418 -2.21 -15.58 28.68
CA ARG B 418 -2.01 -16.80 29.47
C ARG B 418 -1.93 -18.05 28.58
N PHE B 419 -2.65 -18.02 27.46
CA PHE B 419 -2.70 -19.15 26.54
C PHE B 419 -2.22 -18.77 25.15
N PRO B 420 -0.90 -18.59 24.97
CA PRO B 420 -0.39 -18.23 23.65
C PRO B 420 -0.56 -19.37 22.65
N VAL B 421 -0.70 -19.04 21.37
CA VAL B 421 -0.88 -20.06 20.36
C VAL B 421 0.46 -20.69 20.04
N TYR B 422 1.41 -19.88 19.60
CA TYR B 422 2.73 -20.41 19.34
C TYR B 422 3.62 -19.87 20.44
N ARG B 423 3.95 -20.77 21.38
CA ARG B 423 4.69 -20.43 22.58
C ARG B 423 6.13 -20.95 22.53
N HIS C 8 -15.76 45.44 15.38
CA HIS C 8 -15.72 44.01 15.70
C HIS C 8 -14.51 43.33 15.06
N MET C 9 -14.07 42.23 15.66
CA MET C 9 -12.82 41.58 15.27
C MET C 9 -12.84 40.96 13.87
N PHE C 10 -14.02 40.79 13.31
CA PHE C 10 -14.15 40.12 12.01
C PHE C 10 -14.90 40.99 11.02
N ASP C 11 -14.88 42.29 11.28
CA ASP C 11 -15.43 43.26 10.37
C ASP C 11 -14.27 43.79 9.53
N ARG C 12 -14.36 43.62 8.22
CA ARG C 12 -13.25 43.94 7.32
C ARG C 12 -12.87 45.42 7.34
N ALA C 13 -13.79 46.25 7.81
CA ALA C 13 -13.53 47.68 8.01
C ALA C 13 -12.62 47.90 9.22
N GLN C 14 -13.01 47.28 10.33
CA GLN C 14 -12.29 47.43 11.60
C GLN C 14 -11.05 46.54 11.72
N SER C 15 -11.10 45.34 11.15
CA SER C 15 -9.96 44.43 11.22
C SER C 15 -8.95 44.67 10.10
N THR C 16 -8.28 45.81 10.14
CA THR C 16 -7.15 46.08 9.26
C THR C 16 -5.89 45.88 10.09
N ILE C 17 -4.75 45.70 9.44
CA ILE C 17 -3.51 45.50 10.18
C ILE C 17 -3.21 46.71 11.07
N ALA C 18 -3.43 47.91 10.53
CA ALA C 18 -3.17 49.15 11.27
C ALA C 18 -4.03 49.23 12.53
N ASN C 19 -5.28 48.81 12.43
CA ASN C 19 -6.19 48.87 13.57
C ASN C 19 -5.91 47.79 14.61
N VAL C 20 -5.59 46.58 14.17
CA VAL C 20 -5.38 45.46 15.08
C VAL C 20 -3.96 45.43 15.64
N ASP C 21 -3.00 45.78 14.79
CA ASP C 21 -1.59 45.60 15.13
C ASP C 21 -0.71 46.68 14.46
N PRO C 22 -0.68 47.88 15.07
CA PRO C 22 0.07 49.01 14.52
C PRO C 22 1.55 48.73 14.29
N GLU C 23 2.17 47.97 15.19
CA GLU C 23 3.60 47.65 15.06
C GLU C 23 3.89 46.84 13.80
N ILE C 24 3.06 45.85 13.51
CA ILE C 24 3.24 45.02 12.33
C ILE C 24 2.94 45.83 11.08
N PHE C 25 1.92 46.67 11.17
CA PHE C 25 1.60 47.60 10.08
C PHE C 25 2.82 48.44 9.70
N ALA C 26 3.48 48.99 10.72
CA ALA C 26 4.63 49.86 10.50
C ALA C 26 5.79 49.11 9.85
N ALA C 27 6.02 47.87 10.28
CA ALA C 27 7.12 47.07 9.74
C ALA C 27 6.87 46.71 8.27
N ILE C 28 5.64 46.33 7.96
CA ILE C 28 5.27 46.00 6.60
C ILE C 28 5.40 47.23 5.69
N GLU C 29 4.95 48.38 6.19
CA GLU C 29 5.07 49.63 5.44
C GLU C 29 6.52 49.95 5.11
N GLN C 30 7.41 49.74 6.09
CA GLN C 30 8.82 49.99 5.88
C GLN C 30 9.41 49.00 4.87
N GLU C 31 8.94 47.76 4.93
CA GLU C 31 9.38 46.75 3.97
C GLU C 31 8.88 47.09 2.56
N ASN C 32 7.64 47.56 2.45
CA ASN C 32 7.09 48.01 1.18
C ASN C 32 7.97 49.07 0.52
N ARG C 33 8.35 50.07 1.32
CA ARG C 33 9.20 51.15 0.86
C ARG C 33 10.62 50.67 0.56
N ARG C 34 11.12 49.73 1.37
CA ARG C 34 12.44 49.15 1.12
C ARG C 34 12.50 48.45 -0.24
N GLN C 35 11.44 47.72 -0.58
CA GLN C 35 11.36 47.05 -1.86
C GLN C 35 11.39 48.06 -3.01
N GLU C 36 10.78 49.23 -2.80
CA GLU C 36 10.82 50.30 -3.80
C GLU C 36 12.23 50.92 -3.93
N ASP C 37 12.85 51.20 -2.79
CA ASP C 37 14.03 52.08 -2.76
C ASP C 37 15.37 51.40 -3.02
N HIS C 38 15.35 50.08 -3.18
CA HIS C 38 16.58 49.35 -3.43
C HIS C 38 16.51 48.62 -4.78
N ILE C 39 17.64 48.53 -5.46
CA ILE C 39 17.74 47.67 -6.64
C ILE C 39 18.08 46.26 -6.16
N GLU C 40 17.17 45.34 -6.42
CA GLU C 40 17.28 43.99 -5.86
C GLU C 40 17.91 43.09 -6.92
N LEU C 41 19.10 42.55 -6.64
CA LEU C 41 19.79 41.70 -7.61
C LEU C 41 20.01 40.30 -7.07
N ILE C 42 19.32 39.95 -6.00
CA ILE C 42 19.39 38.60 -5.47
C ILE C 42 18.66 37.70 -6.46
N ALA C 43 19.38 36.71 -6.99
CA ALA C 43 18.93 35.98 -8.17
C ALA C 43 17.69 35.13 -7.91
N SER C 44 17.43 34.83 -6.65
CA SER C 44 16.29 34.00 -6.26
C SER C 44 15.03 34.80 -5.90
N GLU C 45 15.11 36.12 -6.00
CA GLU C 45 13.98 36.96 -5.61
C GLU C 45 13.27 37.58 -6.82
N ASN C 46 12.01 37.91 -6.62
CA ASN C 46 11.21 38.56 -7.64
C ASN C 46 10.15 39.44 -6.99
N TYR C 47 9.32 40.09 -7.80
CA TYR C 47 8.18 40.81 -7.29
C TYR C 47 6.93 40.16 -7.85
N THR C 48 6.15 39.51 -6.99
CA THR C 48 4.96 38.83 -7.47
C THR C 48 3.81 39.83 -7.60
N SER C 49 2.81 39.48 -8.40
CA SER C 49 1.73 40.41 -8.73
C SER C 49 0.73 40.57 -7.58
N PRO C 50 -0.01 41.69 -7.58
CA PRO C 50 -1.08 41.91 -6.61
C PRO C 50 -2.14 40.80 -6.65
N ALA C 51 -2.41 40.24 -7.83
CA ALA C 51 -3.38 39.16 -7.96
C ALA C 51 -2.93 37.91 -7.21
N VAL C 52 -1.65 37.57 -7.34
CA VAL C 52 -1.06 36.45 -6.61
C VAL C 52 -1.14 36.68 -5.10
N MET C 53 -0.77 37.88 -4.66
CA MET C 53 -0.83 38.19 -3.24
C MET C 53 -2.26 38.17 -2.71
N ALA C 54 -3.20 38.64 -3.54
CA ALA C 54 -4.60 38.68 -3.15
C ALA C 54 -5.14 37.27 -2.91
N ALA C 55 -4.69 36.33 -3.73
CA ALA C 55 -5.13 34.94 -3.62
C ALA C 55 -4.72 34.30 -2.31
N GLN C 56 -3.46 34.49 -1.89
CA GLN C 56 -3.03 33.89 -0.63
C GLN C 56 -3.44 34.76 0.57
N GLY C 57 -4.03 35.91 0.31
CA GLY C 57 -4.67 36.68 1.36
C GLY C 57 -6.16 36.41 1.44
N SER C 58 -6.60 35.30 0.86
CA SER C 58 -8.02 34.94 0.81
C SER C 58 -8.46 34.06 1.99
N GLN C 59 -9.77 33.80 2.06
CA GLN C 59 -10.34 32.97 3.13
C GLN C 59 -10.05 31.48 2.96
N LEU C 60 -9.36 31.11 1.89
CA LEU C 60 -8.99 29.71 1.66
C LEU C 60 -8.00 29.21 2.73
N THR C 61 -7.39 30.13 3.44
CA THR C 61 -6.58 29.77 4.60
C THR C 61 -7.41 29.05 5.68
N ASN C 62 -8.74 29.21 5.65
CA ASN C 62 -9.59 28.60 6.66
C ASN C 62 -9.88 27.12 6.44
N LYS C 63 -9.54 26.58 5.27
CA LYS C 63 -9.99 25.24 4.91
C LYS C 63 -8.94 24.15 5.15
N TYR C 64 -9.34 23.11 5.89
CA TYR C 64 -8.56 21.89 5.97
C TYR C 64 -8.91 20.98 4.80
N ALA C 65 -7.91 20.63 3.99
CA ALA C 65 -8.15 19.87 2.77
C ALA C 65 -7.14 18.75 2.57
N GLU C 66 -6.88 17.98 3.62
CA GLU C 66 -6.05 16.79 3.51
C GLU C 66 -6.53 15.86 2.40
N GLY C 67 -5.59 15.32 1.63
CA GLY C 67 -5.92 14.47 0.51
C GLY C 67 -5.68 15.19 -0.81
N TYR C 68 -6.42 14.79 -1.84
CA TYR C 68 -6.25 15.35 -3.17
C TYR C 68 -7.62 15.62 -3.78
N PRO C 69 -7.69 16.41 -4.87
CA PRO C 69 -8.99 16.74 -5.47
C PRO C 69 -9.87 15.51 -5.73
N GLY C 70 -11.09 15.53 -5.20
CA GLY C 70 -12.03 14.44 -5.38
C GLY C 70 -11.74 13.25 -4.47
N LYS C 71 -10.66 13.35 -3.69
CA LYS C 71 -10.28 12.29 -2.76
C LYS C 71 -9.82 12.91 -1.46
N ARG C 72 -10.68 13.72 -0.86
CA ARG C 72 -10.36 14.43 0.36
C ARG C 72 -10.87 13.64 1.55
N TYR C 73 -10.27 13.87 2.71
CA TYR C 73 -10.75 13.24 3.93
C TYR C 73 -11.90 14.02 4.56
N TYR C 74 -11.95 15.32 4.28
CA TYR C 74 -13.03 16.13 4.84
CA TYR C 74 -12.98 16.23 4.82
C TYR C 74 -14.04 16.53 3.77
N GLY C 75 -15.26 16.85 4.22
CA GLY C 75 -16.28 17.31 3.31
C GLY C 75 -16.12 18.79 2.99
N GLY C 76 -16.91 19.29 2.04
CA GLY C 76 -16.89 20.70 1.70
C GLY C 76 -15.68 21.19 0.92
N CYS C 77 -14.99 20.30 0.23
CA CYS C 77 -13.80 20.69 -0.52
C CYS C 77 -14.05 20.92 -2.02
N GLU C 78 -15.30 21.04 -2.42
CA GLU C 78 -15.64 21.15 -3.86
C GLU C 78 -14.93 22.31 -4.55
N TYR C 79 -14.82 23.44 -3.87
CA TYR C 79 -14.25 24.63 -4.48
C TYR C 79 -12.73 24.72 -4.38
N VAL C 80 -12.16 24.23 -3.29
CA VAL C 80 -10.70 24.16 -3.20
C VAL C 80 -10.18 23.07 -4.15
N ASP C 81 -11.02 22.10 -4.46
CA ASP C 81 -10.69 21.10 -5.48
C ASP C 81 -10.52 21.74 -6.85
N VAL C 82 -11.42 22.67 -7.17
CA VAL C 82 -11.36 23.37 -8.44
C VAL C 82 -10.05 24.15 -8.52
N VAL C 83 -9.73 24.84 -7.42
CA VAL C 83 -8.50 25.59 -7.31
C VAL C 83 -7.26 24.72 -7.50
N GLU C 84 -7.17 23.62 -6.74
CA GLU C 84 -6.00 22.76 -6.82
C GLU C 84 -5.84 22.08 -8.19
N GLN C 85 -6.95 21.63 -8.76
CA GLN C 85 -6.91 20.96 -10.06
C GLN C 85 -6.49 21.93 -11.17
N LEU C 86 -6.93 23.17 -11.08
CA LEU C 86 -6.49 24.20 -12.01
C LEU C 86 -4.98 24.41 -11.89
N ALA C 87 -4.48 24.41 -10.65
CA ALA C 87 -3.06 24.57 -10.41
C ALA C 87 -2.27 23.41 -11.03
N ILE C 88 -2.76 22.19 -10.80
CA ILE C 88 -2.14 20.99 -11.37
C ILE C 88 -2.14 21.01 -12.90
N ASP C 89 -3.30 21.25 -13.47
CA ASP C 89 -3.46 21.23 -14.92
C ASP C 89 -2.62 22.30 -15.60
N ARG C 90 -2.55 23.48 -15.00
CA ARG C 90 -1.79 24.57 -15.62
C ARG C 90 -0.28 24.33 -15.55
N VAL C 91 0.20 23.84 -14.41
CA VAL C 91 1.63 23.59 -14.26
C VAL C 91 2.07 22.41 -15.14
N LYS C 92 1.19 21.44 -15.31
CA LYS C 92 1.45 20.36 -16.27
C LYS C 92 1.56 20.92 -17.68
N GLN C 93 0.70 21.89 -18.00
CA GLN C 93 0.68 22.51 -19.31
C GLN C 93 1.93 23.36 -19.53
N LEU C 94 2.33 24.10 -18.51
CA LEU C 94 3.52 24.95 -18.58
C LEU C 94 4.78 24.16 -18.95
N PHE C 95 4.94 22.98 -18.36
CA PHE C 95 6.18 22.23 -18.48
C PHE C 95 6.05 20.90 -19.22
N GLY C 96 4.83 20.57 -19.67
CA GLY C 96 4.60 19.31 -20.37
C GLY C 96 4.80 18.10 -19.47
N ALA C 97 4.45 18.22 -18.21
CA ALA C 97 4.65 17.14 -17.24
C ALA C 97 3.50 16.13 -17.30
N GLU C 98 3.82 14.87 -17.04
CA GLU C 98 2.83 13.80 -17.04
C GLU C 98 1.92 13.85 -15.81
N ALA C 99 2.48 14.33 -14.70
CA ALA C 99 1.73 14.47 -13.47
C ALA C 99 2.38 15.54 -12.61
N ALA C 100 1.64 16.05 -11.63
CA ALA C 100 2.16 17.10 -10.78
C ALA C 100 1.52 17.09 -9.39
N ASN C 101 2.30 17.53 -8.41
CA ASN C 101 1.82 17.73 -7.06
C ASN C 101 2.12 19.16 -6.64
N VAL C 102 1.06 19.95 -6.39
CA VAL C 102 1.22 21.37 -6.09
C VAL C 102 1.07 21.72 -4.61
N GLN C 103 1.01 20.71 -3.75
CA GLN C 103 0.91 20.94 -2.31
C GLN C 103 2.22 21.25 -1.52
N PRO C 104 3.42 20.97 -2.07
CA PRO C 104 4.60 21.21 -1.22
C PRO C 104 4.70 22.64 -0.66
N ASN C 105 4.98 22.73 0.63
CA ASN C 105 5.00 24.00 1.34
C ASN C 105 6.18 24.89 0.93
N SER C 106 7.18 24.28 0.29
CA SER C 106 8.40 24.97 -0.08
C SER C 106 9.19 24.14 -1.08
N GLY C 107 10.28 24.69 -1.58
CA GLY C 107 11.19 23.93 -2.43
C GLY C 107 11.83 22.78 -1.66
N SER C 108 12.20 23.04 -0.40
CA SER C 108 12.78 22.01 0.46
C SER C 108 11.82 20.84 0.68
N GLN C 109 10.56 21.14 0.95
CA GLN C 109 9.57 20.08 1.15
C GLN C 109 9.27 19.34 -0.15
N ALA C 110 9.35 20.04 -1.28
CA ALA C 110 9.24 19.40 -2.58
C ALA C 110 10.35 18.36 -2.75
N ASN C 111 11.58 18.77 -2.44
CA ASN C 111 12.72 17.87 -2.55
C ASN C 111 12.63 16.73 -1.53
N GLN C 112 12.17 17.05 -0.32
CA GLN C 112 11.99 16.04 0.72
C GLN C 112 10.91 15.03 0.34
N GLY C 113 9.90 15.48 -0.37
CA GLY C 113 8.84 14.61 -0.85
C GLY C 113 9.34 13.51 -1.78
N VAL C 114 10.19 13.89 -2.74
CA VAL C 114 10.79 12.92 -3.64
C VAL C 114 11.64 11.90 -2.87
N PHE C 115 12.46 12.41 -1.95
CA PHE C 115 13.34 11.57 -1.15
C PHE C 115 12.54 10.58 -0.32
N PHE C 116 11.46 11.05 0.30
CA PHE C 116 10.63 10.20 1.14
C PHE C 116 9.92 9.13 0.29
N ALA C 117 9.54 9.51 -0.92
CA ALA C 117 8.86 8.60 -1.82
C ALA C 117 9.76 7.47 -2.33
N MET C 118 11.00 7.81 -2.66
CA MET C 118 11.85 6.91 -3.43
C MET C 118 12.98 6.29 -2.64
N LEU C 119 13.29 6.85 -1.47
CA LEU C 119 14.48 6.46 -0.74
C LEU C 119 14.21 5.97 0.67
N LYS C 120 15.19 5.29 1.23
CA LYS C 120 15.20 4.93 2.64
C LYS C 120 16.44 5.57 3.26
N PRO C 121 16.36 5.97 4.54
CA PRO C 121 17.52 6.54 5.23
C PRO C 121 18.77 5.68 5.05
N GLY C 122 19.90 6.33 4.75
CA GLY C 122 21.14 5.60 4.53
C GLY C 122 21.46 5.35 3.07
N ASP C 123 20.47 5.50 2.19
CA ASP C 123 20.68 5.31 0.76
C ASP C 123 21.71 6.29 0.20
N THR C 124 22.36 5.90 -0.89
CA THR C 124 23.36 6.74 -1.54
C THR C 124 22.72 7.62 -2.62
N ILE C 125 23.02 8.91 -2.58
CA ILE C 125 22.55 9.83 -3.61
C ILE C 125 23.69 10.64 -4.18
N MET C 126 23.50 11.16 -5.38
CA MET C 126 24.45 12.08 -6.00
C MET C 126 23.80 13.44 -6.22
N GLY C 127 24.55 14.49 -5.89
CA GLY C 127 24.08 15.84 -6.15
C GLY C 127 25.23 16.77 -6.48
N MET C 128 24.91 17.94 -7.01
CA MET C 128 25.92 18.95 -7.33
C MET C 128 26.44 19.55 -6.03
N SER C 129 27.76 19.70 -5.94
CA SER C 129 28.38 20.16 -4.70
C SER C 129 28.01 21.60 -4.37
N LEU C 130 27.81 21.87 -3.09
CA LEU C 130 27.48 23.22 -2.63
C LEU C 130 28.58 24.21 -2.98
N ALA C 131 29.82 23.77 -2.85
CA ALA C 131 30.98 24.60 -3.17
C ALA C 131 30.95 25.10 -4.60
N HIS C 132 30.31 24.32 -5.49
CA HIS C 132 30.28 24.67 -6.90
C HIS C 132 28.90 25.07 -7.41
N GLY C 133 27.98 25.41 -6.48
CA GLY C 133 26.72 25.98 -6.88
C GLY C 133 25.48 25.13 -6.65
N GLY C 134 25.66 23.96 -6.05
CA GLY C 134 24.54 23.10 -5.68
C GLY C 134 23.81 23.67 -4.49
N HIS C 135 22.59 23.20 -4.24
CA HIS C 135 21.80 23.73 -3.13
C HIS C 135 21.93 22.89 -1.86
N LEU C 136 21.62 23.53 -0.73
CA LEU C 136 21.55 22.91 0.59
C LEU C 136 20.85 21.55 0.58
N THR C 137 19.72 21.48 -0.10
CA THR C 137 18.90 20.26 -0.13
C THR C 137 19.44 19.22 -1.10
N HIS C 138 20.62 19.46 -1.66
CA HIS C 138 21.21 18.53 -2.61
C HIS C 138 22.36 17.73 -1.99
N GLY C 139 22.38 17.66 -0.66
CA GLY C 139 23.30 16.78 0.04
C GLY C 139 24.20 17.41 1.09
N SER C 140 23.85 18.62 1.53
CA SER C 140 24.58 19.26 2.62
C SER C 140 24.46 18.42 3.89
N PRO C 141 25.59 18.23 4.60
CA PRO C 141 25.56 17.41 5.82
C PRO C 141 24.78 18.03 6.99
N VAL C 142 24.48 19.31 6.93
CA VAL C 142 23.65 19.94 7.96
C VAL C 142 22.20 20.03 7.51
N ASN C 143 21.92 19.52 6.32
CA ASN C 143 20.56 19.43 5.81
C ASN C 143 20.11 17.98 5.94
N MET C 144 18.80 17.74 5.94
CA MET C 144 18.28 16.38 5.98
C MET C 144 18.85 15.52 4.86
N SER C 145 18.94 16.09 3.67
CA SER C 145 19.43 15.41 2.48
C SER C 145 20.82 14.78 2.67
N GLY C 146 21.68 15.44 3.44
CA GLY C 146 23.03 14.96 3.65
C GLY C 146 23.28 14.27 4.98
N LYS C 147 22.47 14.57 5.98
CA LYS C 147 22.65 13.98 7.30
C LYS C 147 22.08 12.56 7.38
N TRP C 148 20.96 12.33 6.69
CA TRP C 148 20.27 11.05 6.79
C TRP C 148 20.50 10.18 5.56
N PHE C 149 21.35 10.65 4.65
CA PHE C 149 21.67 9.89 3.45
C PHE C 149 23.17 9.96 3.15
N ASN C 150 23.66 8.97 2.40
CA ASN C 150 25.06 8.95 1.99
C ASN C 150 25.23 9.76 0.71
N VAL C 151 26.00 10.85 0.78
CA VAL C 151 26.07 11.78 -0.34
C VAL C 151 27.40 11.75 -1.08
N VAL C 152 27.31 11.64 -2.41
CA VAL C 152 28.46 11.76 -3.29
C VAL C 152 28.22 12.97 -4.18
N SER C 153 29.17 13.89 -4.23
CA SER C 153 28.94 15.15 -4.94
C SER C 153 29.84 15.31 -6.17
N TYR C 154 29.29 15.93 -7.20
CA TYR C 154 30.04 16.21 -8.41
C TYR C 154 30.05 17.71 -8.62
N GLY C 155 31.07 18.21 -9.32
CA GLY C 155 31.23 19.64 -9.47
C GLY C 155 31.58 20.09 -10.87
N LEU C 156 32.33 21.18 -10.96
CA LEU C 156 32.71 21.77 -12.23
C LEU C 156 34.07 21.27 -12.70
N ASN C 157 34.34 21.41 -13.99
CA ASN C 157 35.67 21.13 -14.53
C ASN C 157 36.52 22.39 -14.57
N GLU C 158 37.66 22.33 -15.24
CA GLU C 158 38.57 23.46 -15.34
C GLU C 158 37.93 24.67 -16.03
N ASN C 159 37.01 24.42 -16.94
CA ASN C 159 36.34 25.49 -17.67
C ASN C 159 35.14 26.05 -16.92
N GLU C 160 34.95 25.56 -15.69
CA GLU C 160 33.84 25.95 -14.82
C GLU C 160 32.49 25.65 -15.47
N ASP C 161 32.45 24.57 -16.24
CA ASP C 161 31.20 23.97 -16.70
C ASP C 161 31.03 22.68 -15.90
N ILE C 162 29.84 22.09 -15.93
CA ILE C 162 29.61 20.85 -15.20
C ILE C 162 30.48 19.73 -15.77
N ASP C 163 31.13 18.97 -14.90
CA ASP C 163 32.05 17.91 -15.33
C ASP C 163 31.29 16.60 -15.49
N TYR C 164 30.68 16.42 -16.65
CA TYR C 164 29.81 15.27 -16.90
C TYR C 164 30.58 13.96 -16.87
N ASP C 165 31.81 13.98 -17.38
CA ASP C 165 32.67 12.80 -17.34
C ASP C 165 32.94 12.32 -15.91
N ALA C 166 33.31 13.25 -15.04
CA ALA C 166 33.57 12.94 -13.64
C ALA C 166 32.30 12.44 -12.95
N ALA C 167 31.17 13.06 -13.27
CA ALA C 167 29.88 12.65 -12.72
C ALA C 167 29.55 11.21 -13.10
N GLU C 168 29.82 10.87 -14.35
CA GLU C 168 29.60 9.52 -14.85
C GLU C 168 30.46 8.50 -14.13
N LYS C 169 31.73 8.83 -13.92
CA LYS C 169 32.65 7.96 -13.20
C LYS C 169 32.19 7.74 -11.77
N LEU C 170 31.77 8.82 -11.12
CA LEU C 170 31.28 8.75 -9.74
C LEU C 170 30.03 7.90 -9.64
N ALA C 171 29.13 8.06 -10.60
CA ALA C 171 27.89 7.27 -10.64
C ALA C 171 28.20 5.77 -10.71
N ASN C 172 29.09 5.39 -11.61
CA ASN C 172 29.48 4.00 -11.76
C ASN C 172 30.18 3.45 -10.52
N GLU C 173 31.04 4.26 -9.92
CA GLU C 173 31.76 3.86 -8.72
C GLU C 173 30.87 3.68 -7.49
N HIS C 174 29.91 4.57 -7.28
CA HIS C 174 29.15 4.59 -6.04
C HIS C 174 27.72 4.05 -6.15
N LYS C 175 27.25 3.87 -7.38
CA LYS C 175 25.92 3.30 -7.61
C LYS C 175 24.81 4.03 -6.85
N PRO C 176 24.62 5.33 -7.10
CA PRO C 176 23.58 6.05 -6.37
C PRO C 176 22.19 5.55 -6.71
N LYS C 177 21.30 5.52 -5.72
CA LYS C 177 19.91 5.18 -5.97
C LYS C 177 19.21 6.32 -6.69
N LEU C 178 19.72 7.53 -6.48
CA LEU C 178 19.13 8.73 -7.04
C LEU C 178 20.19 9.79 -7.36
N ILE C 179 20.05 10.44 -8.51
CA ILE C 179 20.96 11.51 -8.88
C ILE C 179 20.21 12.83 -8.93
N VAL C 180 20.75 13.83 -8.23
CA VAL C 180 20.15 15.16 -8.23
C VAL C 180 20.90 16.09 -9.17
N ALA C 181 20.16 16.83 -9.97
CA ALA C 181 20.74 17.87 -10.82
C ALA C 181 19.99 19.18 -10.61
N GLY C 182 20.61 20.29 -11.02
CA GLY C 182 20.06 21.60 -10.72
C GLY C 182 21.02 22.35 -9.80
N ALA C 183 20.78 23.64 -9.62
CA ALA C 183 21.75 24.49 -8.92
C ALA C 183 21.11 25.78 -8.40
N SER C 184 21.80 26.40 -7.46
CA SER C 184 21.38 27.70 -6.93
CA SER C 184 21.38 27.70 -6.92
C SER C 184 22.24 28.82 -7.50
N ALA C 185 23.44 28.46 -7.96
CA ALA C 185 24.36 29.43 -8.52
C ALA C 185 25.18 28.85 -9.67
N PHE C 186 24.53 28.66 -10.82
CA PHE C 186 25.21 28.17 -12.01
C PHE C 186 24.61 28.85 -13.25
N ALA C 187 25.46 29.49 -14.03
CA ALA C 187 24.99 30.39 -15.08
C ALA C 187 24.66 29.71 -16.42
N LEU C 188 25.23 28.54 -16.66
CA LEU C 188 25.11 27.91 -17.97
C LEU C 188 23.93 26.95 -18.09
N LYS C 189 23.63 26.57 -19.33
CA LYS C 189 22.63 25.54 -19.60
C LYS C 189 23.13 24.18 -19.12
N ILE C 190 22.27 23.46 -18.40
CA ILE C 190 22.62 22.13 -17.91
C ILE C 190 22.13 21.08 -18.91
N ASP C 191 22.96 20.07 -19.17
CA ASP C 191 22.62 19.04 -20.14
C ASP C 191 21.83 17.93 -19.45
N PHE C 192 20.52 18.13 -19.32
CA PHE C 192 19.65 17.18 -18.63
C PHE C 192 19.59 15.82 -19.34
N GLU C 193 19.65 15.85 -20.67
CA GLU C 193 19.61 14.62 -21.45
C GLU C 193 20.81 13.72 -21.13
N ARG C 194 21.99 14.33 -21.05
CA ARG C 194 23.20 13.59 -20.72
C ARG C 194 23.15 13.02 -19.31
N LEU C 195 22.62 13.80 -18.38
CA LEU C 195 22.49 13.35 -17.00
C LEU C 195 21.46 12.22 -16.88
N ALA C 196 20.44 12.27 -17.73
CA ALA C 196 19.44 11.20 -17.76
C ALA C 196 20.07 9.90 -18.23
N LYS C 197 20.93 9.99 -19.23
CA LYS C 197 21.64 8.83 -19.77
C LYS C 197 22.56 8.21 -18.73
N ILE C 198 23.32 9.05 -18.03
CA ILE C 198 24.19 8.59 -16.95
C ILE C 198 23.39 7.87 -15.86
N ALA C 199 22.26 8.46 -15.47
CA ALA C 199 21.39 7.90 -14.45
C ALA C 199 20.83 6.54 -14.88
N LYS C 200 20.32 6.47 -16.10
CA LYS C 200 19.78 5.24 -16.65
C LYS C 200 20.84 4.14 -16.69
N SER C 201 22.06 4.52 -17.02
CA SER C 201 23.16 3.57 -17.17
C SER C 201 23.52 2.85 -15.87
N VAL C 202 23.22 3.47 -14.73
CA VAL C 202 23.46 2.82 -13.44
C VAL C 202 22.18 2.50 -12.70
N GLY C 203 21.04 2.63 -13.39
CA GLY C 203 19.75 2.34 -12.79
C GLY C 203 19.31 3.30 -11.69
N ALA C 204 19.81 4.52 -11.74
CA ALA C 204 19.43 5.53 -10.75
C ALA C 204 18.26 6.37 -11.25
N TYR C 205 17.49 6.92 -10.30
CA TYR C 205 16.48 7.91 -10.65
C TYR C 205 17.16 9.23 -10.96
N LEU C 206 16.58 10.01 -11.86
CA LEU C 206 17.06 11.37 -12.06
C LEU C 206 16.05 12.38 -11.53
N MET C 207 16.49 13.20 -10.58
CA MET C 207 15.68 14.29 -10.07
C MET C 207 16.34 15.61 -10.42
N VAL C 208 15.62 16.48 -11.12
CA VAL C 208 16.14 17.79 -11.45
C VAL C 208 15.43 18.87 -10.65
N ASP C 209 16.21 19.66 -9.92
CA ASP C 209 15.69 20.79 -9.16
C ASP C 209 15.86 22.05 -9.99
N MET C 210 14.79 22.50 -10.64
CA MET C 210 14.84 23.61 -11.59
C MET C 210 14.35 24.93 -10.98
N ALA C 211 14.29 24.98 -9.65
CA ALA C 211 13.78 26.15 -8.92
C ALA C 211 14.21 27.49 -9.54
N HIS C 212 15.50 27.67 -9.75
CA HIS C 212 16.01 28.94 -10.27
C HIS C 212 15.62 29.21 -11.72
N TYR C 213 15.52 28.15 -12.52
CA TYR C 213 15.37 28.30 -13.97
C TYR C 213 13.94 28.12 -14.45
N ALA C 214 13.03 27.77 -13.54
CA ALA C 214 11.68 27.34 -13.89
C ALA C 214 10.93 28.33 -14.80
N GLY C 215 11.03 29.62 -14.50
CA GLY C 215 10.37 30.63 -15.29
C GLY C 215 10.96 30.74 -16.69
N LEU C 216 12.28 30.60 -16.79
CA LEU C 216 12.96 30.61 -18.07
C LEU C 216 12.56 29.39 -18.91
N ILE C 217 12.45 28.24 -18.25
CA ILE C 217 12.05 27.00 -18.90
C ILE C 217 10.62 27.08 -19.44
N ALA C 218 9.71 27.61 -18.63
CA ALA C 218 8.32 27.76 -19.04
C ALA C 218 8.20 28.64 -20.28
N ALA C 219 9.07 29.65 -20.38
CA ALA C 219 9.03 30.55 -21.52
C ALA C 219 9.87 30.04 -22.69
N GLY C 220 10.58 28.94 -22.48
CA GLY C 220 11.32 28.29 -23.55
C GLY C 220 12.70 28.87 -23.83
N VAL C 221 13.26 29.60 -22.87
CA VAL C 221 14.56 30.25 -23.08
C VAL C 221 15.65 29.57 -22.25
N TYR C 222 15.31 28.42 -21.69
CA TYR C 222 16.26 27.57 -20.98
C TYR C 222 15.77 26.13 -21.13
N PRO C 223 16.69 25.16 -21.26
CA PRO C 223 16.24 23.80 -21.60
C PRO C 223 15.36 23.15 -20.53
N ASN C 224 14.39 22.36 -21.01
CA ASN C 224 13.39 21.73 -20.17
C ASN C 224 13.85 20.34 -19.71
N PRO C 225 13.94 20.12 -18.39
CA PRO C 225 14.36 18.82 -17.86
C PRO C 225 13.25 17.77 -17.82
N VAL C 226 12.00 18.20 -17.99
CA VAL C 226 10.85 17.31 -17.82
C VAL C 226 10.84 16.07 -18.75
N PRO C 227 11.20 16.24 -20.04
CA PRO C 227 11.17 15.01 -20.85
C PRO C 227 12.26 14.00 -20.48
N HIS C 228 13.24 14.41 -19.67
CA HIS C 228 14.39 13.54 -19.39
C HIS C 228 14.43 13.01 -17.96
N ALA C 229 13.73 13.66 -17.05
CA ALA C 229 13.85 13.31 -15.63
C ALA C 229 12.66 12.51 -15.12
N ASP C 230 12.91 11.68 -14.12
CA ASP C 230 11.84 10.97 -13.41
C ASP C 230 11.04 11.95 -12.57
N PHE C 231 11.75 12.88 -11.93
CA PHE C 231 11.15 13.87 -11.05
C PHE C 231 11.75 15.24 -11.33
N VAL C 232 10.90 16.27 -11.34
CA VAL C 232 11.38 17.64 -11.45
C VAL C 232 10.74 18.48 -10.34
N THR C 233 11.58 19.04 -9.48
CA THR C 233 11.09 19.88 -8.39
C THR C 233 11.36 21.35 -8.69
N THR C 234 10.58 22.23 -8.07
CA THR C 234 10.77 23.66 -8.25
C THR C 234 10.11 24.45 -7.13
N THR C 235 10.61 25.67 -6.93
CA THR C 235 9.91 26.66 -6.13
C THR C 235 8.98 27.44 -7.05
N THR C 236 7.98 28.08 -6.49
CA THR C 236 7.08 28.88 -7.30
C THR C 236 7.40 30.38 -7.22
N HIS C 237 8.33 30.76 -6.33
CA HIS C 237 8.58 32.18 -6.07
C HIS C 237 9.81 32.81 -6.74
N LYS C 238 10.60 32.04 -7.48
CA LYS C 238 11.80 32.63 -8.09
C LYS C 238 11.49 33.19 -9.48
N SER C 239 12.10 32.62 -10.52
CA SER C 239 11.90 33.12 -11.88
C SER C 239 10.47 32.88 -12.35
N LEU C 240 9.79 31.95 -11.70
CA LEU C 240 8.40 31.65 -11.98
C LEU C 240 7.48 32.79 -11.50
N ARG C 241 8.01 33.63 -10.61
CA ARG C 241 7.35 34.88 -10.17
C ARG C 241 6.02 34.66 -9.46
N GLY C 242 5.88 33.53 -8.76
CA GLY C 242 4.65 33.23 -8.04
C GLY C 242 4.78 33.40 -6.54
N PRO C 243 3.86 32.78 -5.78
CA PRO C 243 3.92 32.82 -4.32
C PRO C 243 5.05 31.93 -3.81
N ARG C 244 5.33 32.00 -2.51
CA ARG C 244 6.36 31.16 -1.92
CA ARG C 244 6.35 31.15 -1.92
C ARG C 244 5.80 29.77 -1.64
N GLY C 245 6.44 28.75 -2.21
CA GLY C 245 6.00 27.38 -2.07
C GLY C 245 6.72 26.46 -3.05
N GLY C 246 6.33 25.19 -3.06
CA GLY C 246 6.96 24.21 -3.92
C GLY C 246 6.03 23.43 -4.83
N VAL C 247 6.63 22.72 -5.80
CA VAL C 247 5.91 21.86 -6.74
C VAL C 247 6.76 20.64 -7.08
N ILE C 248 6.14 19.48 -7.20
CA ILE C 248 6.81 18.30 -7.77
C ILE C 248 6.16 17.91 -9.10
N LEU C 249 6.99 17.78 -10.13
CA LEU C 249 6.56 17.20 -11.39
C LEU C 249 7.13 15.78 -11.51
N MET C 250 6.32 14.84 -11.97
CA MET C 250 6.79 13.47 -12.08
C MET C 250 6.14 12.71 -13.23
N LYS C 251 6.87 11.71 -13.74
CA LYS C 251 6.31 10.76 -14.69
C LYS C 251 5.12 10.04 -14.08
N ALA C 252 4.16 9.67 -14.92
CA ALA C 252 2.90 9.06 -14.48
C ALA C 252 3.09 7.83 -13.58
N GLU C 253 4.13 7.04 -13.86
CA GLU C 253 4.38 5.83 -13.09
C GLU C 253 4.76 6.11 -11.63
N TYR C 254 5.20 7.34 -11.35
CA TYR C 254 5.56 7.70 -9.99
C TYR C 254 4.51 8.58 -9.32
N GLU C 255 3.34 8.66 -9.93
CA GLU C 255 2.25 9.49 -9.42
C GLU C 255 1.83 9.07 -8.01
N LYS C 256 1.58 7.78 -7.80
CA LYS C 256 1.15 7.31 -6.47
C LYS C 256 2.20 7.46 -5.37
N PRO C 257 3.46 7.03 -5.61
CA PRO C 257 4.40 7.21 -4.49
C PRO C 257 4.64 8.68 -4.13
N ILE C 258 4.67 9.56 -5.12
CA ILE C 258 4.91 10.97 -4.87
C ILE C 258 3.77 11.60 -4.07
N ASN C 259 2.53 11.34 -4.49
CA ASN C 259 1.37 11.90 -3.79
C ASN C 259 1.25 11.36 -2.37
N SER C 260 1.56 10.07 -2.20
CA SER C 260 1.54 9.45 -0.88
C SER C 260 2.63 10.04 0.01
N ALA C 261 3.76 10.40 -0.59
CA ALA C 261 4.87 11.00 0.16
C ALA C 261 4.56 12.39 0.70
N ILE C 262 3.87 13.21 -0.09
CA ILE C 262 3.50 14.55 0.38
C ILE C 262 2.44 14.45 1.47
N PHE C 263 1.41 13.66 1.21
CA PHE C 263 0.42 13.35 2.23
C PHE C 263 -0.04 11.92 2.08
N PRO C 264 -0.02 11.14 3.17
CA PRO C 264 0.27 11.57 4.54
C PRO C 264 1.74 11.51 4.94
N GLY C 265 2.65 11.42 3.97
CA GLY C 265 4.06 11.20 4.27
C GLY C 265 4.78 12.29 5.06
N ILE C 266 4.80 13.52 4.54
CA ILE C 266 5.60 14.56 5.19
C ILE C 266 4.84 15.87 5.44
N GLN C 267 3.63 16.00 4.92
CA GLN C 267 2.82 17.18 5.18
C GLN C 267 1.43 16.78 5.66
N GLY C 268 0.67 17.76 6.13
CA GLY C 268 -0.72 17.55 6.51
C GLY C 268 -1.65 18.34 5.59
N GLY C 269 -2.43 19.24 6.17
CA GLY C 269 -3.31 20.07 5.38
C GLY C 269 -2.53 21.00 4.47
N PRO C 270 -2.84 20.98 3.17
CA PRO C 270 -2.18 21.90 2.24
C PRO C 270 -2.61 23.35 2.47
N LEU C 271 -1.77 24.28 2.05
CA LEU C 271 -2.08 25.70 2.14
C LEU C 271 -2.90 26.10 0.91
N MET C 272 -4.22 26.01 1.02
CA MET C 272 -5.06 26.15 -0.18
C MET C 272 -5.07 27.55 -0.74
N HIS C 273 -4.95 28.55 0.13
CA HIS C 273 -4.80 29.92 -0.30
C HIS C 273 -3.52 30.13 -1.12
N VAL C 274 -2.44 29.48 -0.71
CA VAL C 274 -1.18 29.59 -1.43
C VAL C 274 -1.26 28.83 -2.76
N ILE C 275 -1.97 27.71 -2.75
CA ILE C 275 -2.17 26.93 -3.97
C ILE C 275 -3.00 27.74 -4.97
N ALA C 276 -3.98 28.49 -4.47
CA ALA C 276 -4.74 29.41 -5.32
C ALA C 276 -3.81 30.43 -5.95
N ALA C 277 -2.88 30.94 -5.14
CA ALA C 277 -1.88 31.88 -5.62
C ALA C 277 -0.95 31.23 -6.65
N LYS C 278 -0.62 29.96 -6.42
CA LYS C 278 0.17 29.20 -7.40
C LYS C 278 -0.55 29.13 -8.74
N ALA C 279 -1.84 28.82 -8.68
CA ALA C 279 -2.67 28.73 -9.89
C ALA C 279 -2.68 30.05 -10.66
N VAL C 280 -2.81 31.16 -9.95
CA VAL C 280 -2.81 32.48 -10.59
C VAL C 280 -1.47 32.73 -11.26
N ALA C 281 -0.40 32.37 -10.57
CA ALA C 281 0.95 32.55 -11.09
C ALA C 281 1.19 31.70 -12.33
N PHE C 282 0.59 30.52 -12.37
CA PHE C 282 0.72 29.63 -13.52
C PHE C 282 -0.06 30.20 -14.72
N LYS C 283 -1.23 30.75 -14.45
CA LYS C 283 -2.01 31.42 -15.50
C LYS C 283 -1.22 32.58 -16.11
N GLU C 284 -0.59 33.39 -15.27
CA GLU C 284 0.25 34.49 -15.73
C GLU C 284 1.42 33.98 -16.56
N ALA C 285 2.01 32.87 -16.11
CA ALA C 285 3.18 32.28 -16.79
C ALA C 285 2.86 31.72 -18.16
N LEU C 286 1.59 31.40 -18.40
CA LEU C 286 1.17 30.85 -19.70
C LEU C 286 0.98 31.92 -20.78
N SER C 287 1.07 33.19 -20.41
CA SER C 287 0.78 34.28 -21.34
C SER C 287 1.99 34.61 -22.23
N PRO C 288 1.74 35.21 -23.41
CA PRO C 288 2.85 35.66 -24.24
C PRO C 288 3.69 36.73 -23.54
N GLU C 289 3.07 37.51 -22.66
CA GLU C 289 3.76 38.56 -21.92
C GLU C 289 4.86 37.98 -21.02
N PHE C 290 4.61 36.78 -20.52
CA PHE C 290 5.56 36.13 -19.62
C PHE C 290 6.79 35.66 -20.39
N LYS C 291 6.57 35.14 -21.59
CA LYS C 291 7.67 34.75 -22.47
C LYS C 291 8.54 35.95 -22.82
N GLU C 292 7.88 37.07 -23.13
CA GLU C 292 8.58 38.31 -23.43
C GLU C 292 9.39 38.78 -22.22
N TYR C 293 8.80 38.66 -21.04
CA TYR C 293 9.48 38.98 -19.79
C TYR C 293 10.79 38.18 -19.63
N GLN C 294 10.72 36.88 -19.85
CA GLN C 294 11.88 36.02 -19.63
C GLN C 294 12.96 36.25 -20.70
N GLN C 295 12.55 36.66 -21.89
CA GLN C 295 13.50 37.06 -22.91
C GLN C 295 14.29 38.29 -22.44
N LYS C 296 13.61 39.22 -21.78
CA LYS C 296 14.26 40.41 -21.24
C LYS C 296 15.16 40.06 -20.06
N VAL C 297 14.71 39.09 -19.26
CA VAL C 297 15.50 38.60 -18.14
C VAL C 297 16.85 38.08 -18.62
N VAL C 298 16.82 37.24 -19.64
CA VAL C 298 18.03 36.66 -20.22
C VAL C 298 18.91 37.76 -20.84
N GLU C 299 18.29 38.67 -21.57
CA GLU C 299 19.01 39.79 -22.18
C GLU C 299 19.69 40.67 -21.12
N ASN C 300 18.94 41.06 -20.09
CA ASN C 300 19.47 41.93 -19.04
C ASN C 300 20.62 41.29 -18.27
N ALA C 301 20.53 39.99 -18.05
CA ALA C 301 21.60 39.26 -17.39
C ALA C 301 22.88 39.27 -18.23
N ARG C 302 22.74 39.03 -19.54
CA ARG C 302 23.89 39.04 -20.42
CA ARG C 302 23.87 39.05 -20.45
C ARG C 302 24.54 40.42 -20.44
N VAL C 303 23.73 41.46 -20.53
CA VAL C 303 24.24 42.83 -20.57
C VAL C 303 24.95 43.19 -19.28
N LEU C 304 24.37 42.78 -18.16
CA LEU C 304 24.98 43.00 -16.85
C LEU C 304 26.35 42.32 -16.77
N ALA C 305 26.40 41.07 -17.20
CA ALA C 305 27.65 40.31 -17.22
C ALA C 305 28.70 40.97 -18.12
N GLU C 306 28.29 41.33 -19.34
CA GLU C 306 29.20 41.98 -20.29
C GLU C 306 29.75 43.30 -19.74
N THR C 307 28.90 44.05 -19.04
CA THR C 307 29.29 45.35 -18.51
C THR C 307 30.33 45.20 -17.41
N LEU C 308 30.14 44.21 -16.54
CA LEU C 308 31.07 43.96 -15.45
C LEU C 308 32.43 43.49 -15.96
N VAL C 309 32.42 42.68 -17.02
CA VAL C 309 33.65 42.22 -17.65
C VAL C 309 34.43 43.40 -18.23
N LYS C 310 33.72 44.32 -18.87
CA LYS C 310 34.31 45.54 -19.39
C LYS C 310 34.98 46.37 -18.28
N ARG C 311 34.42 46.29 -17.07
CA ARG C 311 34.98 47.03 -15.94
C ARG C 311 36.04 46.23 -15.20
N GLY C 312 36.45 45.10 -15.78
CA GLY C 312 37.58 44.35 -15.28
C GLY C 312 37.27 43.20 -14.33
N LEU C 313 35.98 42.90 -14.15
CA LEU C 313 35.59 41.76 -13.33
C LEU C 313 35.58 40.48 -14.17
N ARG C 314 35.42 39.35 -13.51
CA ARG C 314 35.38 38.07 -14.21
C ARG C 314 34.08 37.34 -13.87
N ILE C 315 33.50 36.69 -14.87
CA ILE C 315 32.30 35.90 -14.68
C ILE C 315 32.66 34.42 -14.65
N VAL C 316 32.25 33.74 -13.59
CA VAL C 316 32.45 32.31 -13.48
C VAL C 316 31.76 31.63 -14.67
N SER C 317 32.44 30.65 -15.26
CA SER C 317 32.04 29.96 -16.49
C SER C 317 32.26 30.82 -17.74
N GLY C 318 32.67 32.07 -17.56
CA GLY C 318 33.02 32.94 -18.66
C GLY C 318 31.86 33.63 -19.36
N ARG C 319 30.64 33.24 -18.99
CA ARG C 319 29.43 33.80 -19.60
C ARG C 319 28.21 33.35 -18.81
N THR C 320 27.07 33.98 -19.06
CA THR C 320 25.81 33.45 -18.58
C THR C 320 24.90 33.08 -19.75
N GLU C 321 24.11 32.03 -19.56
CA GLU C 321 23.11 31.62 -20.53
C GLU C 321 21.75 31.57 -19.84
N SER C 322 21.60 32.38 -18.80
CA SER C 322 20.42 32.34 -17.96
C SER C 322 20.12 33.67 -17.28
N HIS C 323 19.51 33.60 -16.11
CA HIS C 323 19.17 34.79 -15.33
C HIS C 323 20.26 35.20 -14.34
N VAL C 324 21.24 34.31 -14.15
CA VAL C 324 22.13 34.42 -13.01
C VAL C 324 23.61 34.45 -13.42
N MET C 325 24.43 35.05 -12.57
CA MET C 325 25.87 35.04 -12.77
C MET C 325 26.62 35.06 -11.44
N LEU C 326 27.79 34.43 -11.42
CA LEU C 326 28.68 34.48 -10.28
C LEU C 326 29.89 35.34 -10.64
N VAL C 327 30.07 36.43 -9.90
CA VAL C 327 31.13 37.38 -10.24
C VAL C 327 32.38 37.18 -9.38
N ASP C 328 33.52 36.97 -10.04
CA ASP C 328 34.80 36.80 -9.34
C ASP C 328 35.38 38.20 -9.07
N LEU C 329 35.56 38.52 -7.79
CA LEU C 329 35.89 39.88 -7.37
C LEU C 329 37.37 40.16 -7.13
N ARG C 330 38.23 39.15 -7.33
CA ARG C 330 39.62 39.24 -6.91
C ARG C 330 40.43 40.34 -7.60
N ALA C 331 40.06 40.70 -8.82
CA ALA C 331 40.79 41.71 -9.57
C ALA C 331 40.68 43.09 -8.93
N LYS C 332 39.61 43.30 -8.16
CA LYS C 332 39.41 44.58 -7.48
C LYS C 332 39.80 44.48 -6.00
N HIS C 333 40.39 43.35 -5.62
CA HIS C 333 40.88 43.11 -4.27
C HIS C 333 39.83 43.38 -3.20
N ILE C 334 38.65 42.78 -3.36
CA ILE C 334 37.57 42.94 -2.41
C ILE C 334 36.89 41.58 -2.19
N THR C 335 36.48 41.32 -0.96
CA THR C 335 35.82 40.06 -0.64
C THR C 335 34.33 40.14 -0.98
N GLY C 336 33.70 38.98 -1.09
CA GLY C 336 32.27 38.91 -1.31
C GLY C 336 31.52 39.59 -0.17
N LYS C 337 31.94 39.32 1.05
CA LYS C 337 31.34 39.91 2.24
C LYS C 337 31.42 41.43 2.22
N ALA C 338 32.59 41.96 1.90
CA ALA C 338 32.79 43.41 1.85
C ALA C 338 32.00 44.03 0.70
N ALA C 339 31.94 43.32 -0.42
CA ALA C 339 31.21 43.79 -1.60
C ALA C 339 29.72 43.90 -1.30
N GLU C 340 29.16 42.85 -0.70
CA GLU C 340 27.77 42.83 -0.32
C GLU C 340 27.42 44.04 0.57
N ALA C 341 28.28 44.29 1.55
CA ALA C 341 28.06 45.35 2.51
C ALA C 341 28.11 46.73 1.87
N ALA C 342 29.12 46.95 1.02
CA ALA C 342 29.29 48.23 0.35
C ALA C 342 28.17 48.52 -0.63
N LEU C 343 27.82 47.52 -1.44
CA LEU C 343 26.70 47.65 -2.38
C LEU C 343 25.39 47.89 -1.65
N GLY C 344 25.20 47.20 -0.52
CA GLY C 344 24.01 47.38 0.29
C GLY C 344 23.84 48.80 0.80
N ALA C 345 24.95 49.42 1.19
CA ALA C 345 24.95 50.81 1.62
C ALA C 345 24.59 51.74 0.47
N ALA C 346 24.93 51.34 -0.75
CA ALA C 346 24.59 52.09 -1.95
C ALA C 346 23.21 51.71 -2.49
N HIS C 347 22.48 50.94 -1.70
CA HIS C 347 21.10 50.53 -2.02
C HIS C 347 21.04 49.57 -3.20
N ILE C 348 22.08 48.75 -3.34
CA ILE C 348 22.08 47.66 -4.30
C ILE C 348 22.20 46.35 -3.54
N THR C 349 21.18 45.50 -3.65
CA THR C 349 21.12 44.28 -2.85
C THR C 349 21.63 43.07 -3.61
N VAL C 350 22.69 42.48 -3.10
CA VAL C 350 23.30 41.29 -3.67
C VAL C 350 23.60 40.33 -2.52
N ASN C 351 24.01 39.11 -2.84
CA ASN C 351 24.54 38.25 -1.77
C ASN C 351 25.88 37.65 -2.14
N LYS C 352 26.75 37.55 -1.14
CA LYS C 352 28.07 36.96 -1.29
C LYS C 352 27.94 35.50 -1.71
N ASN C 353 28.96 34.99 -2.38
CA ASN C 353 28.94 33.60 -2.84
C ASN C 353 30.34 33.12 -3.18
N ALA C 354 30.66 31.92 -2.71
CA ALA C 354 31.97 31.32 -2.99
C ALA C 354 32.12 31.03 -4.47
N ILE C 355 33.35 31.15 -4.97
CA ILE C 355 33.68 30.78 -6.33
C ILE C 355 34.43 29.45 -6.30
N PRO C 356 34.52 28.76 -7.44
CA PRO C 356 35.34 27.54 -7.45
C PRO C 356 36.78 27.81 -6.99
N ASN C 357 37.30 26.95 -6.12
CA ASN C 357 38.63 27.13 -5.53
C ASN C 357 38.80 28.49 -4.88
N ASP C 358 37.82 28.88 -4.06
CA ASP C 358 37.84 30.18 -3.39
C ASP C 358 38.91 30.19 -2.31
N PRO C 359 39.82 31.16 -2.38
CA PRO C 359 40.90 31.28 -1.40
C PRO C 359 40.43 31.76 -0.02
N GLU C 360 39.22 32.32 0.02
CA GLU C 360 38.68 32.88 1.26
C GLU C 360 37.85 31.86 2.04
N LYS C 361 37.68 32.13 3.33
CA LYS C 361 36.80 31.36 4.19
C LYS C 361 35.36 31.39 3.67
N PRO C 362 34.56 30.35 3.98
CA PRO C 362 33.19 30.24 3.46
C PRO C 362 32.28 31.42 3.84
N PHE C 363 32.53 32.05 4.99
CA PHE C 363 31.71 33.17 5.42
C PHE C 363 32.18 34.48 4.80
N VAL C 364 33.31 34.42 4.10
CA VAL C 364 33.90 35.61 3.49
C VAL C 364 33.71 35.63 1.97
N THR C 365 34.22 34.59 1.30
CA THR C 365 34.10 34.38 -0.15
C THR C 365 34.80 35.44 -0.99
N SER C 366 34.98 35.13 -2.27
CA SER C 366 35.63 36.04 -3.21
C SER C 366 34.66 36.47 -4.31
N GLY C 367 33.37 36.23 -4.10
CA GLY C 367 32.39 36.48 -5.14
C GLY C 367 31.04 37.00 -4.67
N ILE C 368 30.25 37.48 -5.63
CA ILE C 368 28.86 37.81 -5.39
C ILE C 368 28.00 37.19 -6.48
N ARG C 369 26.81 36.76 -6.11
CA ARG C 369 25.85 36.24 -7.08
C ARG C 369 24.90 37.36 -7.48
N LEU C 370 24.67 37.50 -8.79
CA LEU C 370 23.74 38.50 -9.29
C LEU C 370 22.68 37.85 -10.17
N GLY C 371 21.47 38.38 -10.11
CA GLY C 371 20.41 37.93 -10.99
C GLY C 371 19.54 39.05 -11.50
N SER C 372 18.97 38.85 -12.68
CA SER C 372 18.11 39.84 -13.32
C SER C 372 16.58 39.73 -13.16
N PRO C 373 16.02 38.62 -12.59
CA PRO C 373 14.56 38.54 -12.59
C PRO C 373 13.83 39.73 -11.96
N ALA C 374 14.25 40.18 -10.79
CA ALA C 374 13.55 41.25 -10.08
C ALA C 374 13.61 42.59 -10.82
N MET C 375 14.82 43.00 -11.20
CA MET C 375 15.00 44.30 -11.86
C MET C 375 14.31 44.34 -13.23
N THR C 376 14.26 43.19 -13.91
CA THR C 376 13.54 43.10 -15.17
C THR C 376 12.04 43.26 -14.94
N THR C 377 11.55 42.69 -13.83
CA THR C 377 10.13 42.76 -13.51
C THR C 377 9.66 44.20 -13.30
N ARG C 378 10.48 45.02 -12.65
CA ARG C 378 10.09 46.40 -12.40
C ARG C 378 10.36 47.30 -13.60
N GLY C 379 10.80 46.71 -14.70
CA GLY C 379 10.87 47.44 -15.96
C GLY C 379 12.23 47.77 -16.54
N PHE C 380 13.31 47.35 -15.88
CA PHE C 380 14.66 47.64 -16.38
C PHE C 380 14.88 47.01 -17.75
N GLY C 381 15.47 47.78 -18.66
CA GLY C 381 15.89 47.25 -19.94
C GLY C 381 17.40 47.21 -20.03
N PRO C 382 17.94 46.90 -21.23
CA PRO C 382 19.39 46.77 -21.44
C PRO C 382 20.20 48.00 -21.02
N ALA C 383 19.67 49.19 -21.27
CA ALA C 383 20.35 50.43 -20.89
C ALA C 383 20.50 50.52 -19.38
N GLU C 384 19.44 50.17 -18.66
CA GLU C 384 19.44 50.19 -17.20
C GLU C 384 20.35 49.10 -16.65
N ALA C 385 20.33 47.94 -17.28
CA ALA C 385 21.18 46.83 -16.86
C ALA C 385 22.65 47.20 -16.98
N GLU C 386 22.99 47.93 -18.03
CA GLU C 386 24.36 48.38 -18.26
C GLU C 386 24.77 49.43 -17.21
N GLN C 387 23.87 50.39 -16.99
CA GLN C 387 24.06 51.40 -15.95
C GLN C 387 24.29 50.76 -14.57
N VAL C 388 23.51 49.73 -14.26
CA VAL C 388 23.62 49.04 -12.99
C VAL C 388 24.97 48.35 -12.87
N GLY C 389 25.43 47.76 -13.96
CA GLY C 389 26.73 47.11 -13.99
C GLY C 389 27.84 48.09 -13.67
N ASN C 390 27.74 49.30 -14.22
CA ASN C 390 28.75 50.33 -14.00
C ASN C 390 28.70 50.88 -12.57
N LEU C 391 27.49 51.01 -12.03
CA LEU C 391 27.33 51.45 -10.65
C LEU C 391 27.94 50.45 -9.67
N ILE C 392 27.70 49.17 -9.91
CA ILE C 392 28.32 48.11 -9.12
C ILE C 392 29.85 48.26 -9.12
N ALA C 393 30.41 48.39 -10.31
CA ALA C 393 31.85 48.54 -10.48
C ALA C 393 32.39 49.79 -9.75
N ASP C 394 31.63 50.87 -9.81
CA ASP C 394 31.99 52.11 -9.10
C ASP C 394 32.17 51.85 -7.61
N VAL C 395 31.23 51.13 -7.02
CA VAL C 395 31.30 50.78 -5.61
C VAL C 395 32.48 49.84 -5.32
N LEU C 396 32.64 48.81 -6.14
CA LEU C 396 33.69 47.81 -5.91
C LEU C 396 35.09 48.40 -5.97
N GLU C 397 35.27 49.45 -6.76
CA GLU C 397 36.59 50.06 -6.94
C GLU C 397 36.91 51.04 -5.82
N ASN C 398 35.91 51.37 -5.01
CA ASN C 398 36.11 52.26 -3.86
C ASN C 398 35.03 52.05 -2.79
N PRO C 399 35.02 50.86 -2.16
CA PRO C 399 33.88 50.43 -1.35
C PRO C 399 33.68 51.19 -0.04
N GLU C 400 34.70 51.89 0.43
CA GLU C 400 34.57 52.65 1.68
C GLU C 400 34.60 54.16 1.50
N ASP C 401 34.62 54.63 0.26
CA ASP C 401 34.60 56.07 0.02
C ASP C 401 33.18 56.58 0.15
N ALA C 402 32.95 57.41 1.17
CA ALA C 402 31.63 57.95 1.47
C ALA C 402 31.01 58.68 0.28
N ALA C 403 31.83 59.47 -0.42
CA ALA C 403 31.36 60.25 -1.55
C ALA C 403 30.95 59.35 -2.73
N THR C 404 31.67 58.25 -2.90
CA THR C 404 31.35 57.29 -3.96
C THR C 404 30.02 56.57 -3.65
N ILE C 405 29.86 56.13 -2.42
CA ILE C 405 28.63 55.47 -1.99
C ILE C 405 27.45 56.40 -2.20
N GLU C 406 27.63 57.67 -1.85
CA GLU C 406 26.59 58.67 -1.98
C GLU C 406 26.18 58.95 -3.42
N ARG C 407 27.16 59.06 -4.32
CA ARG C 407 26.87 59.34 -5.72
C ARG C 407 26.09 58.20 -6.36
N VAL C 408 26.49 56.97 -6.06
CA VAL C 408 25.80 55.79 -6.56
C VAL C 408 24.38 55.71 -6.01
N ARG C 409 24.24 55.92 -4.70
CA ARG C 409 22.93 55.92 -4.05
C ARG C 409 21.97 56.92 -4.72
N ALA C 410 22.51 58.07 -5.10
CA ALA C 410 21.72 59.11 -5.75
C ALA C 410 21.24 58.64 -7.12
N GLN C 411 22.09 57.92 -7.84
CA GLN C 411 21.74 57.38 -9.14
C GLN C 411 20.76 56.22 -9.02
N VAL C 412 20.93 55.40 -7.99
CA VAL C 412 19.98 54.33 -7.70
C VAL C 412 18.59 54.91 -7.43
N ALA C 413 18.55 56.02 -6.68
CA ALA C 413 17.28 56.67 -6.35
C ALA C 413 16.57 57.17 -7.60
N GLU C 414 17.33 57.71 -8.55
CA GLU C 414 16.77 58.16 -9.82
C GLU C 414 16.14 56.99 -10.59
N LEU C 415 16.84 55.87 -10.62
CA LEU C 415 16.34 54.67 -11.29
C LEU C 415 15.09 54.11 -10.61
N THR C 416 15.12 54.03 -9.28
CA THR C 416 14.02 53.43 -8.54
C THR C 416 12.77 54.29 -8.61
N LYS C 417 12.97 55.61 -8.64
CA LYS C 417 11.86 56.54 -8.84
C LYS C 417 11.27 56.39 -10.24
N ARG C 418 12.15 56.21 -11.23
CA ARG C 418 11.72 56.06 -12.61
C ARG C 418 11.04 54.71 -12.86
N PHE C 419 11.47 53.70 -12.11
CA PHE C 419 10.91 52.36 -12.28
C PHE C 419 10.31 51.83 -10.98
N PRO C 420 9.13 52.35 -10.60
CA PRO C 420 8.51 51.87 -9.35
C PRO C 420 8.01 50.44 -9.49
N VAL C 421 8.03 49.69 -8.40
CA VAL C 421 7.60 48.30 -8.43
C VAL C 421 6.08 48.17 -8.35
N TYR C 422 5.52 48.65 -7.24
CA TYR C 422 4.08 48.62 -7.05
C TYR C 422 3.50 50.03 -7.07
N SER D 15 8.55 -28.74 18.11
CA SER D 15 7.79 -29.17 16.94
C SER D 15 8.58 -28.93 15.65
N THR D 16 9.67 -29.68 15.48
CA THR D 16 10.40 -29.69 14.23
C THR D 16 9.99 -30.95 13.49
N ILE D 17 10.22 -31.00 12.19
CA ILE D 17 9.84 -32.17 11.41
C ILE D 17 10.56 -33.41 11.95
N ALA D 18 11.84 -33.25 12.29
CA ALA D 18 12.65 -34.36 12.81
C ALA D 18 12.11 -34.92 14.13
N ASN D 19 11.65 -34.03 15.02
CA ASN D 19 11.11 -34.45 16.31
C ASN D 19 9.76 -35.12 16.20
N VAL D 20 8.91 -34.56 15.34
CA VAL D 20 7.54 -35.04 15.20
C VAL D 20 7.44 -36.23 14.25
N ASP D 21 8.23 -36.20 13.18
CA ASP D 21 8.05 -37.19 12.11
C ASP D 21 9.38 -37.50 11.43
N PRO D 22 10.20 -38.37 12.05
CA PRO D 22 11.52 -38.68 11.53
C PRO D 22 11.49 -39.20 10.11
N GLU D 23 10.47 -39.98 9.76
CA GLU D 23 10.34 -40.55 8.41
C GLU D 23 10.17 -39.48 7.33
N ILE D 24 9.31 -38.50 7.59
CA ILE D 24 9.09 -37.43 6.62
C ILE D 24 10.33 -36.55 6.56
N PHE D 25 10.94 -36.31 7.71
CA PHE D 25 12.21 -35.59 7.76
C PHE D 25 13.26 -36.20 6.84
N ALA D 26 13.41 -37.52 6.91
CA ALA D 26 14.42 -38.21 6.12
C ALA D 26 14.14 -38.09 4.63
N ALA D 27 12.87 -38.19 4.26
CA ALA D 27 12.48 -38.11 2.86
C ALA D 27 12.74 -36.72 2.30
N ILE D 28 12.42 -35.69 3.10
CA ILE D 28 12.67 -34.32 2.71
C ILE D 28 14.17 -34.08 2.56
N GLU D 29 14.96 -34.59 3.51
CA GLU D 29 16.42 -34.45 3.43
C GLU D 29 16.99 -35.08 2.18
N GLN D 30 16.49 -36.26 1.82
CA GLN D 30 16.96 -36.93 0.62
C GLN D 30 16.55 -36.16 -0.63
N GLU D 31 15.35 -35.58 -0.63
CA GLU D 31 14.91 -34.78 -1.76
C GLU D 31 15.76 -33.52 -1.91
N ASN D 32 16.12 -32.89 -0.78
CA ASN D 32 17.02 -31.74 -0.79
C ASN D 32 18.33 -32.09 -1.50
N ARG D 33 18.88 -33.25 -1.13
CA ARG D 33 20.13 -33.73 -1.71
C ARG D 33 19.97 -34.11 -3.18
N ARG D 34 18.83 -34.71 -3.51
CA ARG D 34 18.54 -35.08 -4.89
C ARG D 34 18.52 -33.85 -5.79
N GLN D 35 17.92 -32.77 -5.29
CA GLN D 35 17.87 -31.52 -6.03
C GLN D 35 19.26 -30.93 -6.28
N GLU D 36 20.16 -31.09 -5.30
CA GLU D 36 21.54 -30.65 -5.47
C GLU D 36 22.31 -31.51 -6.49
N ASP D 37 22.15 -32.83 -6.39
CA ASP D 37 23.03 -33.77 -7.07
C ASP D 37 22.66 -34.08 -8.50
N HIS D 38 21.53 -33.55 -8.96
CA HIS D 38 21.10 -33.81 -10.32
C HIS D 38 20.99 -32.52 -11.10
N ILE D 39 21.34 -32.59 -12.39
CA ILE D 39 21.10 -31.49 -13.29
C ILE D 39 19.67 -31.60 -13.82
N GLU D 40 18.86 -30.59 -13.50
CA GLU D 40 17.44 -30.62 -13.83
C GLU D 40 17.15 -29.89 -15.12
N LEU D 41 16.65 -30.62 -16.10
CA LEU D 41 16.34 -30.03 -17.40
C LEU D 41 14.85 -30.18 -17.76
N ILE D 42 14.03 -30.54 -16.78
CA ILE D 42 12.60 -30.59 -17.03
C ILE D 42 12.11 -29.15 -17.16
N ALA D 43 11.49 -28.86 -18.30
CA ALA D 43 11.24 -27.48 -18.71
C ALA D 43 10.24 -26.76 -17.82
N SER D 44 9.44 -27.54 -17.09
CA SER D 44 8.41 -26.97 -16.22
C SER D 44 8.87 -26.78 -14.78
N GLU D 45 10.12 -27.14 -14.48
CA GLU D 45 10.61 -27.07 -13.11
C GLU D 45 11.60 -25.93 -12.90
N ASN D 46 11.69 -25.48 -11.65
CA ASN D 46 12.62 -24.43 -11.27
C ASN D 46 13.02 -24.60 -9.81
N TYR D 47 13.85 -23.68 -9.32
CA TYR D 47 14.18 -23.64 -7.90
C TYR D 47 13.71 -22.30 -7.35
N THR D 48 12.70 -22.32 -6.48
CA THR D 48 12.18 -21.07 -5.93
C THR D 48 13.03 -20.63 -4.74
N SER D 49 12.95 -19.35 -4.40
CA SER D 49 13.80 -18.75 -3.38
C SER D 49 13.38 -19.15 -1.96
N PRO D 50 14.32 -19.06 -1.01
CA PRO D 50 14.00 -19.30 0.40
C PRO D 50 12.90 -18.37 0.92
N ALA D 51 12.86 -17.14 0.42
CA ALA D 51 11.83 -16.18 0.82
C ALA D 51 10.44 -16.65 0.41
N VAL D 52 10.34 -17.16 -0.82
CA VAL D 52 9.09 -17.72 -1.31
C VAL D 52 8.63 -18.92 -0.45
N MET D 53 9.57 -19.83 -0.16
CA MET D 53 9.26 -21.00 0.67
C MET D 53 8.88 -20.61 2.11
N ALA D 54 9.54 -19.59 2.64
CA ALA D 54 9.28 -19.13 4.00
C ALA D 54 7.86 -18.57 4.11
N ALA D 55 7.41 -17.89 3.06
CA ALA D 55 6.08 -17.31 3.05
C ALA D 55 4.99 -18.38 3.10
N GLN D 56 5.11 -19.43 2.30
CA GLN D 56 4.08 -20.47 2.33
C GLN D 56 4.29 -21.44 3.49
N GLY D 57 5.38 -21.26 4.25
CA GLY D 57 5.54 -21.95 5.51
C GLY D 57 5.10 -21.11 6.69
N SER D 58 4.31 -20.07 6.43
CA SER D 58 3.88 -19.13 7.47
C SER D 58 2.54 -19.51 8.11
N GLN D 59 2.15 -18.75 9.14
CA GLN D 59 0.90 -19.02 9.85
C GLN D 59 -0.36 -18.61 9.07
N LEU D 60 -0.19 -18.06 7.88
CA LEU D 60 -1.33 -17.67 7.04
C LEU D 60 -2.12 -18.88 6.55
N THR D 61 -1.53 -20.07 6.66
CA THR D 61 -2.26 -21.30 6.42
C THR D 61 -3.44 -21.46 7.39
N ASN D 62 -3.40 -20.75 8.52
CA ASN D 62 -4.46 -20.86 9.53
C ASN D 62 -5.73 -20.06 9.22
N LYS D 63 -5.67 -19.20 8.21
CA LYS D 63 -6.76 -18.25 7.98
C LYS D 63 -7.74 -18.66 6.89
N TYR D 64 -9.02 -18.71 7.24
CA TYR D 64 -10.08 -18.82 6.24
C TYR D 64 -10.44 -17.43 5.72
N ALA D 65 -10.28 -17.22 4.42
CA ALA D 65 -10.49 -15.91 3.83
C ALA D 65 -11.33 -15.98 2.57
N GLU D 66 -12.42 -16.73 2.63
CA GLU D 66 -13.37 -16.76 1.52
C GLU D 66 -13.80 -15.36 1.12
N GLY D 67 -13.88 -15.13 -0.18
CA GLY D 67 -14.21 -13.81 -0.70
C GLY D 67 -12.98 -13.17 -1.31
N TYR D 68 -12.97 -11.85 -1.33
CA TYR D 68 -11.89 -11.07 -1.93
C TYR D 68 -11.54 -9.91 -1.02
N PRO D 69 -10.38 -9.25 -1.23
CA PRO D 69 -9.96 -8.14 -0.36
C PRO D 69 -11.06 -7.10 -0.12
N GLY D 70 -11.35 -6.82 1.15
CA GLY D 70 -12.36 -5.84 1.51
C GLY D 70 -13.77 -6.37 1.36
N LYS D 71 -13.90 -7.60 0.88
CA LYS D 71 -15.20 -8.23 0.67
C LYS D 71 -15.15 -9.69 1.11
N ARG D 72 -14.78 -9.91 2.36
CA ARG D 72 -14.63 -11.26 2.89
C ARG D 72 -15.91 -11.64 3.62
N TYR D 73 -16.15 -12.93 3.79
CA TYR D 73 -17.31 -13.37 4.55
C TYR D 73 -17.00 -13.40 6.05
N TYR D 74 -15.73 -13.59 6.39
CA TYR D 74 -15.31 -13.65 7.79
C TYR D 74 -14.52 -12.40 8.19
N GLY D 75 -14.55 -12.07 9.48
CA GLY D 75 -13.76 -10.99 10.01
C GLY D 75 -12.31 -11.38 10.22
N GLY D 76 -11.49 -10.41 10.61
CA GLY D 76 -10.09 -10.65 10.89
C GLY D 76 -9.20 -10.85 9.67
N CYS D 77 -9.64 -10.34 8.52
CA CYS D 77 -8.88 -10.48 7.28
C CYS D 77 -8.06 -9.25 6.89
N GLU D 78 -7.84 -8.32 7.81
CA GLU D 78 -7.18 -7.06 7.46
C GLU D 78 -5.81 -7.26 6.81
N TYR D 79 -5.04 -8.20 7.35
CA TYR D 79 -3.67 -8.41 6.91
C TYR D 79 -3.55 -9.36 5.71
N VAL D 80 -4.42 -10.36 5.64
CA VAL D 80 -4.42 -11.22 4.46
C VAL D 80 -4.97 -10.45 3.24
N ASP D 81 -5.80 -9.44 3.50
CA ASP D 81 -6.27 -8.54 2.43
C ASP D 81 -5.10 -7.75 1.84
N VAL D 82 -4.20 -7.30 2.70
CA VAL D 82 -3.02 -6.56 2.27
C VAL D 82 -2.16 -7.46 1.38
N VAL D 83 -1.96 -8.69 1.84
CA VAL D 83 -1.19 -9.68 1.09
C VAL D 83 -1.78 -9.95 -0.29
N GLU D 84 -3.08 -10.25 -0.34
CA GLU D 84 -3.71 -10.59 -1.60
C GLU D 84 -3.72 -9.41 -2.58
N GLN D 85 -3.96 -8.20 -2.07
CA GLN D 85 -4.01 -7.02 -2.94
C GLN D 85 -2.63 -6.71 -3.52
N LEU D 86 -1.59 -6.93 -2.73
CA LEU D 86 -0.22 -6.79 -3.23
C LEU D 86 0.05 -7.79 -4.36
N ALA D 87 -0.41 -9.01 -4.19
CA ALA D 87 -0.22 -10.04 -5.22
C ALA D 87 -0.94 -9.63 -6.50
N ILE D 88 -2.19 -9.18 -6.34
CA ILE D 88 -2.99 -8.72 -7.48
C ILE D 88 -2.32 -7.54 -8.19
N ASP D 89 -1.94 -6.52 -7.43
CA ASP D 89 -1.35 -5.31 -8.01
C ASP D 89 -0.02 -5.61 -8.71
N ARG D 90 0.80 -6.47 -8.10
CA ARG D 90 2.10 -6.77 -8.66
C ARG D 90 2.01 -7.59 -9.94
N VAL D 91 1.11 -8.57 -9.97
CA VAL D 91 0.98 -9.39 -11.17
C VAL D 91 0.35 -8.58 -12.31
N LYS D 92 -0.56 -7.66 -11.98
CA LYS D 92 -1.11 -6.74 -12.96
C LYS D 92 -0.01 -5.86 -13.56
N GLN D 93 0.91 -5.42 -12.70
CA GLN D 93 2.02 -4.58 -13.13
C GLN D 93 3.00 -5.36 -14.02
N LEU D 94 3.26 -6.60 -13.64
CA LEU D 94 4.17 -7.47 -14.37
C LEU D 94 3.76 -7.67 -15.82
N PHE D 95 2.45 -7.85 -16.05
CA PHE D 95 1.96 -8.22 -17.37
C PHE D 95 1.08 -7.17 -18.04
N GLY D 96 0.86 -6.04 -17.36
CA GLY D 96 0.02 -4.99 -17.89
C GLY D 96 -1.43 -5.39 -17.99
N ALA D 97 -1.89 -6.19 -17.04
CA ALA D 97 -3.26 -6.72 -17.07
C ALA D 97 -4.27 -5.74 -16.47
N GLU D 98 -5.48 -5.75 -17.01
CA GLU D 98 -6.54 -4.89 -16.53
C GLU D 98 -7.09 -5.37 -15.18
N ALA D 99 -7.06 -6.68 -14.98
CA ALA D 99 -7.54 -7.28 -13.73
C ALA D 99 -6.87 -8.64 -13.51
N ALA D 100 -6.94 -9.13 -12.27
CA ALA D 100 -6.30 -10.39 -11.94
C ALA D 100 -6.98 -11.11 -10.79
N ASN D 101 -6.89 -12.44 -10.83
CA ASN D 101 -7.32 -13.28 -9.73
C ASN D 101 -6.16 -14.18 -9.32
N VAL D 102 -5.67 -14.02 -8.10
CA VAL D 102 -4.48 -14.74 -7.65
C VAL D 102 -4.79 -15.91 -6.72
N GLN D 103 -6.07 -16.25 -6.59
CA GLN D 103 -6.49 -17.39 -5.77
C GLN D 103 -6.44 -18.82 -6.38
N PRO D 104 -6.33 -18.99 -7.73
CA PRO D 104 -6.37 -20.38 -8.22
C PRO D 104 -5.33 -21.31 -7.58
N ASN D 105 -5.76 -22.49 -7.16
CA ASN D 105 -4.88 -23.41 -6.44
C ASN D 105 -3.80 -24.00 -7.33
N SER D 106 -3.99 -23.91 -8.63
CA SER D 106 -3.07 -24.52 -9.59
C SER D 106 -3.33 -23.95 -10.97
N GLY D 107 -2.49 -24.33 -11.92
CA GLY D 107 -2.71 -23.98 -13.31
C GLY D 107 -4.00 -24.59 -13.84
N SER D 108 -4.28 -25.83 -13.45
CA SER D 108 -5.51 -26.50 -13.84
C SER D 108 -6.74 -25.77 -13.34
N GLN D 109 -6.72 -25.32 -12.09
CA GLN D 109 -7.85 -24.59 -11.52
C GLN D 109 -8.01 -23.20 -12.13
N ALA D 110 -6.90 -22.57 -12.51
CA ALA D 110 -6.96 -21.30 -13.22
C ALA D 110 -7.72 -21.47 -14.53
N ASN D 111 -7.36 -22.52 -15.27
CA ASN D 111 -8.03 -22.82 -16.53
C ASN D 111 -9.49 -23.22 -16.34
N GLN D 112 -9.76 -24.00 -15.30
CA GLN D 112 -11.13 -24.41 -14.99
C GLN D 112 -12.00 -23.23 -14.59
N GLY D 113 -11.39 -22.25 -13.93
CA GLY D 113 -12.09 -21.05 -13.54
C GLY D 113 -12.63 -20.28 -14.73
N VAL D 114 -11.78 -20.13 -15.76
CA VAL D 114 -12.19 -19.48 -16.98
C VAL D 114 -13.34 -20.23 -17.65
N PHE D 115 -13.19 -21.56 -17.77
CA PHE D 115 -14.21 -22.40 -18.39
C PHE D 115 -15.53 -22.30 -17.64
N PHE D 116 -15.47 -22.34 -16.31
CA PHE D 116 -16.66 -22.26 -15.50
C PHE D 116 -17.33 -20.88 -15.63
N ALA D 117 -16.50 -19.85 -15.76
CA ALA D 117 -17.00 -18.49 -15.92
C ALA D 117 -17.71 -18.29 -17.25
N MET D 118 -17.12 -18.83 -18.31
CA MET D 118 -17.51 -18.44 -19.67
C MET D 118 -18.28 -19.51 -20.45
N LEU D 119 -18.23 -20.75 -19.99
CA LEU D 119 -18.78 -21.85 -20.77
C LEU D 119 -19.81 -22.69 -20.02
N LYS D 120 -20.56 -23.47 -20.79
CA LYS D 120 -21.46 -24.47 -20.23
C LYS D 120 -21.02 -25.82 -20.78
N PRO D 121 -21.22 -26.90 -19.98
CA PRO D 121 -20.89 -28.25 -20.46
C PRO D 121 -21.49 -28.54 -21.83
N GLY D 122 -20.69 -29.13 -22.72
CA GLY D 122 -21.14 -29.41 -24.08
C GLY D 122 -20.72 -28.38 -25.10
N ASP D 123 -20.31 -27.19 -24.64
CA ASP D 123 -19.84 -26.14 -25.54
C ASP D 123 -18.60 -26.59 -26.32
N THR D 124 -18.41 -25.99 -27.48
CA THR D 124 -17.26 -26.29 -28.33
C THR D 124 -16.09 -25.36 -28.01
N ILE D 125 -14.91 -25.95 -27.83
CA ILE D 125 -13.70 -25.17 -27.63
C ILE D 125 -12.62 -25.59 -28.60
N MET D 126 -11.66 -24.70 -28.83
CA MET D 126 -10.49 -25.01 -29.63
C MET D 126 -9.23 -24.89 -28.78
N GLY D 127 -8.33 -25.86 -28.93
CA GLY D 127 -7.06 -25.82 -28.25
C GLY D 127 -5.97 -26.46 -29.08
N MET D 128 -4.72 -26.23 -28.70
CA MET D 128 -3.60 -26.86 -29.38
C MET D 128 -3.57 -28.34 -29.02
N SER D 129 -3.34 -29.19 -30.02
CA SER D 129 -3.41 -30.63 -29.81
C SER D 129 -2.31 -31.10 -28.86
N LEU D 130 -2.65 -32.07 -28.02
CA LEU D 130 -1.68 -32.63 -27.07
C LEU D 130 -0.50 -33.27 -27.77
N ALA D 131 -0.78 -33.97 -28.87
CA ALA D 131 0.25 -34.63 -29.66
C ALA D 131 1.31 -33.66 -30.18
N HIS D 132 0.90 -32.40 -30.38
CA HIS D 132 1.81 -31.39 -30.94
C HIS D 132 2.23 -30.34 -29.92
N GLY D 133 2.05 -30.62 -28.64
CA GLY D 133 2.58 -29.76 -27.60
C GLY D 133 1.57 -29.01 -26.76
N GLY D 134 0.29 -29.23 -27.00
CA GLY D 134 -0.74 -28.63 -26.18
C GLY D 134 -0.81 -29.33 -24.83
N HIS D 135 -1.46 -28.68 -23.86
CA HIS D 135 -1.52 -29.25 -22.52
C HIS D 135 -2.79 -30.06 -22.29
N LEU D 136 -2.72 -30.95 -21.31
CA LEU D 136 -3.85 -31.74 -20.82
C LEU D 136 -5.14 -30.94 -20.69
N THR D 137 -5.04 -29.76 -20.08
CA THR D 137 -6.22 -28.94 -19.80
C THR D 137 -6.71 -28.16 -21.01
N HIS D 138 -6.13 -28.43 -22.18
CA HIS D 138 -6.53 -27.73 -23.40
C HIS D 138 -7.40 -28.61 -24.30
N GLY D 139 -8.01 -29.64 -23.71
CA GLY D 139 -9.00 -30.43 -24.42
C GLY D 139 -8.77 -31.94 -24.47
N SER D 140 -7.89 -32.45 -23.61
CA SER D 140 -7.70 -33.89 -23.51
C SER D 140 -8.99 -34.60 -23.08
N PRO D 141 -9.33 -35.71 -23.75
CA PRO D 141 -10.59 -36.41 -23.44
C PRO D 141 -10.60 -37.11 -22.07
N VAL D 142 -9.43 -37.26 -21.43
CA VAL D 142 -9.40 -37.81 -20.09
C VAL D 142 -9.32 -36.69 -19.05
N ASN D 143 -9.31 -35.45 -19.53
CA ASN D 143 -9.35 -34.28 -18.67
C ASN D 143 -10.75 -33.67 -18.71
N MET D 144 -11.10 -32.88 -17.70
CA MET D 144 -12.39 -32.21 -17.66
C MET D 144 -12.63 -31.38 -18.92
N SER D 145 -11.60 -30.67 -19.36
CA SER D 145 -11.68 -29.81 -20.54
C SER D 145 -12.16 -30.56 -21.79
N GLY D 146 -11.75 -31.82 -21.92
CA GLY D 146 -12.12 -32.60 -23.08
C GLY D 146 -13.26 -33.58 -22.86
N LYS D 147 -13.50 -33.96 -21.62
CA LYS D 147 -14.57 -34.91 -21.33
C LYS D 147 -15.94 -34.24 -21.28
N TRP D 148 -15.99 -33.02 -20.76
CA TRP D 148 -17.26 -32.31 -20.56
C TRP D 148 -17.53 -31.23 -21.60
N PHE D 149 -16.63 -31.11 -22.58
CA PHE D 149 -16.77 -30.12 -23.64
C PHE D 149 -16.45 -30.73 -25.00
N ASN D 150 -16.96 -30.12 -26.06
CA ASN D 150 -16.65 -30.57 -27.41
C ASN D 150 -15.35 -29.92 -27.89
N VAL D 151 -14.33 -30.72 -28.14
CA VAL D 151 -13.01 -30.19 -28.43
C VAL D 151 -12.59 -30.36 -29.88
N VAL D 152 -12.13 -29.26 -30.47
CA VAL D 152 -11.52 -29.26 -31.79
C VAL D 152 -10.08 -28.82 -31.63
N SER D 153 -9.14 -29.59 -32.15
CA SER D 153 -7.73 -29.31 -31.93
CA SER D 153 -7.72 -29.30 -31.93
C SER D 153 -7.01 -28.84 -33.20
N TYR D 154 -6.05 -27.95 -33.03
CA TYR D 154 -5.19 -27.50 -34.12
C TYR D 154 -3.74 -27.82 -33.77
N GLY D 155 -2.90 -27.97 -34.78
CA GLY D 155 -1.53 -28.39 -34.55
C GLY D 155 -0.48 -27.63 -35.36
N LEU D 156 0.61 -28.31 -35.66
CA LEU D 156 1.72 -27.71 -36.38
C LEU D 156 1.63 -27.96 -37.88
N ASN D 157 2.34 -27.15 -38.66
CA ASN D 157 2.44 -27.37 -40.10
C ASN D 157 3.68 -28.19 -40.44
N GLU D 158 4.01 -28.26 -41.73
CA GLU D 158 5.17 -29.02 -42.19
C GLU D 158 6.48 -28.46 -41.64
N ASN D 159 6.52 -27.16 -41.38
CA ASN D 159 7.72 -26.53 -40.83
C ASN D 159 7.78 -26.62 -39.32
N GLU D 160 6.81 -27.33 -38.74
CA GLU D 160 6.69 -27.51 -37.30
C GLU D 160 6.57 -26.18 -36.56
N ASP D 161 5.92 -25.23 -37.22
CA ASP D 161 5.46 -24.00 -36.58
C ASP D 161 3.95 -24.15 -36.47
N ILE D 162 3.29 -23.28 -35.71
CA ILE D 162 1.84 -23.37 -35.57
C ILE D 162 1.17 -23.11 -36.91
N ASP D 163 0.19 -23.95 -37.25
CA ASP D 163 -0.49 -23.84 -38.53
C ASP D 163 -1.69 -22.92 -38.39
N TYR D 164 -1.45 -21.62 -38.48
CA TYR D 164 -2.46 -20.61 -38.24
C TYR D 164 -3.57 -20.65 -39.27
N ASP D 165 -3.20 -20.93 -40.53
CA ASP D 165 -4.19 -21.07 -41.59
C ASP D 165 -5.17 -22.19 -41.30
N ALA D 166 -4.65 -23.35 -40.89
CA ALA D 166 -5.48 -24.49 -40.53
C ALA D 166 -6.37 -24.18 -39.33
N ALA D 167 -5.81 -23.48 -38.35
CA ALA D 167 -6.57 -23.07 -37.17
C ALA D 167 -7.75 -22.17 -37.56
N GLU D 168 -7.49 -21.25 -38.48
CA GLU D 168 -8.52 -20.33 -38.96
C GLU D 168 -9.67 -21.07 -39.65
N LYS D 169 -9.32 -22.04 -40.48
CA LYS D 169 -10.32 -22.87 -41.17
C LYS D 169 -11.16 -23.64 -40.16
N LEU D 170 -10.50 -24.23 -39.17
CA LEU D 170 -11.19 -24.99 -38.13
C LEU D 170 -12.14 -24.13 -37.31
N ALA D 171 -11.69 -22.93 -36.97
CA ALA D 171 -12.51 -21.99 -36.21
C ALA D 171 -13.80 -21.66 -36.96
N ASN D 172 -13.66 -21.34 -38.24
CA ASN D 172 -14.81 -21.03 -39.08
C ASN D 172 -15.74 -22.23 -39.25
N GLU D 173 -15.15 -23.41 -39.40
CA GLU D 173 -15.92 -24.64 -39.57
C GLU D 173 -16.71 -25.05 -38.32
N HIS D 174 -16.09 -24.94 -37.15
CA HIS D 174 -16.71 -25.47 -35.93
C HIS D 174 -17.29 -24.42 -34.99
N LYS D 175 -16.95 -23.15 -35.22
CA LYS D 175 -17.49 -22.04 -34.42
C LYS D 175 -17.31 -22.23 -32.91
N PRO D 176 -16.06 -22.34 -32.45
CA PRO D 176 -15.84 -22.54 -31.02
C PRO D 176 -16.29 -21.33 -30.19
N LYS D 177 -16.82 -21.58 -29.01
CA LYS D 177 -17.17 -20.50 -28.09
C LYS D 177 -15.91 -19.90 -27.52
N LEU D 178 -14.86 -20.70 -27.44
CA LEU D 178 -13.60 -20.25 -26.85
C LEU D 178 -12.42 -20.92 -27.53
N ILE D 179 -11.37 -20.16 -27.75
CA ILE D 179 -10.14 -20.68 -28.35
C ILE D 179 -9.01 -20.62 -27.32
N VAL D 180 -8.35 -21.77 -27.11
CA VAL D 180 -7.23 -21.83 -26.19
C VAL D 180 -5.92 -21.79 -26.99
N ALA D 181 -4.98 -20.98 -26.53
CA ALA D 181 -3.64 -20.97 -27.09
C ALA D 181 -2.61 -21.10 -25.96
N GLY D 182 -1.38 -21.46 -26.33
CA GLY D 182 -0.37 -21.78 -25.33
C GLY D 182 0.00 -23.24 -25.44
N ALA D 183 1.07 -23.64 -24.76
CA ALA D 183 1.62 -24.98 -24.95
C ALA D 183 2.52 -25.40 -23.80
N SER D 184 2.73 -26.71 -23.69
CA SER D 184 3.63 -27.25 -22.69
C SER D 184 4.97 -27.63 -23.32
N ALA D 185 4.95 -27.81 -24.64
CA ALA D 185 6.16 -28.20 -25.36
C ALA D 185 6.20 -27.56 -26.75
N PHE D 186 6.44 -26.26 -26.80
CA PHE D 186 6.59 -25.54 -28.06
C PHE D 186 7.64 -24.47 -27.91
N ALA D 187 8.65 -24.52 -28.78
CA ALA D 187 9.86 -23.72 -28.60
C ALA D 187 9.78 -22.31 -29.17
N LEU D 188 8.89 -22.09 -30.12
CA LEU D 188 8.87 -20.81 -30.86
C LEU D 188 7.95 -19.78 -30.24
N LYS D 189 8.11 -18.54 -30.70
CA LYS D 189 7.20 -17.47 -30.33
C LYS D 189 5.83 -17.73 -30.95
N ILE D 190 4.78 -17.60 -30.14
CA ILE D 190 3.42 -17.78 -30.62
C ILE D 190 2.86 -16.44 -31.05
N ASP D 191 2.16 -16.40 -32.18
CA ASP D 191 1.62 -15.15 -32.69
C ASP D 191 0.23 -14.92 -32.09
N PHE D 192 0.22 -14.34 -30.89
CA PHE D 192 -1.02 -14.10 -30.17
C PHE D 192 -1.96 -13.13 -30.88
N GLU D 193 -1.38 -12.14 -31.54
CA GLU D 193 -2.17 -11.16 -32.30
C GLU D 193 -2.96 -11.84 -33.42
N ARG D 194 -2.30 -12.74 -34.13
CA ARG D 194 -2.92 -13.49 -35.22
CA ARG D 194 -2.92 -13.49 -35.22
C ARG D 194 -4.06 -14.37 -34.69
N LEU D 195 -3.83 -14.99 -33.54
CA LEU D 195 -4.84 -15.84 -32.91
C LEU D 195 -6.01 -15.01 -32.41
N ALA D 196 -5.73 -13.79 -31.98
CA ALA D 196 -6.77 -12.87 -31.52
C ALA D 196 -7.71 -12.49 -32.65
N LYS D 197 -7.13 -12.24 -33.83
CA LYS D 197 -7.92 -11.92 -35.02
C LYS D 197 -8.82 -13.07 -35.42
N ILE D 198 -8.26 -14.28 -35.42
CA ILE D 198 -9.02 -15.50 -35.73
C ILE D 198 -10.20 -15.65 -34.76
N ALA D 199 -9.94 -15.45 -33.48
CA ALA D 199 -10.98 -15.55 -32.45
C ALA D 199 -12.08 -14.52 -32.66
N LYS D 200 -11.68 -13.26 -32.87
CA LYS D 200 -12.63 -12.17 -33.11
C LYS D 200 -13.51 -12.42 -34.32
N SER D 201 -12.92 -12.98 -35.38
CA SER D 201 -13.65 -13.19 -36.64
C SER D 201 -14.80 -14.18 -36.51
N VAL D 202 -14.74 -15.07 -35.53
CA VAL D 202 -15.84 -16.01 -35.30
C VAL D 202 -16.54 -15.74 -33.97
N GLY D 203 -16.24 -14.60 -33.35
CA GLY D 203 -16.85 -14.22 -32.09
C GLY D 203 -16.50 -15.09 -30.90
N ALA D 204 -15.32 -15.72 -30.94
CA ALA D 204 -14.88 -16.57 -29.83
C ALA D 204 -14.04 -15.78 -28.84
N TYR D 205 -14.02 -16.24 -27.59
CA TYR D 205 -13.09 -15.70 -26.60
C TYR D 205 -11.70 -16.22 -26.91
N LEU D 206 -10.67 -15.44 -26.61
CA LEU D 206 -9.32 -15.97 -26.66
C LEU D 206 -8.74 -16.10 -25.26
N MET D 207 -8.37 -17.33 -24.91
CA MET D 207 -7.68 -17.62 -23.67
C MET D 207 -6.27 -18.12 -23.99
N VAL D 208 -5.27 -17.43 -23.46
CA VAL D 208 -3.89 -17.87 -23.64
C VAL D 208 -3.33 -18.41 -22.34
N ASP D 209 -2.82 -19.64 -22.39
CA ASP D 209 -2.19 -20.26 -21.25
C ASP D 209 -0.67 -20.09 -21.37
N MET D 210 -0.12 -19.12 -20.64
CA MET D 210 1.29 -18.76 -20.76
C MET D 210 2.15 -19.35 -19.66
N ALA D 211 1.64 -20.36 -18.97
CA ALA D 211 2.32 -21.00 -17.83
C ALA D 211 3.83 -21.18 -18.03
N HIS D 212 4.22 -21.78 -19.16
CA HIS D 212 5.63 -22.06 -19.42
C HIS D 212 6.46 -20.80 -19.72
N TYR D 213 5.83 -19.81 -20.33
CA TYR D 213 6.55 -18.64 -20.85
C TYR D 213 6.44 -17.41 -19.96
N ALA D 214 5.64 -17.51 -18.90
CA ALA D 214 5.24 -16.35 -18.09
C ALA D 214 6.43 -15.54 -17.58
N GLY D 215 7.47 -16.21 -17.10
CA GLY D 215 8.65 -15.53 -16.61
C GLY D 215 9.41 -14.82 -17.71
N LEU D 216 9.46 -15.45 -18.88
CA LEU D 216 10.10 -14.84 -20.06
C LEU D 216 9.33 -13.61 -20.51
N ILE D 217 8.00 -13.71 -20.48
CA ILE D 217 7.14 -12.60 -20.87
C ILE D 217 7.30 -11.42 -19.92
N ALA D 218 7.33 -11.70 -18.62
CA ALA D 218 7.50 -10.68 -17.60
C ALA D 218 8.79 -9.89 -17.81
N ALA D 219 9.83 -10.58 -18.27
CA ALA D 219 11.12 -9.94 -18.50
C ALA D 219 11.22 -9.34 -19.90
N GLY D 220 10.21 -9.58 -20.72
CA GLY D 220 10.13 -8.97 -22.04
C GLY D 220 10.91 -9.68 -23.13
N VAL D 221 11.25 -10.96 -22.91
CA VAL D 221 12.05 -11.70 -23.87
C VAL D 221 11.22 -12.76 -24.59
N TYR D 222 9.91 -12.66 -24.43
CA TYR D 222 8.94 -13.48 -25.14
C TYR D 222 7.68 -12.63 -25.25
N PRO D 223 6.95 -12.71 -26.38
CA PRO D 223 5.84 -11.78 -26.57
C PRO D 223 4.70 -11.93 -25.56
N ASN D 224 4.08 -10.81 -25.22
CA ASN D 224 3.03 -10.76 -24.21
C ASN D 224 1.65 -10.94 -24.84
N PRO D 225 0.91 -11.97 -24.39
CA PRO D 225 -0.45 -12.23 -24.90
C PRO D 225 -1.52 -11.32 -24.28
N VAL D 226 -1.18 -10.63 -23.19
CA VAL D 226 -2.15 -9.84 -22.44
C VAL D 226 -2.85 -8.73 -23.27
N PRO D 227 -2.12 -8.01 -24.14
CA PRO D 227 -2.88 -7.02 -24.90
C PRO D 227 -3.84 -7.63 -25.93
N HIS D 228 -3.70 -8.92 -26.21
CA HIS D 228 -4.47 -9.53 -27.29
C HIS D 228 -5.56 -10.49 -26.82
N ALA D 229 -5.45 -10.99 -25.59
CA ALA D 229 -6.36 -12.04 -25.10
C ALA D 229 -7.41 -11.51 -24.14
N ASP D 230 -8.56 -12.18 -24.13
CA ASP D 230 -9.60 -11.93 -23.13
C ASP D 230 -9.15 -12.44 -21.77
N PHE D 231 -8.51 -13.60 -21.78
CA PHE D 231 -8.04 -14.24 -20.55
C PHE D 231 -6.62 -14.75 -20.74
N VAL D 232 -5.79 -14.56 -19.72
CA VAL D 232 -4.46 -15.14 -19.74
C VAL D 232 -4.25 -15.88 -18.42
N THR D 233 -4.06 -17.19 -18.52
CA THR D 233 -3.83 -18.00 -17.32
C THR D 233 -2.37 -18.38 -17.23
N THR D 234 -1.93 -18.70 -16.01
CA THR D 234 -0.55 -19.09 -15.80
C THR D 234 -0.38 -19.85 -14.50
N THR D 235 0.67 -20.65 -14.43
CA THR D 235 1.14 -21.18 -13.17
C THR D 235 2.14 -20.18 -12.61
N THR D 236 2.40 -20.23 -11.32
CA THR D 236 3.39 -19.34 -10.74
C THR D 236 4.72 -20.04 -10.52
N HIS D 237 4.76 -21.35 -10.73
CA HIS D 237 5.96 -22.12 -10.36
C HIS D 237 6.94 -22.50 -11.48
N LYS D 238 6.63 -22.16 -12.73
CA LYS D 238 7.56 -22.56 -13.80
C LYS D 238 8.62 -21.48 -14.04
N SER D 239 8.61 -20.87 -15.21
CA SER D 239 9.63 -19.86 -15.53
C SER D 239 9.45 -18.61 -14.65
N LEU D 240 8.26 -18.45 -14.08
CA LEU D 240 8.00 -17.36 -13.16
C LEU D 240 8.74 -17.56 -11.83
N ARG D 241 9.15 -18.81 -11.57
CA ARG D 241 10.01 -19.16 -10.44
C ARG D 241 9.38 -18.89 -9.07
N GLY D 242 8.05 -19.00 -9.00
CA GLY D 242 7.35 -18.76 -7.75
C GLY D 242 6.87 -20.05 -7.10
N PRO D 243 5.92 -19.94 -6.18
CA PRO D 243 5.33 -21.11 -5.53
C PRO D 243 4.41 -21.84 -6.48
N ARG D 244 3.95 -23.02 -6.08
CA ARG D 244 3.03 -23.81 -6.90
CA ARG D 244 3.03 -23.80 -6.90
C ARG D 244 1.61 -23.28 -6.77
N GLY D 245 1.02 -22.88 -7.88
CA GLY D 245 -0.33 -22.35 -7.86
C GLY D 245 -0.66 -21.72 -9.20
N GLY D 246 -1.84 -21.11 -9.29
CA GLY D 246 -2.27 -20.48 -10.53
C GLY D 246 -2.69 -19.03 -10.40
N VAL D 247 -2.85 -18.39 -11.56
CA VAL D 247 -3.32 -17.01 -11.65
C VAL D 247 -4.16 -16.88 -12.91
N ILE D 248 -5.23 -16.09 -12.84
CA ILE D 248 -5.96 -15.69 -14.04
C ILE D 248 -5.82 -14.19 -14.25
N LEU D 249 -5.41 -13.80 -15.46
CA LEU D 249 -5.45 -12.41 -15.87
C LEU D 249 -6.62 -12.23 -16.81
N MET D 250 -7.35 -11.12 -16.67
CA MET D 250 -8.50 -10.88 -17.52
C MET D 250 -8.76 -9.40 -17.78
N LYS D 251 -9.37 -9.12 -18.93
CA LYS D 251 -9.87 -7.77 -19.22
C LYS D 251 -10.91 -7.37 -18.19
N ALA D 252 -10.99 -6.08 -17.90
CA ALA D 252 -11.87 -5.54 -16.86
C ALA D 252 -13.33 -5.98 -17.00
N GLU D 253 -13.80 -6.11 -18.24
CA GLU D 253 -15.20 -6.49 -18.48
C GLU D 253 -15.52 -7.93 -18.02
N TYR D 254 -14.50 -8.75 -17.85
CA TYR D 254 -14.72 -10.13 -17.39
C TYR D 254 -14.32 -10.33 -15.93
N GLU D 255 -14.10 -9.24 -15.23
CA GLU D 255 -13.66 -9.28 -13.84
C GLU D 255 -14.65 -10.00 -12.93
N LYS D 256 -15.92 -9.61 -13.01
CA LYS D 256 -16.94 -10.21 -12.16
C LYS D 256 -17.20 -11.70 -12.43
N PRO D 257 -17.33 -12.10 -13.72
CA PRO D 257 -17.55 -13.54 -13.92
C PRO D 257 -16.35 -14.39 -13.48
N ILE D 258 -15.14 -13.88 -13.67
CA ILE D 258 -13.94 -14.63 -13.30
C ILE D 258 -13.84 -14.79 -11.78
N ASN D 259 -14.03 -13.70 -11.04
CA ASN D 259 -13.93 -13.75 -9.60
C ASN D 259 -15.00 -14.65 -9.00
N SER D 260 -16.21 -14.57 -9.55
CA SER D 260 -17.33 -15.41 -9.11
C SER D 260 -17.08 -16.88 -9.42
N ALA D 261 -16.42 -17.15 -10.55
CA ALA D 261 -16.11 -18.50 -10.96
C ALA D 261 -15.11 -19.18 -10.02
N ILE D 262 -14.11 -18.42 -9.57
CA ILE D 262 -13.14 -18.96 -8.62
C ILE D 262 -13.80 -19.17 -7.26
N PHE D 263 -14.54 -18.18 -6.80
CA PHE D 263 -15.33 -18.34 -5.58
C PHE D 263 -16.63 -17.56 -5.72
N PRO D 264 -17.77 -18.22 -5.45
CA PRO D 264 -17.92 -19.56 -4.89
C PRO D 264 -17.98 -20.68 -5.93
N GLY D 265 -17.55 -20.41 -7.16
CA GLY D 265 -17.73 -21.37 -8.24
C GLY D 265 -17.03 -22.71 -8.13
N ILE D 266 -15.71 -22.71 -8.01
CA ILE D 266 -14.95 -23.97 -8.03
C ILE D 266 -13.96 -24.12 -6.87
N GLN D 267 -13.76 -23.06 -6.11
CA GLN D 267 -12.88 -23.15 -4.94
C GLN D 267 -13.57 -22.62 -3.68
N GLY D 268 -12.96 -22.85 -2.54
CA GLY D 268 -13.45 -22.30 -1.28
C GLY D 268 -12.45 -21.31 -0.73
N GLY D 269 -11.94 -21.59 0.48
CA GLY D 269 -10.94 -20.75 1.10
C GLY D 269 -9.64 -20.75 0.32
N PRO D 270 -9.13 -19.55 -0.01
CA PRO D 270 -7.85 -19.46 -0.72
C PRO D 270 -6.69 -19.87 0.19
N LEU D 271 -5.58 -20.29 -0.41
CA LEU D 271 -4.37 -20.62 0.34
C LEU D 271 -3.58 -19.34 0.57
N MET D 272 -3.83 -18.66 1.69
CA MET D 272 -3.28 -17.33 1.88
C MET D 272 -1.76 -17.33 2.06
N HIS D 273 -1.23 -18.38 2.67
CA HIS D 273 0.22 -18.55 2.75
C HIS D 273 0.85 -18.68 1.37
N VAL D 274 0.20 -19.40 0.46
CA VAL D 274 0.71 -19.55 -0.90
C VAL D 274 0.56 -18.24 -1.67
N ILE D 275 -0.53 -17.52 -1.42
CA ILE D 275 -0.74 -16.22 -2.08
C ILE D 275 0.32 -15.21 -1.62
N ALA D 276 0.67 -15.26 -0.35
CA ALA D 276 1.78 -14.47 0.16
C ALA D 276 3.07 -14.83 -0.58
N ALA D 277 3.26 -16.11 -0.82
CA ALA D 277 4.42 -16.60 -1.55
C ALA D 277 4.40 -16.12 -3.00
N LYS D 278 3.21 -16.07 -3.60
CA LYS D 278 3.04 -15.52 -4.94
C LYS D 278 3.48 -14.06 -4.99
N ALA D 279 3.03 -13.28 -4.01
CA ALA D 279 3.36 -11.87 -3.92
C ALA D 279 4.87 -11.65 -3.88
N VAL D 280 5.56 -12.47 -3.09
CA VAL D 280 7.01 -12.37 -2.98
C VAL D 280 7.68 -12.67 -4.33
N ALA D 281 7.20 -13.72 -4.98
CA ALA D 281 7.73 -14.12 -6.28
C ALA D 281 7.49 -13.04 -7.34
N PHE D 282 6.36 -12.35 -7.23
CA PHE D 282 6.05 -11.26 -8.15
C PHE D 282 6.96 -10.07 -7.91
N LYS D 283 7.23 -9.79 -6.64
CA LYS D 283 8.19 -8.76 -6.26
C LYS D 283 9.56 -9.06 -6.85
N GLU D 284 9.99 -10.32 -6.75
CA GLU D 284 11.25 -10.75 -7.35
C GLU D 284 11.24 -10.58 -8.87
N ALA D 285 10.12 -10.91 -9.48
CA ALA D 285 9.98 -10.84 -10.93
C ALA D 285 10.02 -9.41 -11.48
N LEU D 286 9.72 -8.43 -10.63
CA LEU D 286 9.76 -7.03 -11.03
C LEU D 286 11.16 -6.43 -11.02
N SER D 287 12.13 -7.18 -10.52
CA SER D 287 13.49 -6.68 -10.35
C SER D 287 14.29 -6.74 -11.64
N PRO D 288 15.33 -5.89 -11.77
CA PRO D 288 16.23 -5.96 -12.93
C PRO D 288 16.99 -7.28 -12.98
N GLU D 289 17.24 -7.87 -11.82
CA GLU D 289 17.95 -9.14 -11.73
C GLU D 289 17.16 -10.27 -12.40
N PHE D 290 15.84 -10.18 -12.34
CA PHE D 290 14.98 -11.21 -12.92
C PHE D 290 14.99 -11.13 -14.45
N LYS D 291 15.01 -9.91 -14.97
CA LYS D 291 15.14 -9.70 -16.41
C LYS D 291 16.46 -10.28 -16.93
N GLU D 292 17.53 -10.03 -16.18
CA GLU D 292 18.84 -10.58 -16.52
C GLU D 292 18.81 -12.10 -16.48
N TYR D 293 18.14 -12.66 -15.48
CA TYR D 293 17.96 -14.10 -15.37
C TYR D 293 17.32 -14.70 -16.62
N GLN D 294 16.21 -14.10 -17.08
CA GLN D 294 15.48 -14.67 -18.21
C GLN D 294 16.24 -14.51 -19.52
N GLN D 295 17.06 -13.46 -19.62
CA GLN D 295 17.94 -13.32 -20.77
C GLN D 295 18.94 -14.48 -20.80
N LYS D 296 19.42 -14.89 -19.63
CA LYS D 296 20.34 -16.03 -19.54
C LYS D 296 19.62 -17.34 -19.85
N VAL D 297 18.37 -17.44 -19.43
CA VAL D 297 17.55 -18.61 -19.71
C VAL D 297 17.45 -18.85 -21.21
N VAL D 298 17.12 -17.79 -21.94
CA VAL D 298 16.99 -17.84 -23.38
C VAL D 298 18.33 -18.18 -24.04
N GLU D 299 19.39 -17.52 -23.59
CA GLU D 299 20.73 -17.77 -24.11
C GLU D 299 21.15 -19.22 -23.90
N ASN D 300 20.97 -19.73 -22.67
CA ASN D 300 21.37 -21.09 -22.36
C ASN D 300 20.59 -22.14 -23.15
N ALA D 301 19.32 -21.87 -23.39
CA ALA D 301 18.48 -22.77 -24.19
C ALA D 301 18.97 -22.83 -25.64
N ARG D 302 19.29 -21.67 -26.21
CA ARG D 302 19.80 -21.63 -27.57
CA ARG D 302 19.82 -21.60 -27.57
C ARG D 302 21.11 -22.38 -27.68
N VAL D 303 22.00 -22.15 -26.71
CA VAL D 303 23.30 -22.81 -26.70
C VAL D 303 23.15 -24.32 -26.56
N LEU D 304 22.23 -24.74 -25.69
CA LEU D 304 21.95 -26.16 -25.49
C LEU D 304 21.47 -26.80 -26.79
N ALA D 305 20.51 -26.14 -27.44
CA ALA D 305 19.98 -26.61 -28.72
C ALA D 305 21.06 -26.66 -29.81
N GLU D 306 21.84 -25.58 -29.94
CA GLU D 306 22.91 -25.53 -30.93
C GLU D 306 23.93 -26.66 -30.72
N THR D 307 24.23 -26.96 -29.46
CA THR D 307 25.20 -28.00 -29.14
C THR D 307 24.70 -29.38 -29.55
N LEU D 308 23.43 -29.64 -29.30
CA LEU D 308 22.83 -30.93 -29.65
C LEU D 308 22.76 -31.13 -31.16
N VAL D 309 22.48 -30.05 -31.89
CA VAL D 309 22.47 -30.10 -33.34
C VAL D 309 23.85 -30.43 -33.89
N LYS D 310 24.87 -29.78 -33.33
CA LYS D 310 26.26 -30.07 -33.68
C LYS D 310 26.63 -31.53 -33.42
N ARG D 311 26.01 -32.14 -32.42
CA ARG D 311 26.28 -33.55 -32.11
C ARG D 311 25.37 -34.49 -32.88
N GLY D 312 24.61 -33.94 -33.84
CA GLY D 312 23.85 -34.76 -34.76
C GLY D 312 22.39 -34.99 -34.42
N LEU D 313 21.90 -34.33 -33.37
CA LEU D 313 20.47 -34.41 -33.04
C LEU D 313 19.68 -33.38 -33.84
N ARG D 314 18.35 -33.49 -33.77
CA ARG D 314 17.49 -32.54 -34.45
C ARG D 314 16.53 -31.88 -33.47
N ILE D 315 16.30 -30.58 -33.66
CA ILE D 315 15.39 -29.83 -32.82
C ILE D 315 14.07 -29.62 -33.56
N VAL D 316 12.96 -30.01 -32.94
CA VAL D 316 11.64 -29.74 -33.51
C VAL D 316 11.48 -28.23 -33.69
N SER D 317 10.89 -27.85 -34.82
CA SER D 317 10.76 -26.46 -35.27
C SER D 317 12.09 -25.89 -35.78
N GLY D 318 13.17 -26.65 -35.65
CA GLY D 318 14.46 -26.26 -36.19
C GLY D 318 15.26 -25.29 -35.32
N ARG D 319 14.62 -24.75 -34.29
CA ARG D 319 15.25 -23.79 -33.40
C ARG D 319 14.37 -23.57 -32.18
N THR D 320 14.93 -22.92 -31.17
CA THR D 320 14.13 -22.43 -30.06
C THR D 320 14.19 -20.91 -29.95
N GLU D 321 13.09 -20.31 -29.53
CA GLU D 321 13.03 -18.87 -29.27
C GLU D 321 12.55 -18.64 -27.84
N SER D 322 12.82 -19.62 -26.99
CA SER D 322 12.31 -19.59 -25.62
C SER D 322 13.21 -20.35 -24.66
N HIS D 323 12.61 -20.91 -23.61
CA HIS D 323 13.30 -21.67 -22.59
C HIS D 323 13.38 -23.16 -22.91
N VAL D 324 12.59 -23.59 -23.90
CA VAL D 324 12.30 -25.00 -24.07
C VAL D 324 12.64 -25.52 -25.46
N MET D 325 12.90 -26.82 -25.57
CA MET D 325 13.12 -27.44 -26.87
C MET D 325 12.65 -28.90 -26.87
N LEU D 326 12.19 -29.36 -28.03
CA LEU D 326 11.84 -30.76 -28.21
C LEU D 326 12.89 -31.42 -29.12
N VAL D 327 13.57 -32.42 -28.58
CA VAL D 327 14.67 -33.05 -29.30
C VAL D 327 14.27 -34.34 -30.00
N ASP D 328 14.48 -34.40 -31.32
CA ASP D 328 14.17 -35.59 -32.10
C ASP D 328 15.37 -36.54 -32.02
N LEU D 329 15.15 -37.73 -31.47
CA LEU D 329 16.24 -38.63 -31.13
C LEU D 329 16.52 -39.72 -32.16
N ARG D 330 15.79 -39.73 -33.26
CA ARG D 330 15.82 -40.86 -34.19
C ARG D 330 17.18 -41.10 -34.84
N ALA D 331 17.99 -40.05 -34.98
CA ALA D 331 19.30 -40.18 -35.60
C ALA D 331 20.25 -41.02 -34.74
N LYS D 332 19.99 -41.09 -33.44
CA LYS D 332 20.81 -41.88 -32.54
C LYS D 332 20.17 -43.22 -32.20
N HIS D 333 19.09 -43.54 -32.89
CA HIS D 333 18.39 -44.82 -32.77
C HIS D 333 18.08 -45.17 -31.31
N ILE D 334 17.48 -44.22 -30.61
CA ILE D 334 17.10 -44.40 -29.22
C ILE D 334 15.73 -43.78 -28.99
N THR D 335 14.92 -44.42 -28.15
CA THR D 335 13.59 -43.91 -27.86
C THR D 335 13.65 -42.84 -26.77
N GLY D 336 12.60 -42.03 -26.66
CA GLY D 336 12.49 -41.06 -25.60
C GLY D 336 12.54 -41.73 -24.23
N LYS D 337 11.80 -42.82 -24.11
CA LYS D 337 11.75 -43.59 -22.86
C LYS D 337 13.13 -44.09 -22.44
N ALA D 338 13.86 -44.68 -23.39
CA ALA D 338 15.21 -45.18 -23.12
C ALA D 338 16.16 -44.04 -22.83
N ALA D 339 15.99 -42.93 -23.53
CA ALA D 339 16.84 -41.76 -23.33
C ALA D 339 16.66 -41.20 -21.94
N GLU D 340 15.40 -41.04 -21.51
CA GLU D 340 15.10 -40.57 -20.17
C GLU D 340 15.79 -41.41 -19.09
N ALA D 341 15.69 -42.72 -19.23
CA ALA D 341 16.24 -43.64 -18.22
C ALA D 341 17.77 -43.57 -18.16
N ALA D 342 18.42 -43.59 -19.32
CA ALA D 342 19.87 -43.56 -19.38
C ALA D 342 20.41 -42.24 -18.84
N LEU D 343 19.80 -41.13 -19.27
CA LEU D 343 20.20 -39.82 -18.76
C LEU D 343 19.96 -39.75 -17.26
N GLY D 344 18.86 -40.32 -16.81
CA GLY D 344 18.52 -40.36 -15.40
C GLY D 344 19.59 -41.10 -14.60
N ALA D 345 20.12 -42.17 -15.18
CA ALA D 345 21.20 -42.92 -14.56
C ALA D 345 22.48 -42.09 -14.50
N ALA D 346 22.64 -41.18 -15.46
CA ALA D 346 23.78 -40.28 -15.49
C ALA D 346 23.54 -39.00 -14.69
N HIS D 347 22.45 -38.97 -13.94
CA HIS D 347 22.09 -37.84 -13.06
C HIS D 347 21.72 -36.58 -13.86
N ILE D 348 21.12 -36.80 -15.03
CA ILE D 348 20.56 -35.73 -15.83
C ILE D 348 19.08 -35.99 -16.00
N THR D 349 18.25 -35.08 -15.48
CA THR D 349 16.81 -35.30 -15.46
C THR D 349 16.10 -34.61 -16.62
N VAL D 350 15.45 -35.43 -17.45
CA VAL D 350 14.69 -34.97 -18.60
C VAL D 350 13.39 -35.72 -18.61
N ASN D 351 12.45 -35.34 -19.47
CA ASN D 351 11.29 -36.21 -19.67
C ASN D 351 11.03 -36.51 -21.14
N LYS D 352 10.63 -37.75 -21.40
CA LYS D 352 10.30 -38.19 -22.75
C LYS D 352 9.14 -37.36 -23.27
N ASN D 353 9.05 -37.22 -24.58
CA ASN D 353 8.00 -36.42 -25.18
C ASN D 353 7.84 -36.79 -26.65
N ALA D 354 6.60 -37.00 -27.06
CA ALA D 354 6.32 -37.33 -28.45
C ALA D 354 6.69 -36.15 -29.36
N ILE D 355 7.13 -36.48 -30.56
CA ILE D 355 7.41 -35.47 -31.58
C ILE D 355 6.26 -35.51 -32.58
N PRO D 356 6.13 -34.47 -33.42
CA PRO D 356 5.11 -34.54 -34.47
C PRO D 356 5.28 -35.77 -35.36
N ASN D 357 4.18 -36.46 -35.64
CA ASN D 357 4.19 -37.70 -36.42
C ASN D 357 5.15 -38.72 -35.83
N ASP D 358 5.05 -38.94 -34.52
CA ASP D 358 5.94 -39.86 -33.82
C ASP D 358 5.61 -41.30 -34.19
N PRO D 359 6.60 -42.06 -34.66
CA PRO D 359 6.39 -43.46 -35.04
C PRO D 359 6.24 -44.39 -33.85
N GLU D 360 6.61 -43.90 -32.65
CA GLU D 360 6.56 -44.73 -31.46
C GLU D 360 5.24 -44.57 -30.70
N LYS D 361 4.93 -45.56 -29.88
CA LYS D 361 3.78 -45.49 -28.98
C LYS D 361 3.90 -44.29 -28.04
N PRO D 362 2.76 -43.75 -27.57
CA PRO D 362 2.77 -42.55 -26.72
C PRO D 362 3.59 -42.71 -25.44
N PHE D 363 3.68 -43.94 -24.92
CA PHE D 363 4.44 -44.19 -23.71
C PHE D 363 5.93 -44.40 -24.00
N VAL D 364 6.27 -44.47 -25.28
CA VAL D 364 7.65 -44.68 -25.71
C VAL D 364 8.28 -43.41 -26.27
N THR D 365 7.66 -42.86 -27.32
CA THR D 365 8.06 -41.59 -27.97
C THR D 365 9.42 -41.64 -28.65
N SER D 366 9.68 -40.63 -29.49
CA SER D 366 10.94 -40.52 -30.22
C SER D 366 11.72 -39.27 -29.80
N GLY D 367 11.31 -38.65 -28.70
CA GLY D 367 11.89 -37.40 -28.29
C GLY D 367 12.04 -37.17 -26.81
N ILE D 368 12.80 -36.14 -26.45
CA ILE D 368 12.85 -35.67 -25.07
C ILE D 368 12.68 -34.15 -25.04
N ARG D 369 12.00 -33.67 -24.00
CA ARG D 369 11.84 -32.24 -23.81
C ARG D 369 12.91 -31.73 -22.85
N LEU D 370 13.56 -30.63 -23.21
CA LEU D 370 14.58 -30.02 -22.37
C LEU D 370 14.27 -28.56 -22.13
N GLY D 371 14.59 -28.07 -20.94
CA GLY D 371 14.44 -26.65 -20.64
C GLY D 371 15.60 -26.14 -19.81
N SER D 372 15.88 -24.84 -19.94
CA SER D 372 16.97 -24.19 -19.22
C SER D 372 16.67 -23.42 -17.91
N PRO D 373 15.38 -23.19 -17.55
CA PRO D 373 15.18 -22.35 -16.35
C PRO D 373 15.89 -22.80 -15.08
N ALA D 374 15.80 -24.08 -14.73
CA ALA D 374 16.36 -24.57 -13.47
C ALA D 374 17.89 -24.47 -13.44
N MET D 375 18.54 -24.96 -14.49
CA MET D 375 20.01 -24.94 -14.54
C MET D 375 20.55 -23.50 -14.58
N THR D 376 19.81 -22.61 -15.23
CA THR D 376 20.18 -21.20 -15.24
C THR D 376 20.05 -20.59 -13.85
N THR D 377 19.02 -21.00 -13.12
CA THR D 377 18.79 -20.48 -11.78
C THR D 377 19.93 -20.84 -10.85
N ARG D 378 20.47 -22.05 -10.97
CA ARG D 378 21.56 -22.45 -10.09
C ARG D 378 22.90 -21.93 -10.60
N GLY D 379 22.88 -21.14 -11.67
CA GLY D 379 24.07 -20.42 -12.10
C GLY D 379 24.76 -20.80 -13.40
N PHE D 380 24.24 -21.79 -14.12
CA PHE D 380 24.87 -22.21 -15.38
C PHE D 380 24.90 -21.08 -16.40
N GLY D 381 26.04 -20.95 -17.09
CA GLY D 381 26.17 -20.01 -18.19
C GLY D 381 26.30 -20.77 -19.51
N PRO D 382 26.60 -20.04 -20.60
CA PRO D 382 26.71 -20.63 -21.95
C PRO D 382 27.70 -21.79 -22.01
N ALA D 383 28.83 -21.67 -21.31
CA ALA D 383 29.84 -22.72 -21.28
C ALA D 383 29.28 -24.00 -20.67
N GLU D 384 28.53 -23.85 -19.59
CA GLU D 384 27.94 -25.00 -18.91
C GLU D 384 26.83 -25.63 -19.74
N ALA D 385 26.02 -24.79 -20.38
CA ALA D 385 24.94 -25.29 -21.23
C ALA D 385 25.51 -26.11 -22.38
N GLU D 386 26.64 -25.67 -22.92
CA GLU D 386 27.30 -26.38 -24.01
C GLU D 386 27.87 -27.70 -23.52
N GLN D 387 28.52 -27.66 -22.35
CA GLN D 387 29.02 -28.88 -21.72
C GLN D 387 27.90 -29.89 -21.49
N VAL D 388 26.75 -29.40 -21.01
CA VAL D 388 25.61 -30.27 -20.73
C VAL D 388 25.07 -30.90 -22.01
N GLY D 389 25.02 -30.12 -23.09
CA GLY D 389 24.60 -30.63 -24.38
C GLY D 389 25.47 -31.79 -24.83
N ASN D 390 26.77 -31.64 -24.63
CA ASN D 390 27.73 -32.66 -25.05
C ASN D 390 27.63 -33.91 -24.17
N LEU D 391 27.39 -33.72 -22.89
CA LEU D 391 27.19 -34.83 -21.96
C LEU D 391 25.94 -35.64 -22.34
N ILE D 392 24.86 -34.93 -22.64
CA ILE D 392 23.64 -35.58 -23.12
C ILE D 392 23.91 -36.45 -24.35
N ALA D 393 24.56 -35.87 -25.35
CA ALA D 393 24.89 -36.59 -26.58
C ALA D 393 25.76 -37.81 -26.30
N ASP D 394 26.70 -37.68 -25.37
CA ASP D 394 27.56 -38.80 -24.97
C ASP D 394 26.74 -40.00 -24.51
N VAL D 395 25.76 -39.74 -23.64
CA VAL D 395 24.89 -40.79 -23.14
C VAL D 395 24.02 -41.38 -24.25
N LEU D 396 23.43 -40.53 -25.07
CA LEU D 396 22.52 -40.97 -26.12
C LEU D 396 23.20 -41.90 -27.13
N GLU D 397 24.49 -41.67 -27.35
CA GLU D 397 25.22 -42.45 -28.35
C GLU D 397 25.70 -43.78 -27.81
N ASN D 398 25.58 -43.97 -26.49
CA ASN D 398 25.95 -45.25 -25.85
C ASN D 398 25.22 -45.44 -24.51
N PRO D 399 23.88 -45.58 -24.57
CA PRO D 399 23.03 -45.46 -23.37
C PRO D 399 23.13 -46.61 -22.35
N GLU D 400 23.65 -47.76 -22.75
CA GLU D 400 23.78 -48.87 -21.81
C GLU D 400 25.23 -49.20 -21.44
N ASP D 401 26.17 -48.39 -21.91
CA ASP D 401 27.56 -48.61 -21.58
C ASP D 401 27.86 -48.04 -20.19
N ALA D 402 28.16 -48.94 -19.25
CA ALA D 402 28.40 -48.57 -17.86
C ALA D 402 29.50 -47.51 -17.71
N ALA D 403 30.58 -47.66 -18.46
CA ALA D 403 31.72 -46.75 -18.38
C ALA D 403 31.34 -45.35 -18.87
N THR D 404 30.48 -45.30 -19.88
CA THR D 404 30.01 -44.03 -20.42
C THR D 404 29.12 -43.30 -19.40
N ILE D 405 28.18 -44.03 -18.81
CA ILE D 405 27.30 -43.49 -17.78
C ILE D 405 28.14 -42.98 -16.61
N GLU D 406 29.15 -43.75 -16.25
CA GLU D 406 30.04 -43.40 -15.15
C GLU D 406 30.86 -42.13 -15.41
N ARG D 407 31.41 -42.00 -16.61
CA ARG D 407 32.20 -40.81 -16.94
C ARG D 407 31.35 -39.55 -16.93
N VAL D 408 30.15 -39.65 -17.50
CA VAL D 408 29.21 -38.52 -17.51
C VAL D 408 28.78 -38.16 -16.10
N ARG D 409 28.43 -39.17 -15.31
CA ARG D 409 28.05 -38.98 -13.91
C ARG D 409 29.13 -38.23 -13.12
N ALA D 410 30.39 -38.54 -13.39
CA ALA D 410 31.51 -37.88 -12.72
C ALA D 410 31.58 -36.40 -13.09
N GLN D 411 31.35 -36.09 -14.36
CA GLN D 411 31.38 -34.70 -14.84
C GLN D 411 30.17 -33.91 -14.34
N VAL D 412 29.01 -34.54 -14.29
CA VAL D 412 27.81 -33.92 -13.71
C VAL D 412 28.09 -33.52 -12.26
N ALA D 413 28.78 -34.41 -11.54
CA ALA D 413 29.13 -34.18 -10.15
C ALA D 413 30.01 -32.94 -9.98
N GLU D 414 30.96 -32.77 -10.90
CA GLU D 414 31.82 -31.59 -10.90
C GLU D 414 30.99 -30.32 -11.07
N LEU D 415 30.02 -30.36 -11.99
CA LEU D 415 29.14 -29.23 -12.23
C LEU D 415 28.22 -28.90 -11.05
N THR D 416 27.60 -29.91 -10.46
CA THR D 416 26.65 -29.68 -9.38
C THR D 416 27.36 -29.18 -8.13
N LYS D 417 28.58 -29.67 -7.92
CA LYS D 417 29.42 -29.17 -6.83
C LYS D 417 29.81 -27.71 -7.05
N ARG D 418 30.15 -27.34 -8.28
CA ARG D 418 30.55 -25.97 -8.55
C ARG D 418 29.35 -25.01 -8.46
N PHE D 419 28.17 -25.53 -8.79
CA PHE D 419 26.96 -24.71 -8.80
C PHE D 419 25.87 -25.24 -7.85
N PRO D 420 26.05 -25.04 -6.53
CA PRO D 420 25.02 -25.51 -5.60
C PRO D 420 23.74 -24.70 -5.72
N VAL D 421 22.60 -25.31 -5.42
CA VAL D 421 21.31 -24.63 -5.54
C VAL D 421 21.00 -23.75 -4.33
N TYR D 422 20.90 -24.38 -3.16
CA TYR D 422 20.60 -23.65 -1.92
C TYR D 422 21.79 -23.61 -0.96
N1 PLP E . -0.58 17.94 15.22
C2 PLP E . -1.91 17.78 15.54
C2A PLP E . -2.31 17.48 16.96
C3 PLP E . -2.88 17.92 14.56
O3 PLP E . -4.20 17.77 14.87
C4 PLP E . -2.50 18.21 13.25
C4A PLP E . -3.55 18.41 12.19
C5 PLP E . -1.16 18.37 12.93
C6 PLP E . -0.20 18.22 13.92
C5A PLP E . -0.77 18.66 11.49
O4P PLP E . -0.61 20.03 11.24
P PLP E . -0.55 20.52 9.71
O1P PLP E . -0.35 22.01 9.69
O2P PLP E . 0.59 19.84 9.00
O3P PLP E . -1.87 20.19 9.03
N SER F . -4.75 17.95 12.37
CA SER F . -5.90 17.73 11.50
C SER F . -7.18 17.61 12.30
O SER F . -7.14 17.40 13.52
CB SER F . -5.68 16.49 10.63
OG SER F . -5.30 15.38 11.43
OXT SER F . -8.30 17.72 11.77
N SER G . 17.32 28.95 -2.70
CA SER G . 18.08 29.99 -2.00
C SER G . 18.62 31.03 -2.98
O SER G . 18.62 32.23 -2.71
CB SER G . 19.24 29.36 -1.22
OG SER G . 18.76 28.37 -0.32
OXT SER G . 19.07 30.68 -4.08
N1 PLP H . -16.70 -29.18 2.80
C2 PLP H . -17.14 -28.75 4.03
C2A PLP H . -18.05 -29.60 4.87
C3 PLP H . -16.74 -27.51 4.52
O3 PLP H . -17.16 -27.07 5.74
C4 PLP H . -15.90 -26.70 3.76
C4A PLP H . -15.57 -25.30 4.19
C5 PLP H . -15.45 -27.15 2.53
C6 PLP H . -15.86 -28.39 2.04
C5A PLP H . -14.55 -26.25 1.71
O4P PLP H . -13.24 -26.74 1.57
P PLP H . -12.14 -25.71 1.02
O1P PLP H . -10.75 -26.21 1.39
O2P PLP H . -12.26 -25.60 -0.48
O3P PLP H . -12.38 -24.36 1.67
N SER I . -16.04 -24.59 5.17
CA SER I . -15.88 -23.23 5.67
C SER I . -16.59 -23.03 7.01
O SER I . -17.50 -23.78 7.37
CB SER I . -16.40 -22.22 4.66
OG SER I . -17.71 -22.56 4.22
OXT SER I . -16.26 -22.11 7.75
N SER J . 2.63 -28.79 -17.02
CA SER J . 3.37 -30.05 -17.06
C SER J . 4.76 -29.84 -17.64
O SER J . 4.96 -29.03 -18.53
CB SER J . 2.62 -31.09 -17.88
OG SER J . 1.35 -31.37 -17.32
OXT SER J . 5.72 -30.49 -17.22
N1 PLP K . 16.02 24.33 -4.64
C2 PLP K . 16.87 25.31 -5.13
C2A PLP K . 17.58 25.10 -6.44
C3 PLP K . 17.06 26.49 -4.42
O3 PLP K . 17.89 27.47 -4.88
C4 PLP K . 16.40 26.67 -3.21
C4A PLP K . 16.45 28.01 -2.55
C5 PLP K . 15.55 25.68 -2.72
C6 PLP K . 15.36 24.51 -3.44
C5A PLP K . 14.85 25.89 -1.38
O4P PLP K . 13.54 26.39 -1.55
P PLP K . 12.75 26.96 -0.26
O1P PLP K . 11.38 27.38 -0.70
O2P PLP K . 12.67 25.86 0.79
O3P PLP K . 13.50 28.16 0.30
N1 PLP L . -0.90 -25.16 -18.27
C2 PLP L . 0.26 -25.52 -18.92
C2A PLP L . 0.64 -24.84 -20.21
C3 PLP L . 1.10 -26.48 -18.37
O3 PLP L . 2.26 -26.84 -19.01
C4 PLP L . 0.75 -27.09 -17.17
C4A PLP L . 1.66 -28.11 -16.55
C5 PLP L . -0.42 -26.74 -16.52
C6 PLP L . -1.25 -25.78 -17.07
C5A PLP L . -0.77 -27.45 -15.23
O4P PLP L . -0.74 -26.63 -14.08
P PLP L . -0.78 -27.36 -12.64
O1P PLP L . -0.37 -26.38 -11.57
O2P PLP L . -2.16 -27.88 -12.42
O3P PLP L . 0.20 -28.52 -12.67
#